data_9OOM
#
_entry.id   9OOM
#
_cell.length_a   1.00
_cell.length_b   1.00
_cell.length_c   1.00
_cell.angle_alpha   90.00
_cell.angle_beta   90.00
_cell.angle_gamma   90.00
#
_symmetry.space_group_name_H-M   'P 1'
#
loop_
_entity.id
_entity.type
_entity.pdbx_description
1 polymer 'T6_P_H03 heavy chain'
2 polymer 'T6_P_H03 light chain'
3 polymer 'HIV Env gp120'
4 polymer 'HIV Env gp41 ectodomain'
5 branched 2-acetamido-2-deoxy-beta-D-glucopyranose-(1-4)-2-acetamido-2-deoxy-beta-D-glucopyranose
6 branched beta-D-mannopyranose-(1-4)-2-acetamido-2-deoxy-beta-D-glucopyranose-(1-4)-2-acetamido-2-deoxy-beta-D-glucopyranose
7 branched alpha-D-mannopyranose-(1-3)-[alpha-D-mannopyranose-(1-6)]beta-D-mannopyranose-(1-4)-2-acetamido-2-deoxy-beta-D-glucopyranose-(1-4)-2-acetamido-2-deoxy-beta-D-glucopyranose
8 branched alpha-D-mannopyranose-(1-3)-alpha-D-mannopyranose-(1-6)-beta-D-mannopyranose-(1-4)-2-acetamido-2-deoxy-beta-D-glucopyranose-(1-4)-2-acetamido-2-deoxy-beta-D-glucopyranose
9 branched alpha-D-mannopyranose-(1-2)-alpha-D-mannopyranose-(1-3)-[alpha-D-mannopyranose-(1-3)-[alpha-D-mannopyranose-(1-6)]alpha-D-mannopyranose-(1-6)]beta-D-mannopyranose-(1-4)-2-acetamido-2-deoxy-beta-D-glucopyranose-(1-4)-2-acetamido-2-deoxy-beta-D-glucopyranose
10 branched alpha-D-mannopyranose-(1-6)-alpha-D-mannopyranose-(1-6)-beta-D-mannopyranose-(1-4)-2-acetamido-2-deoxy-beta-D-glucopyranose-(1-4)-2-acetamido-2-deoxy-beta-D-glucopyranose
11 branched alpha-D-mannopyranose-(1-2)-alpha-D-mannopyranose-(1-3)-[alpha-D-mannopyranose-(1-6)]beta-D-mannopyranose-(1-4)-2-acetamido-2-deoxy-beta-D-glucopyranose-(1-4)-2-acetamido-2-deoxy-beta-D-glucopyranose
12 non-polymer 2-acetamido-2-deoxy-beta-D-glucopyranose
#
loop_
_entity_poly.entity_id
_entity_poly.type
_entity_poly.pdbx_seq_one_letter_code
_entity_poly.pdbx_strand_id
1 'polypeptide(L)'
;EVQLVESGGGLAKPGGSLRLSCAASGFTFSNYWMNWVRQTPGKGLEWISGINSGGGSRSYADSVMGRFIISRDNSKNTLS
LQMNSLRAEDTAVYYCAKVDDDDYGYFDTVPGDLKKYYLKYWGRGVLVTVSSASTTPPSVYPLAPGSAAQTNSMVTLGCL
VKGYFPEPVTVTWNSGSLSSGVHTFPAVLQSDLYTLSSSVTVPSSTWPSETVTCNVAHPASSTKVDKKIVPRDCG
;
H,I,J
2 'polypeptide(L)'
;DIQMTQSPSSLSASVGDKVTITCQASQSISSWLAWYQQKPGKAPKPLIYKASSLESGVPSRFSGSGSGTDFTLTISSLQP
EDFATYYCQQYNSAPFSFGQGTEVEIKRTDAAPTVSIFPPSSEQLTSGGASVVCFLNNFYPKDINVKWKIDGSERQNGVL
NSWTDQDSKDSTYSMSSTLTLTKDEYERHNSYTCEATHKTSTSPIVKSFNRNEC
;
L,M,N
3 'polypeptide(L)'
;MDAMKRGLCCVLLLCGAVFVSPSQEIHARFRRGARAENLWVTVYYGVPVWRDAETTLFCASDAKAYETEKHNVWATHACV
PTDPNPQEIHLDNVTEKFNMWKNNMVEQMHTDIISLWDQSLKPCVKLTPLCVTLHCTNVTSVNTTGDREELKNCSFNMTT
ELRDKRQKVYSLFYRLDIVPINENQGSEYRLINCNTSACTQACPKVSFEPIPIHYCAPAGFAILKCKDEGFNGTGLCKNV
STVQCTHGIKPVVSTQLLLNGSLAEKNITIRSENITNNAKIIIVQLVQPVTIKCIRPNNYTRKSIRIGPGQAFYAMGDII
GDIRQAHCNVSRSRWNKTLQEVAEKLRTYFGNKTIIFANSSGGDLEITTHSFNCGGEFFYCNTSGLFNSTWYVNSTWNDT
DSTQESNDTITLPCRIKQIINMWQRAGQCMYAPPIPGVIKCESNITGLLLTRDGGKDNNVNETFRPGGGDMRDNWRSELY
KYKVVEIEPLGVAPTRCKRRVVE
;
b,d,f
4 'polypeptide(L)'
;AVGIGAVRRGFLGAAGSTMGAASITLTVQARQLLSGIVQPQNNLLRAPEAQQHLLKLGVWGIKQLQARVLAVERYLRDQQ
LLGIWGCSGKLICCTNVPWNSSWSNKSLDEIWNNMTWLQWDKEIGNYTQLIYRLIEESQNQQEKNEKELLALD
;
c,e,g
#
# COMPACT_ATOMS: atom_id res chain seq x y z
N GLU A 1 26.43 42.94 -11.52
CA GLU A 1 25.18 43.31 -10.78
C GLU A 1 23.97 43.28 -11.71
N VAL A 2 22.77 43.40 -11.13
CA VAL A 2 21.55 43.38 -11.90
C VAL A 2 21.45 44.65 -12.74
N GLN A 3 21.04 44.50 -13.99
CA GLN A 3 20.88 45.60 -14.93
C GLN A 3 19.49 45.50 -15.54
N LEU A 4 18.69 46.56 -15.36
CA LEU A 4 17.34 46.62 -15.87
C LEU A 4 17.12 47.95 -16.57
N VAL A 5 16.57 47.91 -17.79
CA VAL A 5 16.31 49.09 -18.58
C VAL A 5 15.04 48.87 -19.40
N GLU A 6 14.33 49.98 -19.67
CA GLU A 6 13.10 49.96 -20.44
C GLU A 6 13.14 51.03 -21.51
N SER A 7 12.42 50.76 -22.60
CA SER A 7 12.34 51.68 -23.73
C SER A 7 10.97 51.51 -24.38
N GLY A 8 10.79 52.14 -25.53
CA GLY A 8 9.55 52.09 -26.28
C GLY A 8 8.59 53.23 -25.99
N GLY A 9 8.77 53.94 -24.88
CA GLY A 9 7.90 55.04 -24.56
C GLY A 9 8.18 56.26 -25.42
N GLY A 10 7.20 57.14 -25.50
CA GLY A 10 7.35 58.35 -26.30
C GLY A 10 6.02 59.05 -26.48
N LEU A 11 5.99 59.95 -27.46
CA LEU A 11 4.78 60.71 -27.75
C LEU A 11 3.75 59.84 -28.47
N ALA A 12 2.52 59.90 -27.98
CA ALA A 12 1.39 59.17 -28.53
C ALA A 12 0.20 60.11 -28.52
N LYS A 13 -0.92 59.65 -29.11
CA LYS A 13 -2.13 60.48 -29.17
C LYS A 13 -3.21 59.91 -28.28
N PRO A 14 -4.14 60.74 -27.78
CA PRO A 14 -5.21 60.20 -26.91
C PRO A 14 -6.08 59.20 -27.66
N GLY A 15 -6.52 58.17 -26.94
CA GLY A 15 -7.35 57.15 -27.52
C GLY A 15 -6.65 56.21 -28.47
N GLY A 16 -5.34 56.34 -28.65
CA GLY A 16 -4.59 55.48 -29.54
C GLY A 16 -4.05 54.24 -28.85
N SER A 17 -2.85 53.83 -29.25
CA SER A 17 -2.22 52.65 -28.65
C SER A 17 -0.71 52.86 -28.62
N LEU A 18 -0.06 52.13 -27.72
CA LEU A 18 1.38 52.19 -27.55
C LEU A 18 1.82 50.92 -26.85
N ARG A 19 3.12 50.62 -26.95
CA ARG A 19 3.69 49.42 -26.35
C ARG A 19 4.99 49.77 -25.66
N LEU A 20 5.13 49.33 -24.40
CA LEU A 20 6.32 49.54 -23.60
C LEU A 20 7.10 48.24 -23.52
N SER A 21 8.42 48.35 -23.36
CA SER A 21 9.29 47.19 -23.27
C SER A 21 10.30 47.39 -22.16
N CYS A 22 10.73 46.28 -21.55
CA CYS A 22 11.70 46.32 -20.46
C CYS A 22 12.56 45.07 -20.54
N ALA A 23 13.88 45.28 -20.70
CA ALA A 23 14.85 44.20 -20.80
C ALA A 23 15.54 44.00 -19.45
N ALA A 24 15.87 42.75 -19.16
CA ALA A 24 16.53 42.36 -17.92
C ALA A 24 17.79 41.55 -18.22
N SER A 25 18.75 41.64 -17.30
CA SER A 25 20.01 40.92 -17.43
C SER A 25 20.66 40.84 -16.06
N GLY A 26 21.61 39.90 -15.93
CA GLY A 26 22.33 39.72 -14.69
C GLY A 26 21.63 38.84 -13.67
N PHE A 27 20.45 38.30 -13.97
CA PHE A 27 19.73 37.46 -13.04
C PHE A 27 18.76 36.59 -13.82
N THR A 28 18.22 35.58 -13.15
CA THR A 28 17.26 34.66 -13.76
C THR A 28 15.93 35.36 -13.88
N PHE A 29 15.63 35.88 -15.07
CA PHE A 29 14.37 36.59 -15.30
C PHE A 29 13.17 35.69 -15.12
N SER A 30 13.32 34.38 -15.31
CA SER A 30 12.22 33.44 -15.17
C SER A 30 11.95 33.01 -13.74
N ASN A 31 12.48 33.73 -12.75
CA ASN A 31 12.26 33.39 -11.35
C ASN A 31 12.02 34.63 -10.49
N TYR A 32 11.47 35.69 -11.10
CA TYR A 32 11.20 36.93 -10.36
C TYR A 32 9.99 37.63 -10.96
N TRP A 33 9.10 38.08 -10.09
CA TRP A 33 7.92 38.80 -10.53
C TRP A 33 8.33 40.19 -11.03
N MET A 34 7.46 40.80 -11.84
CA MET A 34 7.72 42.12 -12.39
C MET A 34 6.46 42.97 -12.26
N ASN A 35 6.66 44.22 -11.82
CA ASN A 35 5.57 45.18 -11.62
C ASN A 35 5.90 46.47 -12.34
N TRP A 36 4.83 47.14 -12.79
CA TRP A 36 4.94 48.42 -13.49
C TRP A 36 4.33 49.50 -12.62
N VAL A 37 5.05 50.62 -12.47
CA VAL A 37 4.60 51.75 -11.67
C VAL A 37 4.85 53.03 -12.46
N ARG A 38 4.08 54.06 -12.13
CA ARG A 38 4.18 55.36 -12.79
C ARG A 38 4.50 56.46 -11.77
N GLN A 39 5.19 57.49 -12.25
CA GLN A 39 5.58 58.65 -11.44
C GLN A 39 5.08 59.88 -12.19
N THR A 40 3.86 60.31 -11.88
CA THR A 40 3.32 61.48 -12.56
C THR A 40 4.02 62.72 -12.00
N PRO A 41 4.04 63.82 -12.76
CA PRO A 41 4.72 65.02 -12.27
C PRO A 41 4.05 65.60 -11.03
N GLY A 42 4.87 65.93 -10.04
CA GLY A 42 4.40 66.52 -8.79
C GLY A 42 3.98 65.56 -7.69
N LYS A 43 2.83 64.92 -7.83
CA LYS A 43 2.34 64.01 -6.80
C LYS A 43 3.21 62.76 -6.72
N GLY A 44 2.92 61.93 -5.72
CA GLY A 44 3.65 60.71 -5.46
C GLY A 44 3.57 59.64 -6.53
N LEU A 45 4.15 58.48 -6.23
CA LEU A 45 4.16 57.35 -7.15
C LEU A 45 2.82 56.63 -7.13
N GLU A 46 2.72 55.56 -7.92
CA GLU A 46 1.49 54.79 -8.00
C GLU A 46 1.72 53.47 -8.74
N TRP A 47 1.22 52.37 -8.16
CA TRP A 47 1.33 51.05 -8.77
C TRP A 47 0.19 50.88 -9.76
N ILE A 48 0.50 50.31 -10.93
CA ILE A 48 -0.51 50.12 -11.97
C ILE A 48 -0.61 48.70 -12.50
N SER A 49 0.42 47.85 -12.41
CA SER A 49 0.28 46.51 -12.95
C SER A 49 1.32 45.58 -12.32
N GLY A 50 1.08 44.29 -12.51
CA GLY A 50 1.97 43.25 -11.99
C GLY A 50 1.73 41.95 -12.71
N ILE A 51 2.78 41.15 -12.82
CA ILE A 51 2.72 39.86 -13.48
C ILE A 51 3.60 38.88 -12.71
N ASN A 52 3.28 37.59 -12.79
CA ASN A 52 4.05 36.59 -12.09
C ASN A 52 5.23 36.12 -12.94
N SER A 53 6.03 35.21 -12.38
CA SER A 53 7.17 34.67 -13.10
C SER A 53 6.73 33.88 -14.33
N GLY A 54 5.62 33.15 -14.21
CA GLY A 54 5.11 32.35 -15.31
C GLY A 54 4.39 33.11 -16.40
N GLY A 55 4.13 34.40 -16.20
CA GLY A 55 3.45 35.20 -17.20
C GLY A 55 1.94 35.24 -17.10
N GLY A 56 1.35 34.62 -16.08
CA GLY A 56 -0.08 34.59 -15.90
C GLY A 56 -0.52 35.37 -14.67
N SER A 57 -1.81 35.27 -14.37
CA SER A 57 -2.41 35.94 -13.22
C SER A 57 -2.08 37.42 -13.21
N ARG A 58 -2.17 38.03 -14.39
CA ARG A 58 -1.86 39.45 -14.53
C ARG A 58 -2.81 40.29 -13.69
N SER A 59 -2.25 41.24 -12.94
CA SER A 59 -3.01 42.13 -12.08
C SER A 59 -2.83 43.57 -12.54
N TYR A 60 -3.89 44.36 -12.40
CA TYR A 60 -3.87 45.77 -12.79
C TYR A 60 -4.67 46.57 -11.77
N ALA A 61 -4.46 47.88 -11.80
CA ALA A 61 -5.16 48.79 -10.91
C ALA A 61 -6.49 49.19 -11.53
N ASP A 62 -7.41 49.64 -10.67
CA ASP A 62 -8.73 50.06 -11.15
C ASP A 62 -8.63 51.18 -12.17
N SER A 63 -7.59 52.02 -12.07
CA SER A 63 -7.41 53.13 -13.00
C SER A 63 -6.93 52.70 -14.38
N VAL A 64 -6.45 51.47 -14.52
CA VAL A 64 -5.95 50.97 -15.81
C VAL A 64 -6.51 49.59 -16.12
N MET A 65 -7.60 49.21 -15.44
CA MET A 65 -8.21 47.91 -15.67
C MET A 65 -8.95 47.92 -17.00
N GLY A 66 -8.50 47.11 -17.96
CA GLY A 66 -9.11 47.01 -19.26
C GLY A 66 -8.44 47.82 -20.35
N ARG A 67 -7.54 48.72 -20.00
CA ARG A 67 -6.84 49.56 -20.97
C ARG A 67 -5.39 49.11 -21.18
N PHE A 68 -4.68 48.80 -20.09
CA PHE A 68 -3.29 48.39 -20.15
C PHE A 68 -3.19 46.88 -19.98
N ILE A 69 -2.45 46.24 -20.87
CA ILE A 69 -2.23 44.79 -20.86
C ILE A 69 -0.74 44.56 -20.65
N ILE A 70 -0.40 43.75 -19.65
CA ILE A 70 0.98 43.43 -19.33
C ILE A 70 1.32 42.08 -19.94
N SER A 71 2.60 41.88 -20.25
CA SER A 71 3.06 40.63 -20.83
C SER A 71 4.57 40.55 -20.69
N ARG A 72 5.08 39.31 -20.68
CA ARG A 72 6.50 39.06 -20.54
C ARG A 72 6.90 37.86 -21.40
N ASP A 73 8.18 37.79 -21.72
CA ASP A 73 8.76 36.72 -22.53
C ASP A 73 9.99 36.20 -21.79
N ASN A 74 9.83 35.06 -21.11
CA ASN A 74 10.95 34.50 -20.36
C ASN A 74 12.09 34.07 -21.28
N SER A 75 11.77 33.63 -22.50
CA SER A 75 12.82 33.21 -23.42
C SER A 75 13.74 34.36 -23.78
N LYS A 76 13.18 35.54 -24.04
CA LYS A 76 13.96 36.72 -24.39
C LYS A 76 14.42 37.51 -23.18
N ASN A 77 13.96 37.17 -21.97
CA ASN A 77 14.33 37.89 -20.75
C ASN A 77 13.92 39.36 -20.85
N THR A 78 12.67 39.58 -21.25
CA THR A 78 12.12 40.92 -21.41
C THR A 78 10.70 40.96 -20.88
N LEU A 79 10.24 42.19 -20.64
CA LEU A 79 8.90 42.46 -20.15
C LEU A 79 8.29 43.53 -21.03
N SER A 80 6.96 43.50 -21.17
CA SER A 80 6.27 44.47 -22.00
C SER A 80 4.93 44.83 -21.37
N LEU A 81 4.39 45.96 -21.81
CA LEU A 81 3.10 46.45 -21.31
C LEU A 81 2.40 47.18 -22.46
N GLN A 82 1.37 46.55 -23.00
CA GLN A 82 0.61 47.14 -24.11
C GLN A 82 -0.33 48.21 -23.58
N MET A 83 -0.36 49.35 -24.26
CA MET A 83 -1.20 50.48 -23.92
C MET A 83 -2.28 50.64 -24.97
N ASN A 84 -3.54 50.71 -24.53
CA ASN A 84 -4.68 50.86 -25.42
C ASN A 84 -5.62 51.91 -24.86
N SER A 85 -6.06 52.83 -25.72
CA SER A 85 -6.97 53.90 -25.34
C SER A 85 -6.40 54.76 -24.22
N LEU A 86 -5.16 55.22 -24.40
CA LEU A 86 -4.53 56.06 -23.39
C LEU A 86 -5.10 57.47 -23.47
N ARG A 87 -5.10 58.15 -22.32
CA ARG A 87 -5.64 59.50 -22.17
C ARG A 87 -4.54 60.47 -21.74
N ALA A 88 -4.93 61.73 -21.57
CA ALA A 88 -3.99 62.77 -21.17
C ALA A 88 -3.55 62.61 -19.72
N GLU A 89 -4.45 62.14 -18.85
CA GLU A 89 -4.07 61.97 -17.44
C GLU A 89 -3.01 60.90 -17.24
N ASP A 90 -2.80 60.06 -18.25
CA ASP A 90 -1.84 58.93 -18.12
C ASP A 90 -0.44 59.39 -18.53
N THR A 91 -0.02 60.56 -18.06
CA THR A 91 1.36 61.01 -18.35
C THR A 91 2.22 60.72 -17.13
N ALA A 92 3.36 60.07 -17.33
CA ALA A 92 4.24 59.71 -16.19
C ALA A 92 5.53 59.06 -16.68
N VAL A 93 6.50 58.89 -15.77
CA VAL A 93 7.75 58.18 -16.14
C VAL A 93 7.55 56.71 -15.74
N TYR A 94 6.98 55.91 -16.63
CA TYR A 94 6.67 54.50 -16.26
C TYR A 94 7.98 53.78 -15.90
N TYR A 95 8.08 53.29 -14.66
CA TYR A 95 9.28 52.61 -14.18
C TYR A 95 9.10 51.11 -14.20
N CYS A 96 10.16 50.40 -14.58
CA CYS A 96 10.18 48.94 -14.62
C CYS A 96 10.90 48.48 -13.36
N ALA A 97 10.19 47.73 -12.52
CA ALA A 97 10.74 47.25 -11.26
C ALA A 97 10.67 45.74 -11.15
N LYS A 98 11.50 45.21 -10.25
CA LYS A 98 11.59 43.78 -9.98
C LYS A 98 11.45 43.57 -8.48
N VAL A 99 10.83 42.45 -8.12
CA VAL A 99 10.64 42.10 -6.71
C VAL A 99 11.96 41.70 -6.07
N ASP A 100 11.96 41.60 -4.75
CA ASP A 100 13.16 41.27 -4.00
C ASP A 100 13.45 39.76 -3.99
N ASP A 101 12.56 38.98 -3.40
CA ASP A 101 12.75 37.54 -3.29
C ASP A 101 12.18 36.79 -4.49
N ASP A 102 12.84 35.69 -4.84
CA ASP A 102 12.40 34.87 -5.96
C ASP A 102 11.10 34.15 -5.60
N ASP A 103 10.48 33.54 -6.62
CA ASP A 103 9.23 32.83 -6.43
C ASP A 103 9.37 31.47 -5.75
N TYR A 104 10.58 31.02 -5.46
CA TYR A 104 10.74 29.72 -4.81
C TYR A 104 10.14 29.73 -3.42
N GLY A 105 9.47 28.63 -3.08
CA GLY A 105 8.82 28.46 -1.79
C GLY A 105 7.39 28.00 -1.94
N TYR A 106 6.69 27.98 -0.80
CA TYR A 106 5.29 27.58 -0.77
C TYR A 106 4.43 28.56 -1.55
N PHE A 107 3.32 28.05 -2.09
CA PHE A 107 2.40 28.90 -2.84
C PHE A 107 1.04 28.23 -2.93
N ASP A 108 0.02 29.05 -3.18
CA ASP A 108 -1.35 28.53 -3.27
C ASP A 108 -1.66 28.01 -4.66
N THR A 109 -1.65 28.89 -5.67
CA THR A 109 -1.95 28.49 -7.05
C THR A 109 -0.89 29.02 -8.03
N VAL A 110 -0.43 30.25 -7.81
CA VAL A 110 0.58 30.87 -8.68
C VAL A 110 1.92 30.57 -8.01
N PRO A 111 2.99 30.24 -8.75
CA PRO A 111 4.27 29.92 -8.08
C PRO A 111 4.79 30.97 -7.11
N GLY A 112 4.64 32.26 -7.41
CA GLY A 112 5.12 33.31 -6.55
C GLY A 112 4.14 33.89 -5.55
N ASP A 113 2.89 33.44 -5.53
CA ASP A 113 1.93 33.98 -4.59
C ASP A 113 2.25 33.50 -3.16
N LEU A 114 1.48 34.03 -2.21
CA LEU A 114 1.59 33.73 -0.78
C LEU A 114 2.82 34.35 -0.12
N LYS A 115 3.69 34.98 -0.91
CA LYS A 115 4.90 35.62 -0.40
C LYS A 115 4.79 37.12 -0.64
N LYS A 116 5.26 37.91 0.33
CA LYS A 116 5.21 39.36 0.24
C LYS A 116 6.44 39.88 -0.48
N TYR A 117 6.25 40.91 -1.30
CA TYR A 117 7.31 41.51 -2.09
C TYR A 117 7.28 43.03 -1.98
N TYR A 118 8.36 43.63 -2.48
CA TYR A 118 8.53 45.07 -2.51
C TYR A 118 9.48 45.39 -3.66
N LEU A 119 9.27 46.54 -4.29
CA LEU A 119 10.10 46.95 -5.42
C LEU A 119 11.50 47.25 -4.92
N LYS A 120 12.43 46.32 -5.15
CA LYS A 120 13.82 46.47 -4.71
C LYS A 120 14.67 47.18 -5.77
N TYR A 121 14.75 46.60 -6.96
CA TYR A 121 15.53 47.16 -8.05
C TYR A 121 14.61 47.85 -9.03
N TRP A 122 14.97 49.07 -9.43
CA TRP A 122 14.18 49.90 -10.34
C TRP A 122 14.99 50.22 -11.59
N GLY A 123 14.31 50.18 -12.74
CA GLY A 123 14.95 50.50 -14.01
C GLY A 123 14.87 51.98 -14.30
N ARG A 124 15.52 52.38 -15.39
CA ARG A 124 15.53 53.78 -15.81
C ARG A 124 14.23 54.05 -16.54
N GLY A 125 13.24 54.56 -15.80
CA GLY A 125 11.92 54.86 -16.33
C GLY A 125 11.93 55.69 -17.61
N VAL A 126 10.88 55.51 -18.42
CA VAL A 126 10.71 56.22 -19.68
C VAL A 126 9.44 57.07 -19.59
N LEU A 127 9.53 58.30 -20.08
CA LEU A 127 8.38 59.21 -20.04
C LEU A 127 7.44 58.96 -21.20
N VAL A 128 6.14 59.07 -20.92
CA VAL A 128 5.08 58.89 -21.90
C VAL A 128 4.09 60.03 -21.72
N THR A 129 3.74 60.69 -22.82
CA THR A 129 2.80 61.81 -22.78
C THR A 129 1.99 61.84 -24.07
N VAL A 130 0.80 62.43 -23.99
CA VAL A 130 -0.11 62.55 -25.12
C VAL A 130 -0.78 63.91 -25.07
N SER A 131 -0.88 64.56 -26.23
CA SER A 131 -1.50 65.87 -26.33
C SER A 131 -1.91 66.09 -27.78
N SER A 132 -2.92 66.94 -27.97
CA SER A 132 -3.42 67.24 -29.31
C SER A 132 -2.32 67.84 -30.19
N ASP B 1 -10.12 51.80 -1.65
CA ASP B 1 -9.22 50.75 -1.11
C ASP B 1 -8.27 51.35 -0.07
N ILE B 2 -7.36 50.52 0.45
CA ILE B 2 -6.41 50.99 1.46
C ILE B 2 -5.52 52.08 0.88
N GLN B 3 -5.33 53.14 1.66
CA GLN B 3 -4.50 54.28 1.27
C GLN B 3 -3.68 54.71 2.48
N MET B 4 -2.47 55.19 2.21
CA MET B 4 -1.56 55.63 3.26
C MET B 4 -1.61 57.14 3.47
N THR B 5 -1.08 57.56 4.62
CA THR B 5 -1.01 58.95 5.03
C THR B 5 0.39 59.18 5.57
N GLN B 6 1.12 60.11 4.96
CA GLN B 6 2.49 60.43 5.34
C GLN B 6 2.59 61.87 5.83
N SER B 7 3.41 62.07 6.87
CA SER B 7 3.62 63.39 7.45
C SER B 7 4.99 63.42 8.10
N PRO B 8 5.63 64.60 8.21
CA PRO B 8 5.21 65.94 7.77
C PRO B 8 5.35 66.09 6.25
N SER B 9 4.55 66.95 5.62
CA SER B 9 4.64 67.11 4.17
C SER B 9 6.02 67.60 3.74
N SER B 10 6.56 68.59 4.46
CA SER B 10 7.88 69.12 4.15
C SER B 10 8.46 69.74 5.41
N LEU B 11 9.79 69.77 5.48
CA LEU B 11 10.47 70.32 6.63
C LEU B 11 11.91 70.66 6.26
N SER B 12 12.51 71.54 7.05
CA SER B 12 13.88 71.96 6.88
C SER B 12 14.77 71.18 7.84
N ALA B 13 16.05 71.11 7.53
CA ALA B 13 16.98 70.37 8.36
C ALA B 13 18.37 71.01 8.25
N SER B 14 19.36 70.27 8.73
CA SER B 14 20.76 70.75 8.64
C SER B 14 21.63 69.50 8.63
N VAL B 15 22.89 69.60 9.02
CA VAL B 15 23.71 68.35 9.14
C VAL B 15 23.74 68.00 10.63
N GLY B 16 23.38 66.77 10.98
CA GLY B 16 23.46 66.36 12.39
C GLY B 16 22.09 66.35 13.05
N ASP B 17 21.12 67.04 12.45
CA ASP B 17 19.78 67.13 13.10
C ASP B 17 18.99 65.84 12.83
N LYS B 18 18.29 65.33 13.84
CA LYS B 18 17.51 64.07 13.67
C LYS B 18 16.09 64.39 13.19
N VAL B 19 15.76 64.00 11.96
CA VAL B 19 14.36 64.18 11.47
C VAL B 19 13.71 62.79 11.43
N THR B 20 12.40 62.71 11.67
CA THR B 20 11.72 61.40 11.67
C THR B 20 10.48 61.51 10.83
N ILE B 21 10.45 60.80 9.70
CA ILE B 21 9.21 60.79 8.88
C ILE B 21 8.33 59.64 9.37
N THR B 22 7.05 59.90 9.54
CA THR B 22 6.11 58.87 9.99
C THR B 22 4.87 58.87 9.10
N CYS B 23 4.34 57.67 8.84
CA CYS B 23 3.15 57.51 8.01
C CYS B 23 2.17 56.56 8.68
N GLN B 24 0.89 56.89 8.54
CA GLN B 24 -0.24 56.16 9.09
C GLN B 24 -0.92 55.35 8.00
N ALA B 25 -1.66 54.31 8.42
CA ALA B 25 -2.39 53.43 7.53
C ALA B 25 -3.83 53.30 8.00
N SER B 26 -4.76 53.35 7.05
CA SER B 26 -6.17 53.24 7.39
C SER B 26 -6.51 51.85 7.93
N GLN B 27 -5.95 50.80 7.33
CA GLN B 27 -6.19 49.43 7.73
C GLN B 27 -4.91 48.85 8.34
N SER B 28 -5.08 47.85 9.20
CA SER B 28 -3.96 47.21 9.85
C SER B 28 -3.15 46.42 8.82
N ILE B 29 -1.84 46.60 8.82
CA ILE B 29 -0.94 45.93 7.89
C ILE B 29 0.19 45.23 8.64
N SER B 30 0.04 45.07 9.96
CA SER B 30 1.04 44.42 10.79
C SER B 30 2.40 45.13 10.67
N SER B 31 3.28 44.63 9.80
CA SER B 31 4.60 45.23 9.62
C SER B 31 5.07 45.24 8.18
N TRP B 32 4.19 44.94 7.21
CA TRP B 32 4.55 44.92 5.80
C TRP B 32 4.52 46.35 5.26
N LEU B 33 5.67 47.02 5.42
CA LEU B 33 5.82 48.42 4.93
C LEU B 33 7.30 48.70 4.67
N ALA B 34 7.64 49.19 3.48
CA ALA B 34 9.00 49.56 3.15
C ALA B 34 9.09 51.05 2.87
N TRP B 35 10.28 51.61 3.13
CA TRP B 35 10.57 53.02 2.93
C TRP B 35 11.49 53.19 1.73
N TYR B 36 11.36 54.33 1.04
CA TYR B 36 12.17 54.63 -0.12
C TYR B 36 12.49 56.11 -0.18
N GLN B 37 13.53 56.43 -0.96
CA GLN B 37 13.98 57.80 -1.18
C GLN B 37 14.29 57.91 -2.67
N GLN B 38 14.18 59.13 -3.19
CA GLN B 38 14.43 59.35 -4.61
C GLN B 38 15.06 60.72 -4.83
N LYS B 39 16.26 60.73 -5.40
CA LYS B 39 16.96 61.97 -5.70
C LYS B 39 16.37 62.57 -6.98
N PRO B 40 16.54 63.87 -7.20
CA PRO B 40 15.98 64.48 -8.43
C PRO B 40 16.62 63.88 -9.67
N GLY B 41 15.80 63.28 -10.53
CA GLY B 41 16.27 62.67 -11.74
C GLY B 41 16.77 61.25 -11.61
N LYS B 42 16.73 60.67 -10.41
CA LYS B 42 17.18 59.31 -10.15
C LYS B 42 15.97 58.44 -9.81
N ALA B 43 16.11 57.14 -10.09
CA ALA B 43 15.02 56.23 -9.80
C ALA B 43 14.95 55.95 -8.30
N PRO B 44 13.76 55.62 -7.76
CA PRO B 44 13.67 55.34 -6.33
C PRO B 44 14.51 54.13 -5.94
N LYS B 45 14.99 54.14 -4.69
CA LYS B 45 15.81 53.08 -4.15
C LYS B 45 15.27 52.60 -2.81
N PRO B 46 15.52 51.36 -2.42
CA PRO B 46 15.03 50.86 -1.13
C PRO B 46 16.03 51.09 -0.01
N LEU B 47 15.48 51.35 1.17
CA LEU B 47 16.27 51.60 2.37
C LEU B 47 15.85 50.73 3.54
N ILE B 48 14.55 50.46 3.68
CA ILE B 48 13.98 49.67 4.76
C ILE B 48 12.93 48.78 4.12
N TYR B 49 13.10 47.45 4.21
CA TYR B 49 12.13 46.55 3.58
C TYR B 49 10.98 46.18 4.53
N LYS B 50 11.29 45.87 5.78
CA LYS B 50 10.28 45.53 6.79
C LYS B 50 10.07 46.75 7.68
N ALA B 51 9.04 46.70 8.51
CA ALA B 51 8.76 47.83 9.40
C ALA B 51 9.95 48.19 10.29
N SER B 52 10.82 47.22 10.61
CA SER B 52 11.98 47.48 11.47
C SER B 52 13.23 46.72 11.03
N SER B 53 13.44 46.51 9.73
CA SER B 53 14.61 45.81 9.22
C SER B 53 15.36 46.70 8.25
N LEU B 54 16.70 46.68 8.32
CA LEU B 54 17.52 47.51 7.46
C LEU B 54 17.81 46.81 6.13
N GLU B 55 18.01 47.60 5.10
CA GLU B 55 18.31 47.11 3.76
C GLU B 55 19.81 46.98 3.57
N SER B 56 20.23 45.91 2.90
CA SER B 56 21.65 45.69 2.66
C SER B 56 22.25 46.81 1.83
N GLY B 57 23.47 47.20 2.16
CA GLY B 57 24.19 48.25 1.47
C GLY B 57 24.00 49.64 2.04
N VAL B 58 22.81 49.94 2.56
CA VAL B 58 22.55 51.27 3.13
C VAL B 58 23.33 51.40 4.42
N PRO B 59 23.77 52.60 4.82
CA PRO B 59 24.53 52.70 6.08
C PRO B 59 23.69 52.29 7.29
N SER B 60 24.39 51.84 8.33
CA SER B 60 23.72 51.40 9.56
C SER B 60 23.00 52.55 10.27
N ARG B 61 23.29 53.79 9.85
CA ARG B 61 22.69 54.99 10.49
C ARG B 61 21.17 54.97 10.36
N PHE B 62 20.67 54.65 9.18
CA PHE B 62 19.21 54.73 8.94
C PHE B 62 18.48 53.76 9.85
N SER B 63 17.25 54.11 10.21
CA SER B 63 16.41 53.21 11.05
C SER B 63 14.97 53.70 11.00
N GLY B 64 14.08 53.04 11.76
CA GLY B 64 12.66 53.42 11.77
C GLY B 64 11.84 52.27 12.31
N SER B 65 10.61 52.52 12.72
CA SER B 65 9.85 51.41 13.35
C SER B 65 8.35 51.70 13.30
N GLY B 66 7.56 50.84 13.92
CA GLY B 66 6.11 51.00 13.89
C GLY B 66 5.44 49.68 13.61
N SER B 67 4.14 49.60 13.87
CA SER B 67 3.37 48.37 13.58
C SER B 67 1.90 48.78 13.47
N GLY B 68 1.02 47.84 13.11
CA GLY B 68 -0.36 48.27 12.88
C GLY B 68 -0.33 49.47 11.97
N THR B 69 -1.22 50.42 12.17
CA THR B 69 -1.31 51.56 11.24
C THR B 69 -0.12 52.48 11.39
N ASP B 70 0.42 52.63 12.61
CA ASP B 70 1.50 53.63 12.85
C ASP B 70 2.87 53.13 12.41
N PHE B 71 3.67 54.00 11.81
CA PHE B 71 5.05 53.61 11.42
C PHE B 71 5.91 54.85 11.34
N THR B 72 7.21 54.72 11.62
CA THR B 72 8.07 55.92 11.68
C THR B 72 9.44 55.62 11.13
N LEU B 73 10.16 56.64 10.69
CA LEU B 73 11.54 56.48 10.14
C LEU B 73 12.51 57.25 11.04
N THR B 74 13.74 56.77 11.18
CA THR B 74 14.69 57.41 12.11
C THR B 74 15.89 57.96 11.36
N ILE B 75 16.07 59.28 11.37
CA ILE B 75 17.20 59.92 10.63
C ILE B 75 17.99 60.82 11.60
N SER B 76 19.29 60.99 11.35
CA SER B 76 20.12 61.91 12.18
C SER B 76 20.84 62.90 11.25
N SER B 77 20.54 62.84 9.94
CA SER B 77 21.14 63.76 8.93
C SER B 77 22.64 63.91 9.19
N LEU B 78 23.32 62.80 9.50
CA LEU B 78 24.79 62.86 9.69
C LEU B 78 25.45 63.13 8.32
N GLN B 79 24.63 63.22 7.27
CA GLN B 79 25.20 63.35 5.92
C GLN B 79 24.51 64.47 5.15
N PRO B 80 25.15 65.03 4.12
CA PRO B 80 24.51 66.02 3.29
C PRO B 80 23.95 65.34 2.07
N GLU B 81 23.99 64.01 2.03
CA GLU B 81 23.54 63.34 0.79
C GLU B 81 22.27 62.54 1.04
N ASP B 82 21.37 63.07 1.85
CA ASP B 82 20.09 62.36 2.11
C ASP B 82 18.97 63.35 1.85
N PHE B 83 19.26 64.42 1.14
CA PHE B 83 18.23 65.47 0.95
C PHE B 83 17.43 65.21 -0.33
N ALA B 84 16.34 64.45 -0.22
CA ALA B 84 15.45 64.18 -1.37
C ALA B 84 14.17 63.54 -0.81
N THR B 85 13.19 63.23 -1.66
CA THR B 85 11.90 62.72 -1.15
C THR B 85 12.12 61.45 -0.35
N TYR B 86 11.22 61.15 0.60
CA TYR B 86 11.30 59.87 1.34
C TYR B 86 9.90 59.26 1.31
N TYR B 87 9.65 58.35 0.38
CA TYR B 87 8.36 57.73 0.15
C TYR B 87 8.09 56.59 1.15
N CYS B 88 6.81 56.43 1.48
CA CYS B 88 6.32 55.40 2.39
C CYS B 88 5.32 54.55 1.61
N GLN B 89 5.74 53.34 1.23
CA GLN B 89 4.91 52.43 0.46
C GLN B 89 4.63 51.16 1.25
N GLN B 90 3.36 50.77 1.29
CA GLN B 90 2.92 49.57 1.97
C GLN B 90 2.63 48.48 0.94
N TYR B 91 2.66 47.23 1.41
CA TYR B 91 2.38 46.08 0.56
C TYR B 91 1.44 45.17 1.34
N ASN B 92 1.27 43.94 0.87
CA ASN B 92 0.34 42.97 1.47
C ASN B 92 -1.10 43.38 1.17
N SER B 93 -1.29 43.94 -0.02
CA SER B 93 -2.59 44.39 -0.49
C SER B 93 -2.54 44.44 -2.01
N ALA B 94 -3.72 44.32 -2.62
CA ALA B 94 -3.80 44.33 -4.07
C ALA B 94 -3.29 45.61 -4.73
N PRO B 95 -3.64 46.82 -4.25
CA PRO B 95 -3.15 48.03 -4.94
C PRO B 95 -1.72 48.45 -4.66
N PHE B 96 -1.16 48.10 -3.50
CA PHE B 96 0.21 48.49 -3.14
C PHE B 96 0.34 50.01 -3.19
N SER B 97 -0.53 50.68 -2.42
CA SER B 97 -0.56 52.13 -2.41
C SER B 97 0.75 52.74 -1.91
N PHE B 98 1.10 53.88 -2.48
CA PHE B 98 2.30 54.64 -2.15
C PHE B 98 1.91 55.83 -1.28
N GLY B 99 2.94 56.49 -0.72
CA GLY B 99 2.72 57.66 0.10
C GLY B 99 2.80 58.94 -0.72
N GLN B 100 2.36 60.04 -0.12
CA GLN B 100 2.39 61.33 -0.80
C GLN B 100 3.80 61.90 -0.93
N GLY B 101 4.79 61.31 -0.27
CA GLY B 101 6.15 61.80 -0.38
C GLY B 101 6.44 62.97 0.54
N THR B 102 7.67 63.04 1.04
CA THR B 102 8.09 64.11 1.94
C THR B 102 9.46 64.60 1.50
N GLU B 103 9.60 65.91 1.40
CA GLU B 103 10.84 66.56 0.97
C GLU B 103 11.52 67.18 2.18
N VAL B 104 12.84 67.00 2.26
CA VAL B 104 13.65 67.53 3.35
C VAL B 104 14.91 68.15 2.74
N GLU B 105 15.29 69.33 3.23
CA GLU B 105 16.47 70.03 2.72
C GLU B 105 17.04 70.91 3.81
N ILE B 106 18.22 71.46 3.53
CA ILE B 106 18.91 72.34 4.47
C ILE B 106 18.32 73.74 4.36
N LYS B 107 18.33 74.46 5.47
CA LYS B 107 17.80 75.82 5.54
C LYS B 107 18.51 76.72 4.53
N ASN C 38 26.60 -68.54 8.14
CA ASN C 38 26.09 -67.70 7.02
C ASN C 38 26.26 -66.22 7.35
N LEU C 39 25.60 -65.35 6.57
CA LEU C 39 25.68 -63.91 6.76
C LEU C 39 24.28 -63.32 6.91
N TRP C 40 24.19 -62.26 7.71
CA TRP C 40 22.96 -61.55 7.97
C TRP C 40 23.14 -60.07 7.65
N VAL C 41 22.08 -59.45 7.16
CA VAL C 41 22.12 -58.04 6.82
C VAL C 41 21.95 -57.21 8.09
N THR C 42 22.82 -56.22 8.26
CA THR C 42 22.80 -55.33 9.42
C THR C 42 22.73 -53.89 8.95
N VAL C 43 22.10 -53.05 9.77
CA VAL C 43 21.92 -51.64 9.48
C VAL C 43 22.72 -50.82 10.48
N TYR C 44 23.42 -49.81 9.97
CA TYR C 44 24.25 -48.93 10.77
C TYR C 44 23.69 -47.52 10.75
N TYR C 45 23.70 -46.87 11.91
CA TYR C 45 23.20 -45.51 12.07
C TYR C 45 24.38 -44.57 12.25
N GLY C 46 24.29 -43.40 11.63
CA GLY C 46 25.37 -42.42 11.72
C GLY C 46 26.53 -42.75 10.81
N VAL C 47 26.28 -43.44 9.71
CA VAL C 47 27.35 -43.82 8.78
C VAL C 47 27.88 -42.56 8.09
N PRO C 48 29.19 -42.46 7.79
CA PRO C 48 29.70 -41.25 7.11
C PRO C 48 29.65 -41.29 5.58
N VAL C 49 28.46 -41.02 5.04
CA VAL C 49 28.22 -41.00 3.61
C VAL C 49 27.44 -39.73 3.29
N TRP C 50 27.46 -39.33 2.03
CA TRP C 50 26.75 -38.12 1.63
C TRP C 50 26.38 -38.19 0.15
N ARG C 51 25.51 -37.26 -0.25
CA ARG C 51 25.05 -37.14 -1.62
C ARG C 51 24.74 -35.67 -1.90
N ASP C 52 24.72 -35.32 -3.18
CA ASP C 52 24.42 -33.95 -3.57
C ASP C 52 22.95 -33.66 -3.31
N ALA C 53 22.66 -32.47 -2.78
CA ALA C 53 21.29 -32.11 -2.48
C ALA C 53 21.18 -30.59 -2.39
N GLU C 54 19.94 -30.11 -2.49
CA GLU C 54 19.61 -28.69 -2.41
C GLU C 54 18.84 -28.45 -1.13
N THR C 55 19.17 -27.36 -0.43
CA THR C 55 18.52 -27.02 0.81
C THR C 55 18.53 -25.52 1.02
N THR C 56 17.69 -25.06 1.95
CA THR C 56 17.58 -23.65 2.29
C THR C 56 18.67 -23.32 3.30
N LEU C 57 19.69 -22.60 2.84
CA LEU C 57 20.79 -22.20 3.70
C LEU C 57 20.43 -20.94 4.47
N PHE C 58 20.69 -20.96 5.78
CA PHE C 58 20.35 -19.81 6.65
C PHE C 58 21.58 -18.97 6.89
N CYS C 59 21.38 -17.67 7.17
CA CYS C 59 22.52 -16.75 7.36
C CYS C 59 23.07 -16.82 8.77
N ALA C 60 24.38 -16.65 8.94
CA ALA C 60 24.99 -16.55 10.28
C ALA C 60 26.03 -15.41 10.24
N SER C 61 26.14 -14.58 11.29
CA SER C 61 27.07 -13.42 11.23
C SER C 61 27.57 -13.01 12.62
N ASP C 62 28.71 -12.30 12.71
CA ASP C 62 29.17 -11.80 14.01
C ASP C 62 28.26 -10.67 14.42
N ALA C 63 27.18 -11.01 15.13
CA ALA C 63 26.23 -10.01 15.59
C ALA C 63 26.88 -9.06 16.58
N LYS C 64 26.44 -7.80 16.55
CA LYS C 64 26.95 -6.77 17.43
C LYS C 64 25.82 -5.91 17.98
N GLU C 69 21.60 -0.52 17.35
CA GLU C 69 22.80 -0.56 16.44
C GLU C 69 22.40 -0.09 15.05
N LYS C 70 23.38 0.42 14.30
CA LYS C 70 23.12 0.90 12.95
C LYS C 70 22.61 -0.23 12.06
N HIS C 71 21.63 0.11 11.22
CA HIS C 71 21.02 -0.86 10.31
C HIS C 71 21.78 -0.88 8.99
N ASN C 72 21.51 -1.93 8.20
CA ASN C 72 22.12 -2.12 6.90
C ASN C 72 21.07 -2.66 5.94
N VAL C 73 21.32 -2.46 4.65
CA VAL C 73 20.38 -2.91 3.62
C VAL C 73 20.25 -4.43 3.64
N TRP C 74 21.29 -5.14 4.08
CA TRP C 74 21.26 -6.60 4.12
C TRP C 74 20.46 -7.15 5.29
N ALA C 75 20.06 -6.30 6.24
CA ALA C 75 19.28 -6.72 7.41
C ALA C 75 19.95 -7.85 8.17
N THR C 76 21.24 -7.65 8.48
CA THR C 76 21.97 -8.67 9.22
C THR C 76 21.58 -8.71 10.70
N HIS C 77 20.82 -7.73 11.18
CA HIS C 77 20.42 -7.74 12.58
C HIS C 77 19.54 -8.94 12.90
N ALA C 78 18.75 -9.42 11.93
CA ALA C 78 17.89 -10.57 12.12
C ALA C 78 18.60 -11.89 11.84
N CYS C 79 19.85 -11.85 11.40
CA CYS C 79 20.59 -13.06 11.11
C CYS C 79 21.02 -13.75 12.40
N VAL C 80 21.24 -15.06 12.29
CA VAL C 80 21.65 -15.86 13.45
C VAL C 80 23.07 -15.47 13.85
N PRO C 81 23.42 -15.41 15.14
CA PRO C 81 24.79 -15.05 15.51
C PRO C 81 25.74 -16.20 15.23
N THR C 82 26.87 -15.89 14.61
CA THR C 82 27.86 -16.90 14.28
C THR C 82 28.59 -17.38 15.53
N ASP C 83 29.13 -18.59 15.45
CA ASP C 83 29.87 -19.16 16.56
C ASP C 83 31.22 -18.46 16.72
N PRO C 84 31.81 -18.49 17.92
CA PRO C 84 33.11 -17.83 18.10
C PRO C 84 34.27 -18.63 17.53
N ASN C 85 34.16 -19.96 17.54
CA ASN C 85 35.19 -20.86 17.04
C ASN C 85 34.55 -21.86 16.10
N PRO C 86 34.30 -21.49 14.84
CA PRO C 86 33.68 -22.45 13.90
C PRO C 86 34.57 -23.68 13.72
N GLN C 87 33.93 -24.84 13.63
CA GLN C 87 34.64 -26.10 13.48
C GLN C 87 34.87 -26.44 12.02
N GLU C 88 36.10 -26.86 11.72
CA GLU C 88 36.51 -27.27 10.39
C GLU C 88 37.33 -28.54 10.55
N ILE C 89 36.97 -29.58 9.79
CA ILE C 89 37.63 -30.87 9.85
C ILE C 89 38.19 -31.22 8.48
N HIS C 90 39.43 -31.68 8.46
CA HIS C 90 40.10 -32.09 7.24
C HIS C 90 39.87 -33.58 7.02
N LEU C 91 39.42 -33.93 5.82
CA LEU C 91 39.13 -35.32 5.49
C LEU C 91 40.33 -35.99 4.84
N ASP C 92 40.73 -37.12 5.41
CA ASP C 92 41.86 -37.89 4.89
C ASP C 92 41.33 -38.98 3.96
N ASN C 93 42.12 -39.29 2.93
CA ASN C 93 41.79 -40.29 1.92
C ASN C 93 40.54 -39.95 1.13
N VAL C 94 40.00 -38.73 1.25
CA VAL C 94 38.77 -38.34 0.56
C VAL C 94 39.08 -37.45 -0.63
N THR C 95 38.38 -37.70 -1.73
CA THR C 95 38.49 -36.95 -2.97
C THR C 95 37.08 -36.78 -3.51
N GLU C 96 36.60 -35.53 -3.56
CA GLU C 96 35.26 -35.21 -4.01
C GLU C 96 35.28 -34.46 -5.33
N LYS C 97 34.22 -34.65 -6.11
CA LYS C 97 34.06 -33.99 -7.40
C LYS C 97 33.32 -32.67 -7.19
N PHE C 98 33.96 -31.57 -7.57
CA PHE C 98 33.40 -30.24 -7.41
C PHE C 98 33.01 -29.67 -8.77
N ASN C 99 31.92 -28.88 -8.77
CA ASN C 99 31.42 -28.25 -9.99
C ASN C 99 30.84 -26.90 -9.56
N MET C 100 31.65 -25.85 -9.70
CA MET C 100 31.20 -24.52 -9.29
C MET C 100 30.25 -23.91 -10.31
N TRP C 101 30.25 -24.38 -11.56
CA TRP C 101 29.33 -23.83 -12.55
C TRP C 101 27.91 -24.33 -12.34
N LYS C 102 27.75 -25.61 -12.04
CA LYS C 102 26.45 -26.20 -11.80
C LYS C 102 26.07 -26.17 -10.33
N ASN C 103 26.70 -25.31 -9.54
CA ASN C 103 26.41 -25.21 -8.12
C ASN C 103 25.05 -24.56 -7.88
N ASN C 104 24.43 -24.93 -6.77
CA ASN C 104 23.12 -24.40 -6.39
C ASN C 104 23.20 -23.22 -5.43
N MET C 105 24.29 -23.10 -4.66
CA MET C 105 24.41 -21.99 -3.72
C MET C 105 24.48 -20.66 -4.45
N VAL C 106 25.15 -20.61 -5.60
CA VAL C 106 25.26 -19.36 -6.35
C VAL C 106 23.87 -18.87 -6.75
N GLU C 107 22.99 -19.80 -7.16
CA GLU C 107 21.64 -19.41 -7.55
C GLU C 107 20.80 -19.05 -6.34
N GLN C 108 20.93 -19.81 -5.25
CA GLN C 108 20.16 -19.53 -4.05
C GLN C 108 20.56 -18.19 -3.43
N MET C 109 21.86 -17.89 -3.39
CA MET C 109 22.30 -16.63 -2.81
C MET C 109 21.80 -15.45 -3.62
N HIS C 110 21.72 -15.60 -4.95
CA HIS C 110 21.24 -14.51 -5.79
C HIS C 110 19.82 -14.13 -5.41
N THR C 111 18.95 -15.12 -5.17
CA THR C 111 17.58 -14.81 -4.79
C THR C 111 17.52 -14.16 -3.42
N ASP C 112 18.35 -14.63 -2.48
CA ASP C 112 18.35 -14.04 -1.14
C ASP C 112 18.78 -12.58 -1.18
N ILE C 113 19.81 -12.26 -1.97
CA ILE C 113 20.28 -10.88 -2.05
C ILE C 113 19.17 -10.00 -2.64
N ILE C 114 18.50 -10.50 -3.68
CA ILE C 114 17.43 -9.72 -4.29
C ILE C 114 16.27 -9.55 -3.30
N SER C 115 15.93 -10.62 -2.58
CA SER C 115 14.85 -10.53 -1.61
C SER C 115 15.17 -9.53 -0.51
N LEU C 116 16.39 -9.56 0.00
CA LEU C 116 16.78 -8.63 1.05
C LEU C 116 16.79 -7.20 0.51
N TRP C 117 17.21 -7.04 -0.75
CA TRP C 117 17.24 -5.72 -1.36
C TRP C 117 15.85 -5.11 -1.42
N ASP C 118 14.85 -5.91 -1.79
CA ASP C 118 13.48 -5.40 -1.86
C ASP C 118 12.87 -5.23 -0.47
N GLN C 119 13.25 -6.09 0.48
CA GLN C 119 12.72 -5.99 1.83
C GLN C 119 13.10 -4.68 2.49
N SER C 120 14.34 -4.22 2.27
CA SER C 120 14.80 -2.98 2.87
C SER C 120 14.18 -1.74 2.24
N LEU C 121 13.48 -1.86 1.11
CA LEU C 121 12.85 -0.73 0.45
C LEU C 121 11.35 -0.62 0.67
N LYS C 122 10.71 -1.69 1.15
CA LYS C 122 9.27 -1.63 1.38
C LYS C 122 8.86 -0.54 2.37
N PRO C 123 9.48 -0.40 3.54
CA PRO C 123 9.06 0.67 4.47
C PRO C 123 9.51 2.06 4.08
N CYS C 124 10.36 2.21 3.06
CA CYS C 124 10.82 3.54 2.68
C CYS C 124 9.76 4.25 1.82
N VAL C 125 9.91 5.57 1.72
CA VAL C 125 8.97 6.39 0.96
C VAL C 125 9.11 6.11 -0.54
N LYS C 126 7.98 6.20 -1.25
CA LYS C 126 7.93 5.99 -2.69
C LYS C 126 7.93 7.37 -3.36
N LEU C 127 8.84 7.57 -4.30
CA LEU C 127 8.97 8.85 -5.01
C LEU C 127 7.99 8.95 -6.19
N THR C 128 6.71 8.78 -5.89
CA THR C 128 5.70 8.87 -6.93
C THR C 128 5.37 10.31 -7.36
N PRO C 129 5.40 11.33 -6.49
CA PRO C 129 5.05 12.68 -6.98
C PRO C 129 6.16 13.39 -7.72
N LEU C 130 7.39 12.87 -7.72
CA LEU C 130 8.48 13.54 -8.42
C LEU C 130 8.38 13.45 -9.93
N CYS C 131 7.48 12.63 -10.48
CA CYS C 131 7.32 12.50 -11.92
C CYS C 131 6.58 13.73 -12.44
N VAL C 132 7.33 14.82 -12.60
CA VAL C 132 6.81 16.10 -13.08
C VAL C 132 7.82 16.70 -14.05
N THR C 133 7.38 17.74 -14.76
CA THR C 133 8.24 18.41 -15.71
C THR C 133 9.31 19.19 -14.96
N LEU C 134 10.56 19.06 -15.41
CA LEU C 134 11.70 19.72 -14.80
C LEU C 134 12.31 20.73 -15.76
N HIS C 135 12.50 21.96 -15.27
CA HIS C 135 13.11 23.04 -16.03
C HIS C 135 14.54 23.16 -15.52
N CYS C 136 15.52 22.86 -16.37
CA CYS C 136 16.92 22.89 -15.98
C CYS C 136 17.74 23.87 -16.81
N THR C 137 18.87 24.25 -16.22
CA THR C 137 19.83 25.17 -16.82
C THR C 137 21.22 24.71 -16.40
N ASN C 138 22.23 25.17 -17.14
CA ASN C 138 23.60 24.78 -16.84
C ASN C 138 24.00 25.29 -15.46
N VAL C 139 24.78 24.47 -14.74
CA VAL C 139 25.23 24.84 -13.41
C VAL C 139 26.20 26.02 -13.52
N THR C 140 26.16 26.89 -12.51
CA THR C 140 27.03 28.06 -12.48
C THR C 140 28.42 27.69 -11.97
N ASP C 147 35.10 17.80 -19.35
CA ASP C 147 33.83 18.58 -19.42
C ASP C 147 33.34 18.92 -18.01
N ARG C 148 32.36 19.83 -17.94
CA ARG C 148 31.78 20.27 -16.67
C ARG C 148 30.25 20.33 -16.72
N GLU C 149 29.62 19.84 -17.79
CA GLU C 149 28.17 19.85 -17.93
C GLU C 149 27.53 18.58 -17.39
N GLU C 150 28.18 17.91 -16.44
CA GLU C 150 27.65 16.67 -15.88
C GLU C 150 26.43 16.91 -14.99
N LEU C 151 26.29 18.12 -14.43
CA LEU C 151 25.18 18.46 -13.54
C LEU C 151 24.23 19.43 -14.23
N LYS C 152 23.02 19.53 -13.68
CA LYS C 152 21.98 20.40 -14.19
C LYS C 152 21.17 20.95 -13.03
N ASN C 153 21.07 22.28 -12.95
CA ASN C 153 20.33 22.93 -11.84
C ASN C 153 18.87 23.00 -12.23
N CYS C 154 18.11 21.98 -11.86
CA CYS C 154 16.71 21.84 -12.23
C CYS C 154 15.78 22.41 -11.17
N SER C 155 14.63 22.92 -11.63
CA SER C 155 13.59 23.50 -10.81
C SER C 155 12.27 22.86 -11.22
N PHE C 156 11.40 22.59 -10.25
CA PHE C 156 10.14 21.95 -10.57
C PHE C 156 9.14 22.17 -9.45
N ASN C 157 7.86 22.06 -9.80
CA ASN C 157 6.79 22.25 -8.81
C ASN C 157 6.63 20.96 -8.01
N MET C 158 6.16 21.06 -6.79
CA MET C 158 6.04 19.91 -5.92
C MET C 158 4.93 20.13 -4.91
N THR C 159 4.45 19.02 -4.34
CA THR C 159 3.40 19.04 -3.34
C THR C 159 4.01 19.23 -1.95
N THR C 160 3.15 19.19 -0.93
CA THR C 160 3.59 19.35 0.45
C THR C 160 2.60 18.62 1.35
N GLU C 161 2.79 18.76 2.66
CA GLU C 161 1.90 18.11 3.61
C GLU C 161 0.46 18.59 3.43
N LEU C 162 0.29 19.90 3.21
CA LEU C 162 -1.04 20.47 2.99
C LEU C 162 -1.46 20.11 1.57
N ARG C 163 -2.48 19.26 1.45
CA ARG C 163 -2.93 18.83 0.13
C ARG C 163 -3.45 20.00 -0.71
N ASP C 164 -3.93 21.06 -0.07
CA ASP C 164 -4.46 22.21 -0.79
C ASP C 164 -3.38 23.25 -1.12
N LYS C 165 -2.11 22.92 -0.96
CA LYS C 165 -1.02 23.84 -1.26
C LYS C 165 0.10 23.11 -1.96
N ARG C 166 0.88 23.86 -2.75
CA ARG C 166 2.00 23.34 -3.50
C ARG C 166 3.21 24.24 -3.26
N GLN C 167 4.38 23.79 -3.74
CA GLN C 167 5.60 24.54 -3.55
C GLN C 167 6.52 24.33 -4.75
N LYS C 168 7.39 25.32 -4.98
CA LYS C 168 8.38 25.30 -6.05
C LYS C 168 9.75 25.12 -5.41
N VAL C 169 10.48 24.10 -5.85
CA VAL C 169 11.79 23.78 -5.31
C VAL C 169 12.77 23.60 -6.46
N TYR C 170 14.03 23.36 -6.10
CA TYR C 170 15.09 23.16 -7.07
C TYR C 170 16.14 22.26 -6.45
N SER C 171 16.94 21.62 -7.31
CA SER C 171 17.99 20.72 -6.87
C SER C 171 18.80 20.29 -8.08
N LEU C 172 20.05 19.91 -7.82
CA LEU C 172 20.94 19.46 -8.89
C LEU C 172 20.70 18.00 -9.20
N PHE C 173 20.77 17.65 -10.49
CA PHE C 173 20.57 16.29 -10.95
C PHE C 173 21.61 15.96 -12.01
N TYR C 174 22.14 14.75 -11.93
CA TYR C 174 23.13 14.31 -12.92
C TYR C 174 22.46 14.14 -14.27
N ARG C 175 23.22 14.42 -15.34
CA ARG C 175 22.67 14.31 -16.68
C ARG C 175 22.21 12.89 -16.99
N LEU C 176 22.87 11.89 -16.41
CA LEU C 176 22.48 10.51 -16.67
C LEU C 176 21.13 10.15 -16.07
N ASP C 177 20.65 10.92 -15.09
CA ASP C 177 19.37 10.69 -14.44
C ASP C 177 18.25 11.53 -15.01
N ILE C 178 18.48 12.22 -16.14
CA ILE C 178 17.49 13.08 -16.76
C ILE C 178 17.44 12.79 -18.26
N VAL C 179 16.23 12.80 -18.81
CA VAL C 179 16.00 12.55 -20.23
C VAL C 179 15.07 13.63 -20.76
N PRO C 180 15.25 14.14 -21.99
CA PRO C 180 14.33 15.16 -22.49
C PRO C 180 12.95 14.59 -22.74
N ILE C 181 11.94 15.46 -22.74
CA ILE C 181 10.56 15.07 -22.96
C ILE C 181 10.18 15.17 -24.44
N ASN C 182 10.47 16.31 -25.07
CA ASN C 182 10.15 16.54 -26.47
C ASN C 182 11.36 16.79 -27.35
N GLU C 183 12.52 17.07 -26.77
CA GLU C 183 13.77 17.31 -27.52
C GLU C 183 13.70 18.55 -28.41
N ASN C 184 12.77 19.47 -28.15
CA ASN C 184 12.63 20.69 -28.95
C ASN C 184 12.79 21.99 -28.19
N GLN C 185 12.42 22.06 -26.90
CA GLN C 185 12.52 23.29 -26.12
C GLN C 185 13.81 23.42 -25.34
N GLY C 186 14.52 22.31 -25.09
CA GLY C 186 15.73 22.32 -24.29
C GLY C 186 15.43 22.11 -22.82
N SER C 187 14.37 22.75 -22.33
CA SER C 187 13.90 22.61 -20.96
C SER C 187 12.89 21.47 -20.99
N GLU C 188 12.04 21.35 -19.97
CA GLU C 188 11.04 20.28 -19.92
C GLU C 188 11.74 18.92 -19.85
N TYR C 189 12.69 18.81 -18.93
CA TYR C 189 13.40 17.57 -18.74
C TYR C 189 12.57 16.65 -17.83
N ARG C 190 12.83 15.35 -17.93
CA ARG C 190 12.09 14.37 -17.13
C ARG C 190 13.05 13.35 -16.54
N LEU C 191 12.68 12.82 -15.38
CA LEU C 191 13.49 11.76 -14.73
C LEU C 191 13.46 10.51 -15.61
N ILE C 192 14.59 9.84 -15.80
CA ILE C 192 14.65 8.71 -16.77
C ILE C 192 13.64 7.61 -16.43
N ASN C 193 13.52 7.26 -15.15
CA ASN C 193 12.67 6.10 -14.79
C ASN C 193 11.19 6.43 -14.79
N CYS C 194 10.81 7.67 -15.08
CA CYS C 194 9.38 8.03 -14.89
C CYS C 194 8.40 7.28 -15.78
N ASN C 195 8.80 6.76 -16.94
CA ASN C 195 7.79 6.18 -17.82
C ASN C 195 7.74 4.67 -17.72
N THR C 196 8.43 4.06 -16.75
CA THR C 196 8.45 2.61 -16.59
C THR C 196 8.11 2.19 -15.17
N SER C 197 8.45 3.01 -14.17
CA SER C 197 8.17 2.68 -12.78
C SER C 197 8.57 3.87 -11.91
N ALA C 198 8.08 3.86 -10.67
CA ALA C 198 8.38 4.89 -9.70
C ALA C 198 9.42 4.35 -8.74
N CYS C 199 10.61 4.97 -8.75
CA CYS C 199 11.69 4.52 -7.88
C CYS C 199 11.38 4.80 -6.41
N THR C 200 11.91 3.96 -5.55
CA THR C 200 11.75 4.07 -4.10
C THR C 200 13.01 4.67 -3.50
N GLN C 201 12.85 5.77 -2.77
CA GLN C 201 13.99 6.42 -2.15
C GLN C 201 14.58 5.55 -1.05
N ALA C 202 15.89 5.36 -1.08
CA ALA C 202 16.54 4.55 -0.06
C ALA C 202 16.49 5.28 1.28
N CYS C 203 16.13 4.56 2.33
CA CYS C 203 16.06 5.18 3.65
C CYS C 203 17.45 5.65 4.08
N PRO C 204 17.63 6.91 4.48
CA PRO C 204 18.97 7.35 4.87
C PRO C 204 19.51 6.67 6.13
N LYS C 205 18.64 6.09 6.95
CA LYS C 205 19.10 5.44 8.18
C LYS C 205 19.79 4.10 7.94
N VAL C 206 19.57 3.47 6.78
CA VAL C 206 20.18 2.19 6.45
C VAL C 206 21.35 2.43 5.52
N SER C 207 22.48 1.78 5.80
CA SER C 207 23.69 1.91 5.01
C SER C 207 23.89 0.69 4.12
N PHE C 208 24.68 0.87 3.07
CA PHE C 208 24.99 -0.18 2.10
C PHE C 208 26.32 -0.85 2.40
N GLU C 209 26.75 -0.87 3.66
CA GLU C 209 28.02 -1.48 4.02
C GLU C 209 27.95 -2.99 3.79
N PRO C 210 28.84 -3.58 2.97
CA PRO C 210 28.76 -5.05 2.76
C PRO C 210 29.53 -5.84 3.82
N ILE C 211 28.93 -5.95 5.01
CA ILE C 211 29.57 -6.69 6.09
C ILE C 211 29.53 -8.17 5.72
N PRO C 212 30.49 -8.98 6.18
CA PRO C 212 30.48 -10.40 5.80
C PRO C 212 29.31 -11.16 6.41
N ILE C 213 28.86 -12.17 5.67
CA ILE C 213 27.77 -13.04 6.09
C ILE C 213 28.18 -14.47 5.79
N HIS C 214 27.96 -15.37 6.76
CA HIS C 214 28.32 -16.77 6.61
C HIS C 214 27.07 -17.60 6.31
N TYR C 215 27.17 -18.42 5.27
CA TYR C 215 26.07 -19.30 4.87
C TYR C 215 26.25 -20.65 5.55
N CYS C 216 25.23 -21.06 6.31
CA CYS C 216 25.25 -22.32 7.04
C CYS C 216 24.15 -23.24 6.53
N ALA C 217 24.39 -24.55 6.63
CA ALA C 217 23.45 -25.56 6.22
C ALA C 217 22.66 -26.06 7.42
N PRO C 218 21.40 -26.49 7.26
CA PRO C 218 20.65 -26.97 8.42
C PRO C 218 21.24 -28.25 8.97
N ALA C 219 20.70 -28.69 10.11
CA ALA C 219 21.17 -29.93 10.72
C ALA C 219 20.91 -31.08 9.78
N GLY C 220 21.81 -32.06 9.77
CA GLY C 220 21.70 -33.19 8.89
C GLY C 220 22.25 -32.93 7.51
N PHE C 221 23.02 -31.87 7.34
CA PHE C 221 23.63 -31.51 6.07
C PHE C 221 25.01 -30.92 6.37
N ALA C 222 25.85 -30.85 5.34
CA ALA C 222 27.19 -30.32 5.52
C ALA C 222 27.66 -29.68 4.23
N ILE C 223 28.66 -28.79 4.36
CA ILE C 223 29.25 -28.07 3.25
C ILE C 223 30.67 -28.59 3.08
N LEU C 224 30.97 -29.15 1.91
CA LEU C 224 32.30 -29.69 1.63
C LEU C 224 33.17 -28.59 1.04
N LYS C 225 34.38 -28.46 1.59
CA LYS C 225 35.34 -27.45 1.17
C LYS C 225 36.56 -28.12 0.54
N CYS C 226 37.03 -27.54 -0.56
CA CYS C 226 38.19 -28.06 -1.28
C CYS C 226 39.39 -27.18 -0.94
N LYS C 227 40.44 -27.80 -0.42
CA LYS C 227 41.67 -27.10 -0.04
C LYS C 227 42.83 -27.35 -0.99
N ASP C 228 42.57 -27.90 -2.18
CA ASP C 228 43.64 -28.16 -3.12
C ASP C 228 44.29 -26.87 -3.57
N GLU C 229 45.61 -26.88 -3.68
CA GLU C 229 46.35 -25.70 -4.09
C GLU C 229 46.08 -25.38 -5.55
N GLY C 230 45.73 -24.12 -5.81
CA GLY C 230 45.45 -23.69 -7.17
C GLY C 230 44.32 -24.44 -7.85
N PHE C 231 43.28 -24.78 -7.10
CA PHE C 231 42.15 -25.50 -7.68
C PHE C 231 41.43 -24.58 -8.66
N ASN C 232 41.14 -25.09 -9.86
CA ASN C 232 40.47 -24.28 -10.88
C ASN C 232 38.95 -24.29 -10.74
N GLY C 233 38.40 -24.99 -9.75
CA GLY C 233 36.97 -25.04 -9.53
C GLY C 233 36.24 -26.23 -10.09
N THR C 234 36.80 -26.93 -11.07
CA THR C 234 36.16 -28.10 -11.66
C THR C 234 37.11 -29.28 -11.63
N GLY C 235 36.55 -30.47 -11.43
CA GLY C 235 37.30 -31.70 -11.38
C GLY C 235 37.25 -32.32 -9.99
N LEU C 236 38.06 -33.35 -9.80
CA LEU C 236 38.14 -34.06 -8.53
C LEU C 236 39.16 -33.37 -7.64
N CYS C 237 38.70 -32.92 -6.47
CA CYS C 237 39.59 -32.24 -5.53
C CYS C 237 40.38 -33.27 -4.74
N LYS C 238 41.70 -33.08 -4.70
CA LYS C 238 42.60 -33.99 -4.00
C LYS C 238 42.82 -33.62 -2.54
N ASN C 239 42.17 -32.56 -2.06
CA ASN C 239 42.32 -32.11 -0.67
C ASN C 239 40.96 -31.54 -0.25
N VAL C 240 40.13 -32.40 0.35
CA VAL C 240 38.79 -32.03 0.77
C VAL C 240 38.75 -31.79 2.27
N SER C 241 37.78 -30.97 2.68
CA SER C 241 37.55 -30.63 4.07
C SER C 241 36.07 -30.33 4.23
N THR C 242 35.59 -30.38 5.47
CA THR C 242 34.19 -30.12 5.77
C THR C 242 34.06 -29.02 6.81
N VAL C 243 33.00 -28.23 6.67
CA VAL C 243 32.71 -27.12 7.57
C VAL C 243 31.21 -26.89 7.57
N GLN C 244 30.67 -26.57 8.74
CA GLN C 244 29.24 -26.33 8.87
C GLN C 244 28.82 -24.97 8.32
N CYS C 245 29.74 -24.03 8.17
CA CYS C 245 29.42 -22.71 7.66
C CYS C 245 30.57 -22.18 6.81
N THR C 246 30.22 -21.47 5.75
CA THR C 246 31.22 -20.90 4.86
C THR C 246 31.90 -19.72 5.55
N HIS C 247 33.03 -19.31 4.97
CA HIS C 247 33.76 -18.18 5.53
C HIS C 247 32.97 -16.89 5.31
N GLY C 248 33.54 -15.78 5.77
CA GLY C 248 32.88 -14.49 5.63
C GLY C 248 32.74 -14.06 4.19
N ILE C 249 31.51 -14.08 3.67
CA ILE C 249 31.21 -13.68 2.30
C ILE C 249 30.68 -12.26 2.34
N LYS C 250 31.33 -11.35 1.61
CA LYS C 250 30.92 -9.96 1.56
C LYS C 250 30.13 -9.73 0.29
N PRO C 251 28.82 -9.41 0.35
CA PRO C 251 28.08 -9.20 -0.91
C PRO C 251 28.46 -7.89 -1.57
N VAL C 252 29.65 -7.82 -2.12
CA VAL C 252 30.15 -6.63 -2.79
C VAL C 252 29.73 -6.70 -4.26
N VAL C 253 28.84 -5.80 -4.66
CA VAL C 253 28.36 -5.77 -6.03
C VAL C 253 29.37 -5.00 -6.87
N SER C 254 29.90 -5.64 -7.92
CA SER C 254 30.87 -5.00 -8.79
C SER C 254 30.72 -5.56 -10.19
N THR C 255 31.26 -4.80 -11.16
CA THR C 255 31.21 -5.18 -12.56
C THR C 255 32.58 -4.98 -13.18
N GLN C 256 33.06 -5.99 -13.91
CA GLN C 256 34.35 -5.97 -14.59
C GLN C 256 35.55 -6.01 -13.66
N LEU C 257 35.34 -5.98 -12.34
CA LEU C 257 36.45 -6.00 -11.39
C LEU C 257 35.92 -6.37 -10.03
N LEU C 258 36.37 -7.51 -9.50
CA LEU C 258 35.93 -7.95 -8.18
C LEU C 258 36.70 -7.16 -7.12
N LEU C 259 35.98 -6.57 -6.18
CA LEU C 259 36.57 -5.76 -5.11
C LEU C 259 36.39 -6.42 -3.76
N ASN C 260 37.43 -6.33 -2.94
CA ASN C 260 37.38 -6.85 -1.55
C ASN C 260 37.11 -8.35 -1.56
N GLY C 261 37.51 -9.07 -2.61
CA GLY C 261 37.32 -10.50 -2.65
C GLY C 261 38.52 -11.26 -2.15
N SER C 262 38.38 -12.58 -2.11
CA SER C 262 39.47 -13.43 -1.64
C SER C 262 40.60 -13.43 -2.66
N LEU C 263 41.83 -13.49 -2.14
CA LEU C 263 43.04 -13.49 -2.96
C LEU C 263 43.50 -14.92 -3.22
N ALA C 264 44.21 -15.09 -4.34
CA ALA C 264 44.73 -16.41 -4.69
C ALA C 264 45.77 -16.82 -3.66
N GLU C 265 45.90 -18.12 -3.43
CA GLU C 265 46.84 -18.61 -2.43
C GLU C 265 48.29 -18.50 -2.89
N LYS C 266 48.61 -19.07 -4.06
CA LYS C 266 49.99 -19.05 -4.56
C LYS C 266 50.16 -18.64 -6.02
N ASN C 267 49.16 -18.87 -6.86
CA ASN C 267 49.27 -18.53 -8.27
C ASN C 267 47.96 -17.96 -8.80
N ILE C 268 48.08 -17.19 -9.88
CA ILE C 268 46.93 -16.57 -10.52
C ILE C 268 46.08 -17.67 -11.14
N THR C 269 44.92 -17.92 -10.56
CA THR C 269 44.01 -18.96 -11.02
C THR C 269 42.99 -18.38 -11.99
N ILE C 270 42.64 -19.18 -13.01
CA ILE C 270 41.67 -18.81 -14.04
C ILE C 270 40.57 -19.86 -14.03
N ARG C 271 39.32 -19.40 -14.21
CA ARG C 271 38.17 -20.29 -14.19
C ARG C 271 37.24 -19.98 -15.35
N SER C 272 36.73 -21.05 -15.97
CA SER C 272 35.81 -20.97 -17.10
C SER C 272 35.28 -22.37 -17.36
N GLU C 273 33.96 -22.49 -17.58
CA GLU C 273 33.40 -23.81 -17.85
C GLU C 273 33.93 -24.38 -19.15
N ASN C 274 34.25 -23.52 -20.12
CA ASN C 274 34.81 -23.93 -21.41
C ASN C 274 35.72 -22.78 -21.83
N ILE C 275 37.01 -22.92 -21.53
CA ILE C 275 37.97 -21.87 -21.86
C ILE C 275 38.02 -21.62 -23.38
N THR C 276 37.89 -22.69 -24.17
CA THR C 276 37.92 -22.53 -25.61
C THR C 276 36.66 -21.86 -26.15
N ASN C 277 35.56 -21.86 -25.39
CA ASN C 277 34.33 -21.25 -25.84
C ASN C 277 34.38 -19.75 -25.59
N ASN C 278 34.07 -18.96 -26.62
CA ASN C 278 34.10 -17.51 -26.49
C ASN C 278 32.83 -16.95 -25.86
N ALA C 279 31.78 -17.75 -25.76
CA ALA C 279 30.52 -17.29 -25.17
C ALA C 279 30.46 -17.46 -23.65
N LYS C 280 31.50 -17.99 -23.03
CA LYS C 280 31.55 -18.20 -21.59
C LYS C 280 32.49 -17.19 -20.94
N ILE C 281 32.04 -16.59 -19.84
CA ILE C 281 32.85 -15.61 -19.13
C ILE C 281 34.05 -16.29 -18.50
N ILE C 282 35.16 -15.57 -18.43
CA ILE C 282 36.42 -16.05 -17.87
C ILE C 282 36.69 -15.26 -16.60
N ILE C 283 36.85 -15.97 -15.48
CA ILE C 283 37.11 -15.37 -14.18
C ILE C 283 38.55 -15.70 -13.80
N VAL C 284 39.30 -14.67 -13.41
CA VAL C 284 40.70 -14.80 -13.02
C VAL C 284 40.87 -14.20 -11.62
N GLN C 285 41.60 -14.90 -10.77
CA GLN C 285 41.87 -14.49 -9.40
C GLN C 285 43.34 -14.08 -9.28
N LEU C 286 43.59 -12.91 -8.70
CA LEU C 286 44.93 -12.40 -8.53
C LEU C 286 45.53 -12.87 -7.21
N VAL C 287 46.87 -12.83 -7.15
CA VAL C 287 47.62 -13.22 -5.96
C VAL C 287 47.94 -12.03 -5.07
N GLN C 288 48.11 -10.84 -5.64
CA GLN C 288 48.43 -9.62 -4.91
C GLN C 288 47.26 -8.65 -5.03
N PRO C 289 46.83 -8.00 -3.95
CA PRO C 289 45.71 -7.06 -4.07
C PRO C 289 46.17 -5.74 -4.67
N VAL C 290 45.56 -5.36 -5.79
CA VAL C 290 45.88 -4.12 -6.48
C VAL C 290 45.03 -3.04 -5.83
N THR C 291 45.63 -2.27 -4.93
CA THR C 291 44.90 -1.21 -4.23
C THR C 291 44.40 -0.16 -5.22
N ILE C 292 43.14 0.24 -5.05
CA ILE C 292 42.50 1.24 -5.88
C ILE C 292 41.82 2.25 -4.96
N LYS C 293 42.05 3.53 -5.23
CA LYS C 293 41.47 4.62 -4.46
C LYS C 293 40.51 5.41 -5.33
N CYS C 294 39.46 5.94 -4.70
CA CYS C 294 38.45 6.72 -5.40
C CYS C 294 38.05 7.89 -4.51
N ILE C 295 37.49 8.92 -5.13
CA ILE C 295 37.11 10.12 -4.41
C ILE C 295 35.99 10.85 -5.16
N ARG C 296 35.18 11.59 -4.40
CA ARG C 296 34.06 12.39 -4.91
C ARG C 296 34.36 13.80 -4.40
N PRO C 297 35.27 14.53 -5.07
CA PRO C 297 35.63 15.87 -4.58
C PRO C 297 34.49 16.87 -4.52
N ASN C 298 33.40 16.69 -5.25
CA ASN C 298 32.31 17.64 -5.21
C ASN C 298 31.69 17.65 -3.81
N ASN C 299 31.66 18.83 -3.19
CA ASN C 299 31.13 19.02 -1.84
C ASN C 299 29.70 19.54 -1.98
N TYR C 300 28.72 18.64 -1.86
CA TYR C 300 27.32 18.99 -1.96
C TYR C 300 26.72 19.28 -0.59
N THR C 301 25.53 19.88 -0.61
CA THR C 301 24.78 20.22 0.60
C THR C 301 23.45 19.51 0.52
N ARG C 302 23.12 18.76 1.58
CA ARG C 302 21.86 18.02 1.61
C ARG C 302 20.73 18.92 2.08
N LYS C 303 19.66 18.97 1.29
CA LYS C 303 18.47 19.76 1.60
C LYS C 303 17.29 18.81 1.59
N SER C 304 16.48 18.86 2.63
CA SER C 304 15.31 18.00 2.78
C SER C 304 14.04 18.81 2.56
N ILE C 305 13.19 18.33 1.65
CA ILE C 305 11.92 18.97 1.33
C ILE C 305 10.82 17.95 1.60
N ARG C 306 9.81 18.37 2.35
CA ARG C 306 8.70 17.48 2.70
C ARG C 306 7.76 17.32 1.51
N ILE C 307 7.73 16.12 0.94
CA ILE C 307 6.87 15.85 -0.21
C ILE C 307 5.44 15.59 0.23
N GLY C 308 5.25 14.98 1.39
CA GLY C 308 3.93 14.68 1.90
C GLY C 308 3.92 14.58 3.42
N PRO C 309 2.76 14.26 3.98
CA PRO C 309 2.66 14.15 5.45
C PRO C 309 3.57 13.07 6.03
N GLY C 310 4.55 13.50 6.83
CA GLY C 310 5.47 12.59 7.47
C GLY C 310 6.53 11.97 6.59
N GLN C 311 6.72 12.47 5.38
CA GLN C 311 7.73 11.94 4.47
C GLN C 311 8.41 13.09 3.75
N ALA C 312 9.71 12.96 3.51
CA ALA C 312 10.50 13.98 2.84
C ALA C 312 11.40 13.36 1.80
N PHE C 313 11.82 14.20 0.85
CA PHE C 313 12.69 13.82 -0.25
C PHE C 313 14.01 14.57 -0.12
N TYR C 314 15.12 13.84 -0.10
CA TYR C 314 16.45 14.43 0.01
C TYR C 314 17.04 14.61 -1.38
N ALA C 315 17.55 15.81 -1.65
CA ALA C 315 18.13 16.14 -2.94
C ALA C 315 19.47 16.83 -2.72
N MET C 316 20.04 17.33 -3.81
CA MET C 316 21.32 18.02 -3.80
C MET C 316 21.04 19.53 -3.82
N GLY C 317 21.37 20.21 -2.73
CA GLY C 317 21.12 21.63 -2.62
C GLY C 317 21.98 22.51 -3.51
N ASP C 318 23.27 22.60 -3.20
CA ASP C 318 24.19 23.43 -3.97
C ASP C 318 25.58 22.79 -3.90
N ILE C 319 26.59 23.53 -4.36
CA ILE C 319 27.97 23.08 -4.36
C ILE C 319 28.85 24.12 -3.71
N ILE C 320 29.95 23.67 -3.11
CA ILE C 320 30.92 24.53 -2.45
C ILE C 320 32.24 24.36 -3.19
N GLY C 321 32.79 25.48 -3.66
CA GLY C 321 34.05 25.46 -4.40
C GLY C 321 33.80 25.54 -5.90
N ASP C 322 34.11 24.46 -6.61
CA ASP C 322 33.93 24.40 -8.04
C ASP C 322 33.70 22.96 -8.48
N ILE C 323 33.32 22.80 -9.74
CA ILE C 323 33.06 21.47 -10.28
C ILE C 323 34.38 20.71 -10.43
N ARG C 324 34.39 19.46 -9.96
CA ARG C 324 35.57 18.61 -10.04
C ARG C 324 35.12 17.22 -10.43
N GLN C 325 35.75 16.67 -11.47
CA GLN C 325 35.40 15.36 -11.97
C GLN C 325 35.81 14.26 -11.01
N ALA C 326 34.91 13.31 -10.77
CA ALA C 326 35.21 12.18 -9.89
C ALA C 326 36.08 11.19 -10.65
N HIS C 327 37.01 10.56 -9.95
CA HIS C 327 37.91 9.61 -10.60
C HIS C 327 38.45 8.64 -9.56
N CYS C 328 39.23 7.67 -10.04
CA CYS C 328 39.86 6.66 -9.21
C CYS C 328 41.32 6.55 -9.62
N ASN C 329 42.18 6.17 -8.66
CA ASN C 329 43.60 6.04 -8.88
C ASN C 329 44.06 4.60 -8.67
N VAL C 330 45.14 4.25 -9.36
CA VAL C 330 45.73 2.92 -9.27
C VAL C 330 47.17 3.03 -9.74
N SER C 331 48.08 2.36 -9.03
CA SER C 331 49.48 2.41 -9.38
C SER C 331 49.74 1.69 -10.69
N ARG C 332 50.39 2.40 -11.63
CA ARG C 332 50.70 1.80 -12.92
C ARG C 332 51.75 0.72 -12.79
N SER C 333 52.74 0.94 -11.92
CA SER C 333 53.79 -0.07 -11.73
C SER C 333 53.23 -1.37 -11.21
N ARG C 334 52.21 -1.30 -10.34
CA ARG C 334 51.59 -2.49 -9.79
C ARG C 334 50.42 -3.00 -10.63
N TRP C 335 49.81 -2.13 -11.44
CA TRP C 335 48.68 -2.57 -12.24
C TRP C 335 49.12 -3.32 -13.49
N ASN C 336 49.87 -2.65 -14.38
CA ASN C 336 50.27 -3.34 -15.60
C ASN C 336 51.27 -4.46 -15.34
N LYS C 337 51.82 -4.55 -14.13
CA LYS C 337 52.71 -5.67 -13.83
C LYS C 337 51.90 -6.96 -13.75
N THR C 338 50.73 -6.89 -13.10
CA THR C 338 49.87 -8.06 -12.98
C THR C 338 49.36 -8.50 -14.34
N LEU C 339 49.15 -7.56 -15.27
CA LEU C 339 48.68 -7.92 -16.59
C LEU C 339 49.67 -8.86 -17.27
N GLN C 340 50.97 -8.64 -17.05
CA GLN C 340 51.97 -9.52 -17.61
C GLN C 340 51.82 -10.92 -17.03
N GLU C 341 51.60 -11.02 -15.72
CA GLU C 341 51.41 -12.31 -15.09
C GLU C 341 50.11 -12.96 -15.59
N VAL C 342 49.07 -12.15 -15.77
CA VAL C 342 47.80 -12.69 -16.27
C VAL C 342 47.94 -13.06 -17.74
N ALA C 343 48.66 -12.23 -18.50
CA ALA C 343 48.84 -12.50 -19.93
C ALA C 343 49.60 -13.80 -20.15
N GLU C 344 50.70 -13.99 -19.43
CA GLU C 344 51.47 -15.23 -19.59
C GLU C 344 50.66 -16.44 -19.12
N LYS C 345 49.87 -16.27 -18.06
CA LYS C 345 49.06 -17.38 -17.58
C LYS C 345 48.01 -17.75 -18.62
N LEU C 346 47.39 -16.75 -19.26
CA LEU C 346 46.40 -17.01 -20.29
C LEU C 346 47.04 -17.68 -21.50
N ARG C 347 48.33 -17.40 -21.74
CA ARG C 347 49.03 -17.98 -22.87
C ARG C 347 49.12 -19.49 -22.79
N THR C 348 49.08 -20.05 -21.57
CA THR C 348 49.17 -21.50 -21.42
C THR C 348 47.99 -22.22 -22.06
N TYR C 349 46.83 -21.56 -22.15
CA TYR C 349 45.63 -22.16 -22.73
C TYR C 349 45.44 -21.84 -24.21
N PHE C 350 46.35 -21.09 -24.83
CA PHE C 350 46.21 -20.76 -26.25
C PHE C 350 47.54 -20.82 -26.99
N GLY C 351 48.43 -21.73 -26.59
CA GLY C 351 49.71 -21.85 -27.26
C GLY C 351 50.57 -20.60 -27.11
N ASN C 352 51.38 -20.34 -28.12
CA ASN C 352 52.27 -19.19 -28.14
C ASN C 352 51.59 -17.91 -28.65
N LYS C 353 50.26 -17.87 -28.67
CA LYS C 353 49.56 -16.70 -29.14
C LYS C 353 49.78 -15.52 -28.19
N THR C 354 49.77 -14.32 -28.75
CA THR C 354 49.95 -13.10 -27.98
C THR C 354 48.61 -12.65 -27.40
N ILE C 355 48.65 -12.07 -26.21
CA ILE C 355 47.46 -11.60 -25.52
C ILE C 355 47.31 -10.10 -25.71
N ILE C 356 46.09 -9.66 -26.01
CA ILE C 356 45.83 -8.21 -26.26
C ILE C 356 44.54 -7.81 -25.57
N PHE C 357 44.62 -7.01 -24.50
CA PHE C 357 43.41 -6.58 -23.76
C PHE C 357 42.91 -5.27 -24.35
N ALA C 358 41.61 -5.19 -24.63
CA ALA C 358 41.02 -3.98 -25.23
C ALA C 358 39.87 -3.51 -24.35
N ASN C 359 39.30 -2.34 -24.61
CA ASN C 359 38.27 -1.81 -23.67
C ASN C 359 36.92 -2.47 -23.96
N SER C 360 35.94 -2.22 -23.11
CA SER C 360 34.62 -2.89 -23.25
C SER C 360 34.06 -2.67 -24.65
N SER C 361 33.32 -3.65 -25.15
CA SER C 361 32.78 -3.56 -26.53
C SER C 361 31.82 -2.37 -26.65
N GLY C 362 30.84 -2.29 -25.75
CA GLY C 362 29.83 -1.22 -25.85
C GLY C 362 28.50 -1.75 -25.39
N GLY C 363 27.55 -0.85 -25.08
CA GLY C 363 26.28 -1.31 -24.54
C GLY C 363 25.78 -0.40 -23.43
N ASP C 364 25.09 -0.98 -22.46
CA ASP C 364 24.56 -0.19 -21.36
C ASP C 364 25.69 0.28 -20.44
N LEU C 365 25.43 1.38 -19.73
CA LEU C 365 26.43 1.93 -18.82
C LEU C 365 26.74 0.97 -17.68
N GLU C 366 25.76 0.15 -17.28
CA GLU C 366 25.97 -0.79 -16.19
C GLU C 366 26.96 -1.91 -16.56
N ILE C 367 27.17 -2.16 -17.85
CA ILE C 367 28.07 -3.22 -18.28
C ILE C 367 29.31 -2.68 -18.98
N THR C 368 29.31 -1.44 -19.47
CA THR C 368 30.46 -0.87 -20.15
C THR C 368 31.41 -0.12 -19.22
N THR C 369 31.10 -0.05 -17.92
CA THR C 369 31.94 0.65 -16.97
C THR C 369 32.03 -0.17 -15.68
N HIS C 370 33.09 0.08 -14.93
CA HIS C 370 33.32 -0.60 -13.65
C HIS C 370 32.46 0.08 -12.61
N SER C 371 31.35 -0.55 -12.25
CA SER C 371 30.41 -0.01 -11.27
C SER C 371 30.64 -0.64 -9.89
N PHE C 372 30.54 0.19 -8.87
CA PHE C 372 30.73 -0.24 -7.48
C PHE C 372 30.04 0.80 -6.59
N ASN C 373 30.32 0.75 -5.29
CA ASN C 373 29.71 1.68 -4.36
C ASN C 373 30.64 1.96 -3.20
N CYS C 374 30.90 3.24 -2.94
CA CYS C 374 31.76 3.68 -1.84
C CYS C 374 30.94 3.95 -0.58
N GLY C 375 30.11 2.98 -0.21
CA GLY C 375 29.28 3.10 0.98
C GLY C 375 28.30 4.26 0.97
N GLY C 376 27.54 4.43 -0.12
CA GLY C 376 26.56 5.50 -0.20
C GLY C 376 26.39 6.13 -1.56
N GLU C 377 27.39 6.00 -2.44
CA GLU C 377 27.33 6.56 -3.78
C GLU C 377 27.77 5.50 -4.78
N PHE C 378 26.96 5.31 -5.83
CA PHE C 378 27.25 4.33 -6.87
C PHE C 378 28.06 5.00 -7.97
N PHE C 379 29.24 4.46 -8.25
CA PHE C 379 30.14 4.97 -9.26
C PHE C 379 30.02 4.19 -10.56
N TYR C 380 30.57 4.78 -11.62
CA TYR C 380 30.60 4.17 -12.96
C TYR C 380 31.89 4.69 -13.61
N CYS C 381 32.97 3.92 -13.48
CA CYS C 381 34.28 4.39 -14.00
C CYS C 381 34.64 3.73 -15.32
N ASN C 382 35.27 4.47 -16.23
CA ASN C 382 35.69 3.94 -17.56
C ASN C 382 37.01 3.20 -17.39
N THR C 383 37.10 1.95 -17.82
CA THR C 383 38.32 1.15 -17.57
C THR C 383 39.23 1.18 -18.78
N SER C 384 38.85 1.91 -19.83
CA SER C 384 39.63 1.91 -21.07
C SER C 384 41.10 2.18 -20.79
N GLY C 385 41.40 2.89 -19.70
CA GLY C 385 42.78 3.18 -19.36
C GLY C 385 43.56 2.02 -18.76
N LEU C 386 42.88 0.91 -18.47
CA LEU C 386 43.50 -0.27 -17.88
C LEU C 386 43.68 -1.40 -18.90
N PHE C 387 42.60 -1.82 -19.55
CA PHE C 387 42.65 -2.89 -20.54
C PHE C 387 43.00 -2.33 -21.92
N ASN C 388 44.16 -1.69 -21.99
CA ASN C 388 44.66 -1.07 -23.23
C ASN C 388 46.16 -1.36 -23.32
N SER C 389 46.50 -2.50 -23.92
CA SER C 389 47.90 -2.89 -24.09
C SER C 389 47.95 -4.21 -24.84
N THR C 390 49.15 -4.53 -25.34
CA THR C 390 49.42 -5.77 -26.06
C THR C 390 50.65 -6.41 -25.44
N TRP C 391 50.62 -7.72 -25.27
CA TRP C 391 51.72 -8.46 -24.67
C TRP C 391 52.18 -9.57 -25.61
N TYR C 392 53.48 -9.61 -25.88
CA TYR C 392 54.07 -10.61 -26.75
C TYR C 392 54.56 -11.79 -25.91
N VAL C 393 55.20 -12.76 -26.58
CA VAL C 393 55.68 -13.97 -25.86
C VAL C 393 56.57 -13.53 -24.67
N ASN C 394 57.37 -12.49 -24.85
CA ASN C 394 58.36 -12.16 -23.79
C ASN C 394 58.24 -10.72 -23.29
N SER C 395 57.31 -9.94 -23.84
CA SER C 395 57.18 -8.52 -23.44
C SER C 395 57.28 -8.43 -21.92
N THR C 396 58.03 -7.46 -21.39
CA THR C 396 58.24 -7.39 -19.93
C THR C 396 57.94 -5.99 -19.43
N TRP C 397 57.08 -5.88 -18.41
CA TRP C 397 56.79 -4.55 -17.81
C TRP C 397 58.11 -3.88 -17.42
N ASN C 398 59.12 -4.66 -16.98
CA ASN C 398 60.35 -3.98 -16.57
C ASN C 398 60.06 -2.74 -15.72
N SER C 406 58.75 4.76 -9.51
CA SER C 406 57.87 5.92 -9.83
C SER C 406 56.41 5.55 -9.61
N ASN C 407 55.57 6.55 -9.33
CA ASN C 407 54.15 6.29 -9.10
C ASN C 407 53.41 6.16 -10.42
N ASP C 408 53.32 7.26 -11.18
CA ASP C 408 52.64 7.28 -12.48
C ASP C 408 51.25 6.67 -12.39
N THR C 409 50.53 7.00 -11.32
CA THR C 409 49.19 6.45 -11.10
C THR C 409 48.26 6.76 -12.26
N ILE C 410 47.48 5.74 -12.65
CA ILE C 410 46.51 5.88 -13.73
C ILE C 410 45.24 6.51 -13.18
N THR C 411 44.57 7.30 -14.00
CA THR C 411 43.33 7.97 -13.63
C THR C 411 42.17 7.44 -14.47
N LEU C 412 41.08 7.10 -13.80
CA LEU C 412 39.88 6.57 -14.45
C LEU C 412 38.71 7.53 -14.25
N PRO C 413 38.25 8.27 -15.26
CA PRO C 413 37.10 9.15 -15.03
C PRO C 413 35.87 8.32 -14.67
N CYS C 414 35.03 8.88 -13.81
CA CYS C 414 33.82 8.18 -13.35
C CYS C 414 32.60 9.07 -13.39
N ARG C 415 31.45 8.42 -13.54
CA ARG C 415 30.14 9.06 -13.57
C ARG C 415 29.35 8.55 -12.37
N ILE C 416 28.44 9.39 -11.86
CA ILE C 416 27.63 9.06 -10.71
C ILE C 416 26.16 9.19 -11.09
N LYS C 417 25.36 8.21 -10.67
CA LYS C 417 23.93 8.18 -10.93
C LYS C 417 23.16 7.97 -9.64
N GLN C 418 21.93 8.48 -9.62
CA GLN C 418 21.03 8.35 -8.48
C GLN C 418 19.97 7.29 -8.72
N ILE C 419 19.40 7.25 -9.93
CA ILE C 419 18.40 6.24 -10.28
C ILE C 419 19.18 5.04 -10.80
N ILE C 420 18.97 3.88 -10.18
CA ILE C 420 19.69 2.67 -10.56
C ILE C 420 18.77 1.46 -10.59
N ASN C 421 19.26 0.41 -11.27
CA ASN C 421 18.61 -0.88 -11.42
C ASN C 421 19.76 -1.86 -11.13
N MET C 422 19.91 -2.21 -9.86
CA MET C 422 21.01 -3.07 -9.44
C MET C 422 20.96 -4.44 -10.10
N TRP C 423 19.79 -5.06 -10.17
CA TRP C 423 19.64 -6.40 -10.73
C TRP C 423 19.14 -6.41 -12.17
N GLN C 424 19.25 -5.28 -12.88
CA GLN C 424 18.83 -5.18 -14.28
C GLN C 424 17.36 -5.54 -14.50
N ARG C 425 16.53 -5.41 -13.48
CA ARG C 425 15.12 -5.73 -13.59
C ARG C 425 14.33 -4.55 -14.10
N ALA C 426 13.27 -4.83 -14.87
CA ALA C 426 12.44 -3.77 -15.38
C ALA C 426 11.74 -3.09 -14.21
N GLY C 427 11.94 -1.78 -14.08
CA GLY C 427 11.34 -1.10 -12.96
C GLY C 427 12.08 -1.50 -11.69
N GLN C 428 11.40 -1.33 -10.56
CA GLN C 428 11.97 -1.67 -9.25
C GLN C 428 13.25 -0.88 -8.99
N CYS C 429 13.32 0.34 -9.50
CA CYS C 429 14.50 1.18 -9.34
C CYS C 429 14.53 1.79 -7.93
N MET C 430 15.66 2.43 -7.63
CA MET C 430 15.88 3.08 -6.34
C MET C 430 16.55 4.42 -6.60
N TYR C 431 16.31 5.36 -5.68
CA TYR C 431 16.90 6.70 -5.74
C TYR C 431 17.92 6.78 -4.60
N ALA C 432 19.19 6.82 -4.95
CA ALA C 432 20.23 6.90 -3.94
C ALA C 432 20.32 8.32 -3.41
N PRO C 433 20.09 8.57 -2.11
CA PRO C 433 20.17 9.93 -1.60
C PRO C 433 21.61 10.43 -1.65
N PRO C 434 21.83 11.73 -1.76
CA PRO C 434 23.21 12.24 -1.82
C PRO C 434 23.85 12.27 -0.44
N ILE C 435 25.09 11.78 -0.38
CA ILE C 435 25.83 11.76 0.89
C ILE C 435 26.48 13.13 1.09
N PRO C 436 26.24 13.81 2.22
CA PRO C 436 26.84 15.14 2.39
C PRO C 436 28.36 15.07 2.53
N GLY C 437 29.02 16.11 2.04
CA GLY C 437 30.46 16.20 2.11
C GLY C 437 31.17 15.30 1.11
N VAL C 438 32.49 15.41 1.12
CA VAL C 438 33.34 14.62 0.24
C VAL C 438 33.48 13.22 0.82
N ILE C 439 33.50 12.22 -0.07
CA ILE C 439 33.62 10.82 0.33
C ILE C 439 34.77 10.16 -0.40
N LYS C 440 35.47 9.29 0.30
CA LYS C 440 36.60 8.54 -0.24
C LYS C 440 36.48 7.09 0.22
N CYS C 441 36.93 6.17 -0.62
CA CYS C 441 36.87 4.76 -0.27
C CYS C 441 37.93 4.00 -1.05
N GLU C 442 38.67 3.13 -0.36
CA GLU C 442 39.71 2.32 -0.96
C GLU C 442 39.24 0.87 -1.04
N SER C 443 39.57 0.21 -2.14
CA SER C 443 39.17 -1.17 -2.36
C SER C 443 40.37 -2.00 -2.79
N ASN C 444 40.23 -3.31 -2.63
CA ASN C 444 41.25 -4.29 -2.97
C ASN C 444 40.79 -5.05 -4.21
N ILE C 445 41.42 -4.78 -5.35
CA ILE C 445 41.08 -5.46 -6.60
C ILE C 445 41.74 -6.83 -6.56
N THR C 446 40.94 -7.89 -6.56
CA THR C 446 41.44 -9.26 -6.51
C THR C 446 40.94 -10.14 -7.64
N GLY C 447 40.05 -9.65 -8.50
CA GLY C 447 39.55 -10.47 -9.60
C GLY C 447 39.09 -9.63 -10.76
N LEU C 448 39.06 -10.26 -11.93
CA LEU C 448 38.64 -9.62 -13.16
C LEU C 448 37.74 -10.55 -13.94
N LEU C 449 36.76 -9.97 -14.63
CA LEU C 449 35.81 -10.70 -15.45
C LEU C 449 36.15 -10.40 -16.90
N LEU C 450 36.78 -11.36 -17.59
CA LEU C 450 37.20 -11.20 -18.96
C LEU C 450 36.33 -12.01 -19.91
N THR C 451 36.32 -11.58 -21.17
CA THR C 451 35.56 -12.22 -22.23
C THR C 451 36.41 -12.19 -23.50
N ARG C 452 36.47 -13.32 -24.20
CA ARG C 452 37.26 -13.43 -25.42
C ARG C 452 36.39 -13.15 -26.64
N ASP C 453 36.94 -12.38 -27.58
CA ASP C 453 36.21 -12.06 -28.79
C ASP C 453 35.94 -13.31 -29.62
N GLY C 454 34.78 -13.34 -30.27
CA GLY C 454 34.40 -14.48 -31.08
C GLY C 454 34.99 -14.46 -32.49
N GLY C 455 36.31 -14.33 -32.59
CA GLY C 455 36.97 -14.31 -33.87
C GLY C 455 37.22 -15.71 -34.41
N LYS C 456 37.88 -15.76 -35.56
CA LYS C 456 38.21 -17.04 -36.19
C LYS C 456 39.25 -17.82 -35.39
N ASP C 457 40.02 -17.16 -34.53
CA ASP C 457 41.05 -17.77 -33.70
C ASP C 457 42.26 -18.26 -34.50
N ASN C 458 42.32 -17.97 -35.80
CA ASN C 458 43.44 -18.38 -36.63
C ASN C 458 44.56 -17.37 -36.67
N ASN C 459 44.40 -16.21 -36.03
CA ASN C 459 45.43 -15.19 -36.02
C ASN C 459 46.47 -15.50 -34.97
N VAL C 460 47.53 -14.69 -34.93
CA VAL C 460 48.61 -14.84 -33.97
C VAL C 460 48.35 -14.05 -32.69
N ASN C 461 47.14 -13.50 -32.54
CA ASN C 461 46.81 -12.72 -31.36
C ASN C 461 45.32 -12.87 -31.05
N GLU C 462 44.99 -12.74 -29.77
CA GLU C 462 43.62 -12.84 -29.29
C GLU C 462 43.33 -11.64 -28.40
N THR C 463 42.12 -11.10 -28.52
CA THR C 463 41.70 -9.94 -27.75
C THR C 463 40.76 -10.35 -26.62
N PHE C 464 40.96 -9.73 -25.45
CA PHE C 464 40.16 -9.98 -24.26
C PHE C 464 39.49 -8.69 -23.85
N ARG C 465 38.17 -8.73 -23.65
CA ARG C 465 37.37 -7.57 -23.28
C ARG C 465 36.83 -7.73 -21.86
N PRO C 466 36.86 -6.68 -21.01
CA PRO C 466 36.30 -6.85 -19.67
C PRO C 466 34.79 -6.90 -19.75
N GLY C 467 34.22 -8.10 -19.63
CA GLY C 467 32.79 -8.28 -19.73
C GLY C 467 32.11 -8.29 -18.37
N GLY C 468 30.95 -7.64 -18.29
CA GLY C 468 30.21 -7.61 -17.05
C GLY C 468 29.61 -8.96 -16.70
N GLY C 469 29.37 -9.80 -17.70
CA GLY C 469 28.79 -11.11 -17.45
C GLY C 469 27.44 -11.00 -16.79
N ASP C 470 27.27 -11.75 -15.71
CA ASP C 470 26.04 -11.77 -14.93
C ASP C 470 26.38 -11.47 -13.47
N MET C 471 25.41 -10.93 -12.75
CA MET C 471 25.64 -10.59 -11.35
C MET C 471 25.98 -11.83 -10.53
N ARG C 472 25.51 -13.00 -10.95
CA ARG C 472 25.80 -14.23 -10.22
C ARG C 472 27.27 -14.58 -10.26
N ASP C 473 28.02 -14.08 -11.26
CA ASP C 473 29.44 -14.38 -11.34
C ASP C 473 30.19 -13.83 -10.14
N ASN C 474 29.73 -12.70 -9.58
CA ASN C 474 30.40 -12.13 -8.42
C ASN C 474 30.34 -13.09 -7.24
N TRP C 475 29.19 -13.72 -7.03
CA TRP C 475 29.05 -14.68 -5.94
C TRP C 475 29.79 -15.98 -6.27
N ARG C 476 29.74 -16.38 -7.53
CA ARG C 476 30.41 -17.61 -7.96
C ARG C 476 31.91 -17.54 -7.79
N SER C 477 32.50 -16.34 -7.76
CA SER C 477 33.94 -16.22 -7.58
C SER C 477 34.39 -16.58 -6.17
N GLU C 478 33.48 -16.55 -5.19
CA GLU C 478 33.79 -16.86 -3.80
C GLU C 478 33.21 -18.17 -3.32
N LEU C 479 32.10 -18.63 -3.92
CA LEU C 479 31.47 -19.88 -3.52
C LEU C 479 32.01 -21.09 -4.28
N TYR C 480 33.02 -20.91 -5.13
CA TYR C 480 33.57 -22.04 -5.88
C TYR C 480 34.21 -23.06 -4.96
N LYS C 481 34.69 -22.65 -3.79
CA LYS C 481 35.35 -23.53 -2.84
C LYS C 481 34.36 -24.25 -1.92
N TYR C 482 33.08 -24.32 -2.26
CA TYR C 482 32.10 -24.97 -1.41
C TYR C 482 31.04 -25.69 -2.25
N LYS C 483 30.41 -26.68 -1.61
CA LYS C 483 29.34 -27.46 -2.21
C LYS C 483 28.54 -28.09 -1.07
N VAL C 484 27.22 -28.06 -1.19
CA VAL C 484 26.34 -28.60 -0.16
C VAL C 484 25.98 -30.05 -0.50
N VAL C 485 26.02 -30.91 0.53
CA VAL C 485 25.71 -32.32 0.38
C VAL C 485 24.80 -32.74 1.53
N GLU C 486 24.02 -33.80 1.30
CA GLU C 486 23.11 -34.34 2.29
C GLU C 486 23.70 -35.63 2.85
N ILE C 487 23.77 -35.71 4.17
CA ILE C 487 24.33 -36.88 4.85
C ILE C 487 23.22 -37.88 5.14
N GLU C 488 23.44 -39.13 4.76
CA GLU C 488 22.51 -40.22 4.98
C GLU C 488 23.05 -41.09 6.12
N PRO C 489 22.67 -40.83 7.37
CA PRO C 489 23.23 -41.63 8.48
C PRO C 489 22.92 -43.12 8.39
N LEU C 490 21.85 -43.53 7.71
CA LEU C 490 21.52 -44.95 7.63
C LEU C 490 22.40 -45.65 6.59
N GLY C 491 22.94 -46.80 6.98
CA GLY C 491 23.78 -47.58 6.10
C GLY C 491 23.49 -49.06 6.30
N VAL C 492 23.79 -49.85 5.26
CA VAL C 492 23.56 -51.29 5.28
C VAL C 492 24.82 -52.01 4.87
N ALA C 493 25.13 -53.10 5.57
CA ALA C 493 26.31 -53.92 5.29
C ALA C 493 26.12 -55.26 5.97
N PRO C 494 26.67 -56.35 5.42
CA PRO C 494 26.50 -57.66 6.04
C PRO C 494 27.63 -57.99 7.01
N THR C 495 27.42 -59.07 7.76
CA THR C 495 28.38 -59.55 8.74
C THR C 495 27.86 -60.84 9.33
N ARG C 496 28.78 -61.66 9.85
CA ARG C 496 28.44 -62.95 10.45
C ARG C 496 27.99 -62.73 11.90
N CYS C 497 26.80 -62.13 12.02
CA CYS C 497 26.21 -61.84 13.33
C CYS C 497 25.50 -63.08 13.86
N LYS C 498 24.83 -62.93 15.00
CA LYS C 498 24.08 -64.00 15.65
C LYS C 498 24.99 -65.19 15.97
N ARG C 499 26.05 -64.89 16.74
CA ARG C 499 27.02 -65.90 17.15
C ARG C 499 27.02 -66.03 18.68
N ARG D 8 41.01 -39.26 17.70
CA ARG D 8 39.61 -38.78 17.78
C ARG D 8 39.39 -37.68 16.74
N ARG D 9 38.81 -38.07 15.60
CA ARG D 9 38.54 -37.14 14.52
C ARG D 9 37.21 -36.43 14.76
N GLY D 10 37.11 -35.21 14.26
CA GLY D 10 35.90 -34.43 14.42
C GLY D 10 34.70 -35.00 13.67
N PHE D 11 33.67 -34.19 13.48
CA PHE D 11 32.47 -34.63 12.79
C PHE D 11 32.79 -34.98 11.34
N LEU D 12 32.34 -36.16 10.91
CA LEU D 12 32.54 -36.64 9.54
C LEU D 12 34.02 -36.73 9.17
N GLY D 13 34.90 -36.91 10.15
CA GLY D 13 36.33 -37.01 9.87
C GLY D 13 36.80 -38.38 9.44
N ALA D 14 35.99 -39.42 9.65
CA ALA D 14 36.35 -40.79 9.29
C ALA D 14 35.69 -41.24 7.99
N ALA D 15 35.35 -40.30 7.11
CA ALA D 15 34.70 -40.67 5.85
C ALA D 15 35.62 -41.50 4.96
N GLY D 16 36.90 -41.13 4.88
CA GLY D 16 37.83 -41.87 4.04
C GLY D 16 38.36 -43.15 4.65
N SER D 17 38.21 -43.31 5.96
CA SER D 17 38.70 -44.52 6.61
C SER D 17 37.88 -45.73 6.16
N THR D 18 38.48 -46.92 6.32
CA THR D 18 37.82 -48.14 5.93
C THR D 18 36.56 -48.36 6.77
N MET D 19 35.76 -49.34 6.34
CA MET D 19 34.53 -49.66 7.05
C MET D 19 34.79 -50.06 8.50
N GLY D 20 35.74 -50.98 8.70
CA GLY D 20 36.04 -51.43 10.05
C GLY D 20 36.49 -50.33 10.98
N ALA D 21 37.22 -49.35 10.45
CA ALA D 21 37.71 -48.24 11.26
C ALA D 21 36.72 -47.10 11.39
N ALA D 22 35.76 -46.99 10.47
CA ALA D 22 34.78 -45.90 10.53
C ALA D 22 33.57 -46.23 11.39
N SER D 23 33.36 -47.49 11.76
CA SER D 23 32.21 -47.85 12.58
C SER D 23 32.41 -47.56 14.07
N ILE D 24 33.62 -47.16 14.48
CA ILE D 24 33.88 -46.87 15.88
C ILE D 24 33.50 -45.44 16.27
N THR D 25 33.32 -44.54 15.31
CA THR D 25 32.99 -43.14 15.58
C THR D 25 31.59 -42.75 15.10
N LEU D 26 30.67 -43.72 14.95
CA LEU D 26 29.33 -43.39 14.49
C LEU D 26 28.61 -42.41 15.40
N THR D 27 28.96 -42.39 16.69
CA THR D 27 28.30 -41.51 17.64
C THR D 27 28.51 -40.04 17.29
N VAL D 28 29.69 -39.67 16.79
CA VAL D 28 29.93 -38.26 16.49
C VAL D 28 29.05 -37.81 15.34
N GLN D 29 28.87 -38.65 14.32
CA GLN D 29 28.00 -38.25 13.21
C GLN D 29 26.54 -38.27 13.61
N ALA D 30 26.15 -39.20 14.50
CA ALA D 30 24.77 -39.27 14.94
C ALA D 30 24.40 -38.10 15.84
N ARG D 31 25.37 -37.59 16.61
CA ARG D 31 25.08 -36.47 17.52
C ARG D 31 24.80 -35.18 16.76
N GLN D 32 25.52 -34.93 15.67
CA GLN D 32 25.36 -33.70 14.89
C GLN D 32 24.14 -33.70 13.98
N LEU D 33 23.22 -34.66 14.13
CA LEU D 33 22.04 -34.68 13.27
C LEU D 33 21.02 -33.62 13.65
N LEU D 34 21.10 -33.05 14.86
CA LEU D 34 20.18 -32.02 15.32
C LEU D 34 20.94 -30.91 16.03
N SER D 35 22.06 -30.49 15.46
CA SER D 35 22.87 -29.43 16.07
C SER D 35 23.88 -28.88 15.06
N GLN D 52 18.27 -16.13 18.86
CA GLN D 52 17.13 -15.31 19.34
C GLN D 52 15.85 -16.13 19.36
N HIS D 53 15.18 -16.15 20.52
CA HIS D 53 13.94 -16.91 20.64
C HIS D 53 12.85 -16.36 19.73
N LEU D 54 12.79 -15.03 19.57
CA LEU D 54 11.78 -14.43 18.72
C LEU D 54 12.10 -14.70 17.25
N LEU D 55 11.10 -14.49 16.40
CA LEU D 55 11.24 -14.69 14.96
C LEU D 55 10.61 -13.51 14.23
N LYS D 56 11.38 -12.89 13.34
CA LYS D 56 10.91 -11.74 12.59
C LYS D 56 10.10 -12.13 11.35
N LEU D 57 10.19 -13.38 10.92
CA LEU D 57 9.48 -13.87 9.74
C LEU D 57 9.91 -13.15 8.47
N GLY D 58 11.13 -12.62 8.45
CA GLY D 58 11.66 -11.92 7.30
C GLY D 58 12.32 -12.88 6.33
N VAL D 59 13.20 -12.33 5.50
CA VAL D 59 13.90 -13.17 4.52
C VAL D 59 14.76 -14.20 5.25
N TRP D 60 15.52 -13.76 6.25
CA TRP D 60 16.35 -14.69 6.99
C TRP D 60 15.51 -15.53 7.95
N GLY D 61 14.48 -14.92 8.55
CA GLY D 61 13.64 -15.66 9.47
C GLY D 61 12.87 -16.79 8.79
N ILE D 62 12.36 -16.52 7.58
CA ILE D 62 11.62 -17.55 6.87
C ILE D 62 12.53 -18.73 6.53
N LYS D 63 13.75 -18.44 6.08
CA LYS D 63 14.68 -19.51 5.74
C LYS D 63 15.06 -20.31 6.98
N GLN D 64 15.28 -19.61 8.11
CA GLN D 64 15.63 -20.32 9.34
C GLN D 64 14.50 -21.22 9.80
N LEU D 65 13.26 -20.74 9.70
CA LEU D 65 12.13 -21.56 10.10
C LEU D 65 12.04 -22.82 9.25
N GLN D 66 12.24 -22.67 7.93
CA GLN D 66 12.19 -23.84 7.06
C GLN D 66 13.35 -24.78 7.38
N ALA D 67 14.52 -24.23 7.67
CA ALA D 67 15.67 -25.06 7.99
C ALA D 67 15.43 -25.86 9.27
N ARG D 68 14.88 -25.23 10.30
CA ARG D 68 14.61 -25.93 11.55
C ARG D 68 13.56 -27.01 11.36
N VAL D 69 12.51 -26.71 10.59
CA VAL D 69 11.46 -27.70 10.36
C VAL D 69 12.01 -28.84 9.50
N LEU D 70 12.81 -28.51 8.48
CA LEU D 70 13.36 -29.54 7.61
C LEU D 70 14.29 -30.48 8.40
N ALA D 71 15.06 -29.93 9.34
CA ALA D 71 15.96 -30.75 10.13
C ALA D 71 15.20 -31.79 10.95
N VAL D 72 14.09 -31.37 11.57
CA VAL D 72 13.30 -32.31 12.38
C VAL D 72 12.72 -33.40 11.50
N GLU D 73 12.19 -33.03 10.33
CA GLU D 73 11.62 -34.03 9.43
C GLU D 73 12.69 -34.99 8.95
N ARG D 74 13.88 -34.48 8.65
CA ARG D 74 14.96 -35.35 8.19
C ARG D 74 15.35 -36.36 9.27
N TYR D 75 15.44 -35.91 10.52
CA TYR D 75 15.79 -36.81 11.61
C TYR D 75 14.69 -37.83 11.87
N LEU D 76 13.44 -37.36 11.92
CA LEU D 76 12.32 -38.27 12.17
C LEU D 76 12.16 -39.26 11.01
N ARG D 77 12.33 -38.79 9.78
CA ARG D 77 12.21 -39.67 8.63
C ARG D 77 13.21 -40.81 8.69
N ASP D 78 14.40 -40.55 9.26
CA ASP D 78 15.43 -41.57 9.38
C ASP D 78 15.30 -42.35 10.67
N GLN D 79 14.77 -41.72 11.74
CA GLN D 79 14.62 -42.41 13.02
C GLN D 79 13.42 -43.35 13.03
N GLN D 80 12.33 -43.00 12.34
CA GLN D 80 11.16 -43.87 12.34
C GLN D 80 11.45 -45.22 11.71
N LEU D 81 12.38 -45.26 10.74
CA LEU D 81 12.71 -46.54 10.11
C LEU D 81 13.30 -47.50 11.13
N LEU D 82 14.16 -46.99 12.02
CA LEU D 82 14.75 -47.86 13.04
C LEU D 82 13.69 -48.35 14.02
N GLY D 83 12.67 -47.54 14.28
CA GLY D 83 11.61 -47.95 15.20
C GLY D 83 10.83 -49.14 14.69
N ILE D 84 10.37 -49.07 13.43
CA ILE D 84 9.62 -50.19 12.88
C ILE D 84 10.52 -51.41 12.73
N TRP D 85 11.79 -51.20 12.40
CA TRP D 85 12.73 -52.30 12.26
C TRP D 85 13.13 -52.90 13.61
N GLY D 86 12.74 -52.28 14.71
CA GLY D 86 13.09 -52.80 16.03
C GLY D 86 14.50 -52.49 16.47
N CYS D 87 15.12 -51.45 15.91
CA CYS D 87 16.49 -51.07 16.25
C CYS D 87 16.58 -49.67 16.86
N SER D 88 15.46 -49.12 17.34
CA SER D 88 15.50 -47.80 17.94
C SER D 88 16.33 -47.82 19.22
N GLY D 89 17.03 -46.72 19.48
CA GLY D 89 17.87 -46.63 20.65
C GLY D 89 19.18 -47.37 20.54
N LYS D 90 19.54 -47.85 19.35
CA LYS D 90 20.78 -48.57 19.13
C LYS D 90 21.46 -48.05 17.87
N LEU D 91 22.79 -48.14 17.86
CA LEU D 91 23.59 -47.70 16.73
C LEU D 91 23.87 -48.83 15.75
N ILE D 92 23.99 -50.05 16.26
CA ILE D 92 24.26 -51.24 15.44
C ILE D 92 23.25 -52.31 15.86
N CYS D 93 22.70 -53.02 14.88
CA CYS D 93 21.74 -54.07 15.17
C CYS D 93 21.74 -55.05 14.00
N CYS D 94 21.48 -56.32 14.34
CA CYS D 94 21.44 -57.40 13.37
C CYS D 94 20.01 -57.87 13.18
N THR D 95 19.56 -57.90 11.92
CA THR D 95 18.21 -58.32 11.59
C THR D 95 18.19 -59.81 11.24
N ASN D 96 16.99 -60.34 11.03
CA ASN D 96 16.80 -61.74 10.69
C ASN D 96 16.81 -62.01 9.19
N VAL D 97 16.96 -60.99 8.36
CA VAL D 97 16.98 -61.17 6.92
C VAL D 97 18.35 -61.69 6.50
N PRO D 98 18.48 -62.88 5.90
CA PRO D 98 19.81 -63.34 5.49
C PRO D 98 20.33 -62.56 4.29
N TRP D 99 21.66 -62.49 4.21
CA TRP D 99 22.28 -61.77 3.11
C TRP D 99 22.18 -62.58 1.82
N ASN D 100 21.98 -61.86 0.71
CA ASN D 100 21.85 -62.45 -0.62
C ASN D 100 23.12 -62.12 -1.40
N SER D 101 23.77 -63.15 -1.93
CA SER D 101 25.00 -62.94 -2.70
C SER D 101 24.76 -62.12 -3.96
N SER D 102 23.52 -62.09 -4.47
CA SER D 102 23.24 -61.32 -5.67
C SER D 102 23.53 -59.85 -5.46
N TRP D 103 23.24 -59.32 -4.26
CA TRP D 103 23.51 -57.91 -3.99
C TRP D 103 25.00 -57.62 -4.04
N SER D 104 25.82 -58.52 -3.51
CA SER D 104 27.27 -58.33 -3.52
C SER D 104 27.93 -59.68 -3.24
N ASN D 105 28.87 -60.07 -4.10
CA ASN D 105 29.59 -61.32 -3.97
C ASN D 105 30.97 -61.16 -3.36
N LYS D 106 31.29 -59.98 -2.83
CA LYS D 106 32.60 -59.76 -2.25
C LYS D 106 32.74 -60.48 -0.91
N SER D 107 33.98 -60.76 -0.54
CA SER D 107 34.27 -61.45 0.71
C SER D 107 34.05 -60.52 1.90
N LEU D 108 33.94 -61.13 3.08
CA LEU D 108 33.73 -60.39 4.32
C LEU D 108 34.97 -59.68 4.82
N ASP D 109 36.14 -59.94 4.23
CA ASP D 109 37.38 -59.30 4.66
C ASP D 109 37.63 -57.99 3.91
N GLU D 110 37.51 -58.00 2.59
CA GLU D 110 37.78 -56.80 1.81
C GLU D 110 36.79 -55.68 2.12
N ILE D 111 35.52 -56.03 2.33
CA ILE D 111 34.52 -55.00 2.59
C ILE D 111 34.76 -54.32 3.94
N TRP D 112 35.11 -55.09 4.97
CA TRP D 112 35.32 -54.52 6.30
C TRP D 112 36.73 -54.02 6.56
N ASN D 113 37.73 -54.52 5.84
CA ASN D 113 39.12 -54.11 6.06
C ASN D 113 39.75 -53.35 4.91
N ASN D 114 39.13 -53.33 3.73
CA ASN D 114 39.70 -52.64 2.57
C ASN D 114 38.80 -51.57 1.97
N MET D 115 37.51 -51.85 1.79
CA MET D 115 36.60 -50.89 1.19
C MET D 115 36.06 -49.89 2.22
N THR D 116 35.70 -48.71 1.73
CA THR D 116 35.14 -47.63 2.53
C THR D 116 33.63 -47.56 2.32
N TRP D 117 32.97 -46.78 3.17
CA TRP D 117 31.51 -46.66 3.10
C TRP D 117 31.06 -46.01 1.79
N LEU D 118 31.77 -44.97 1.33
CA LEU D 118 31.35 -44.29 0.11
C LEU D 118 31.36 -45.22 -1.09
N GLN D 119 32.40 -46.04 -1.24
CA GLN D 119 32.47 -46.95 -2.37
C GLN D 119 31.36 -48.00 -2.32
N TRP D 120 31.00 -48.45 -1.11
CA TRP D 120 29.95 -49.44 -0.97
C TRP D 120 28.56 -48.85 -1.19
N ASP D 121 28.39 -47.56 -0.91
CA ASP D 121 27.09 -46.93 -1.07
C ASP D 121 26.62 -46.98 -2.52
N LYS D 122 27.55 -46.99 -3.48
CA LYS D 122 27.22 -47.05 -4.89
C LYS D 122 27.12 -48.47 -5.43
N GLU D 123 26.88 -49.45 -4.55
CA GLU D 123 26.73 -50.85 -4.92
C GLU D 123 25.44 -51.47 -4.41
N ILE D 124 24.94 -51.04 -3.25
CA ILE D 124 23.71 -51.56 -2.67
C ILE D 124 22.52 -50.63 -2.95
N GLY D 125 22.77 -49.41 -3.45
CA GLY D 125 21.70 -48.45 -3.75
C GLY D 125 20.59 -49.08 -4.59
N ASN D 126 20.95 -49.93 -5.56
CA ASN D 126 19.92 -50.55 -6.39
C ASN D 126 19.03 -51.49 -5.59
N TYR D 127 19.55 -52.06 -4.50
CA TYR D 127 18.80 -52.99 -3.66
C TYR D 127 18.53 -52.43 -2.26
N THR D 128 18.72 -51.12 -2.04
CA THR D 128 18.49 -50.56 -0.72
C THR D 128 17.00 -50.59 -0.37
N GLN D 129 16.14 -50.16 -1.29
CA GLN D 129 14.71 -50.15 -1.01
C GLN D 129 14.17 -51.56 -0.79
N LEU D 130 14.63 -52.51 -1.60
CA LEU D 130 14.16 -53.88 -1.45
C LEU D 130 14.55 -54.47 -0.10
N ILE D 131 15.77 -54.16 0.36
CA ILE D 131 16.23 -54.67 1.65
C ILE D 131 15.37 -54.10 2.79
N TYR D 132 14.98 -52.83 2.68
CA TYR D 132 14.17 -52.23 3.73
C TYR D 132 12.82 -52.92 3.88
N ARG D 133 12.16 -53.23 2.76
CA ARG D 133 10.87 -53.90 2.83
C ARG D 133 11.00 -55.30 3.41
N LEU D 134 12.09 -56.00 3.07
CA LEU D 134 12.29 -57.35 3.60
C LEU D 134 12.45 -57.33 5.10
N ILE D 135 13.14 -56.31 5.63
CA ILE D 135 13.36 -56.23 7.08
C ILE D 135 12.05 -55.96 7.81
N GLU D 136 11.19 -55.12 7.23
CA GLU D 136 9.91 -54.79 7.87
C GLU D 136 9.05 -56.03 8.05
N GLU D 137 8.74 -56.73 6.96
CA GLU D 137 7.91 -57.92 7.06
C GLU D 137 8.57 -58.98 7.93
N SER D 138 9.91 -59.04 7.93
CA SER D 138 10.59 -60.02 8.76
C SER D 138 10.45 -59.68 10.24
N GLN D 139 10.49 -58.40 10.58
CA GLN D 139 10.36 -57.98 11.97
C GLN D 139 8.93 -58.17 12.47
N ASN D 140 7.94 -57.79 11.64
CA ASN D 140 6.55 -57.94 12.05
C ASN D 140 6.18 -59.40 12.24
N GLN D 141 6.65 -60.28 11.33
CA GLN D 141 6.34 -61.69 11.47
C GLN D 141 6.94 -62.24 12.76
N GLN D 142 8.19 -61.88 13.05
CA GLN D 142 8.82 -62.33 14.30
C GLN D 142 8.05 -61.78 15.49
N GLU D 143 7.67 -60.50 15.42
CA GLU D 143 6.85 -59.93 16.52
C GLU D 143 5.56 -60.75 16.64
N LYS D 144 4.91 -60.99 15.52
CA LYS D 144 3.63 -61.73 15.52
C LYS D 144 3.84 -63.13 16.09
N ASN D 145 4.91 -63.81 15.68
CA ASN D 145 5.15 -65.17 16.15
C ASN D 145 5.51 -65.22 17.63
N GLU D 146 6.38 -64.33 18.10
CA GLU D 146 6.78 -64.37 19.51
C GLU D 146 5.64 -63.93 20.42
N LYS D 147 5.22 -62.68 20.31
CA LYS D 147 4.12 -62.19 21.16
C LYS D 147 2.78 -62.72 20.64
N GLU D 148 1.69 -62.23 21.23
CA GLU D 148 0.33 -62.66 20.90
C GLU D 148 0.22 -64.16 21.20
N LEU D 149 0.25 -64.46 22.50
CA LEU D 149 0.17 -65.85 22.91
C LEU D 149 -1.13 -66.50 22.47
N LEU D 150 -2.18 -65.71 22.26
CA LEU D 150 -3.47 -66.23 21.80
C LEU D 150 -4.38 -65.06 21.42
N ASN E 38 -4.90 -65.85 33.37
CA ASN E 38 -5.68 -64.59 33.29
C ASN E 38 -5.37 -63.85 31.99
N LEU E 39 -5.78 -62.58 31.91
CA LEU E 39 -5.56 -61.76 30.73
C LEU E 39 -4.86 -60.46 31.12
N TRP E 40 -4.05 -59.95 30.18
CA TRP E 40 -3.31 -58.72 30.37
C TRP E 40 -3.63 -57.77 29.21
N VAL E 41 -3.65 -56.48 29.51
CA VAL E 41 -3.95 -55.47 28.50
C VAL E 41 -2.70 -55.23 27.66
N THR E 42 -2.86 -55.22 26.35
CA THR E 42 -1.76 -54.99 25.41
C THR E 42 -2.12 -53.84 24.48
N VAL E 43 -1.11 -53.13 24.03
CA VAL E 43 -1.26 -51.97 23.15
C VAL E 43 -0.67 -52.33 21.79
N TYR E 44 -1.42 -52.04 20.74
CA TYR E 44 -1.02 -52.32 19.36
C TYR E 44 -0.79 -50.99 18.63
N TYR E 45 0.34 -50.88 17.95
CA TYR E 45 0.71 -49.69 17.20
C TYR E 45 0.42 -49.92 15.72
N GLY E 46 -0.14 -48.90 15.07
CA GLY E 46 -0.47 -49.01 13.67
C GLY E 46 -1.78 -49.71 13.40
N VAL E 47 -2.70 -49.68 14.35
CA VAL E 47 -4.00 -50.35 14.18
C VAL E 47 -4.79 -49.63 13.10
N PRO E 48 -5.57 -50.36 12.25
CA PRO E 48 -6.34 -49.67 11.20
C PRO E 48 -7.72 -49.17 11.65
N VAL E 49 -7.73 -48.01 12.32
CA VAL E 49 -8.95 -47.38 12.80
C VAL E 49 -8.88 -45.90 12.45
N TRP E 50 -10.03 -45.24 12.45
CA TRP E 50 -10.07 -43.82 12.12
C TRP E 50 -11.30 -43.18 12.72
N ARG E 51 -11.32 -41.84 12.66
CA ARG E 51 -12.42 -41.03 13.17
C ARG E 51 -12.52 -39.77 12.32
N ASP E 52 -13.69 -39.14 12.34
CA ASP E 52 -13.88 -37.91 11.60
C ASP E 52 -13.07 -36.80 12.22
N ALA E 53 -12.40 -35.99 11.40
CA ALA E 53 -11.59 -34.90 11.89
C ALA E 53 -11.43 -33.85 10.78
N GLU E 54 -10.97 -32.67 11.18
CA GLU E 54 -10.74 -31.54 10.29
C GLU E 54 -9.26 -31.27 10.24
N THR E 55 -8.73 -30.99 9.05
CA THR E 55 -7.31 -30.72 8.88
C THR E 55 -7.10 -29.78 7.71
N THR E 56 -5.90 -29.22 7.64
CA THR E 56 -5.52 -28.30 6.57
C THR E 56 -5.04 -29.13 5.38
N LEU E 57 -5.87 -29.23 4.36
CA LEU E 57 -5.52 -30.00 3.17
C LEU E 57 -4.65 -29.16 2.25
N PHE E 58 -3.57 -29.76 1.75
CA PHE E 58 -2.63 -29.05 0.86
C PHE E 58 -2.90 -29.42 -0.59
N CYS E 59 -2.52 -28.55 -1.53
CA CYS E 59 -2.82 -28.80 -2.96
C CYS E 59 -1.78 -29.71 -3.60
N ALA E 60 -2.16 -30.47 -4.62
CA ALA E 60 -1.17 -31.26 -5.38
C ALA E 60 -1.55 -31.20 -6.86
N SER E 61 -0.60 -30.95 -7.78
CA SER E 61 -0.99 -30.78 -9.20
C SER E 61 0.10 -31.31 -10.14
N ASP E 62 -0.27 -31.70 -11.36
CA ASP E 62 0.74 -32.12 -12.33
C ASP E 62 1.45 -30.86 -12.84
N ALA E 63 2.38 -30.38 -12.03
CA ALA E 63 3.14 -29.19 -12.38
C ALA E 63 4.00 -29.43 -13.61
N LYS E 64 4.17 -28.38 -14.41
CA LYS E 64 4.97 -28.46 -15.63
C LYS E 64 5.87 -27.23 -15.75
N GLU E 69 7.06 -21.04 -17.11
CA GLU E 69 5.70 -21.37 -17.60
C GLU E 69 4.72 -20.25 -17.25
N LYS E 70 3.68 -20.09 -18.06
CA LYS E 70 2.70 -19.05 -17.83
C LYS E 70 1.99 -19.27 -16.49
N HIS E 71 1.73 -18.19 -15.78
CA HIS E 71 1.07 -18.24 -14.49
C HIS E 71 -0.45 -18.22 -14.66
N ASN E 72 -1.14 -18.58 -13.57
CA ASN E 72 -2.60 -18.61 -13.56
C ASN E 72 -3.08 -17.98 -12.26
N VAL E 73 -4.37 -17.60 -12.25
CA VAL E 73 -4.95 -16.97 -11.06
C VAL E 73 -4.94 -17.92 -9.87
N TRP E 74 -4.96 -19.23 -10.12
CA TRP E 74 -4.97 -20.20 -9.03
C TRP E 74 -3.59 -20.41 -8.41
N ALA E 75 -2.53 -19.88 -9.03
CA ALA E 75 -1.17 -20.00 -8.52
C ALA E 75 -0.77 -21.44 -8.29
N THR E 76 -1.05 -22.30 -9.29
CA THR E 76 -0.70 -23.70 -9.17
C THR E 76 0.81 -23.94 -9.28
N HIS E 77 1.57 -22.93 -9.71
CA HIS E 77 3.02 -23.12 -9.82
C HIS E 77 3.66 -23.38 -8.46
N ALA E 78 3.10 -22.81 -7.39
CA ALA E 78 3.62 -23.00 -6.05
C ALA E 78 3.08 -24.25 -5.37
N CYS E 79 2.14 -24.95 -6.01
CA CYS E 79 1.56 -26.15 -5.43
C CYS E 79 2.55 -27.32 -5.51
N VAL E 80 2.34 -28.29 -4.64
CA VAL E 80 3.21 -29.48 -4.59
C VAL E 80 3.00 -30.31 -5.85
N PRO E 81 4.02 -30.92 -6.44
CA PRO E 81 3.79 -31.74 -7.64
C PRO E 81 3.12 -33.05 -7.29
N THR E 82 2.11 -33.43 -8.06
CA THR E 82 1.39 -34.66 -7.81
C THR E 82 2.22 -35.87 -8.22
N ASP E 83 1.90 -37.01 -7.61
CA ASP E 83 2.62 -38.24 -7.91
C ASP E 83 2.24 -38.74 -9.30
N PRO E 84 3.11 -39.53 -9.95
CA PRO E 84 2.78 -40.03 -11.28
C PRO E 84 1.78 -41.19 -11.25
N ASN E 85 1.82 -41.98 -10.18
CA ASN E 85 0.93 -43.13 -10.01
C ASN E 85 0.30 -43.06 -8.62
N PRO E 86 -0.74 -42.25 -8.44
CA PRO E 86 -1.37 -42.16 -7.12
C PRO E 86 -1.90 -43.51 -6.66
N GLN E 87 -1.72 -43.80 -5.38
CA GLN E 87 -2.15 -45.08 -4.82
C GLN E 87 -3.60 -45.01 -4.35
N GLU E 88 -4.35 -46.06 -4.66
CA GLU E 88 -5.75 -46.21 -4.27
C GLU E 88 -5.93 -47.63 -3.80
N ILE E 89 -6.62 -47.79 -2.67
CA ILE E 89 -6.87 -49.10 -2.08
C ILE E 89 -8.35 -49.28 -1.84
N HIS E 90 -8.85 -50.49 -2.10
CA HIS E 90 -10.24 -50.84 -1.92
C HIS E 90 -10.39 -51.55 -0.58
N LEU E 91 -11.30 -51.07 0.26
CA LEU E 91 -11.53 -51.64 1.57
C LEU E 91 -12.58 -52.74 1.49
N ASP E 92 -12.19 -53.96 1.82
CA ASP E 92 -13.09 -55.11 1.82
C ASP E 92 -13.78 -55.21 3.16
N ASN E 93 -15.03 -55.66 3.16
CA ASN E 93 -15.85 -55.82 4.35
C ASN E 93 -16.09 -54.50 5.09
N VAL E 94 -15.83 -53.35 4.46
CA VAL E 94 -15.97 -52.06 5.10
C VAL E 94 -17.16 -51.29 4.53
N THR E 95 -17.92 -50.66 5.42
CA THR E 95 -19.07 -49.84 5.10
C THR E 95 -18.97 -48.60 5.99
N GLU E 96 -18.89 -47.43 5.38
CA GLU E 96 -18.75 -46.17 6.11
C GLU E 96 -19.87 -45.21 5.77
N LYS E 97 -20.20 -44.36 6.74
CA LYS E 97 -21.23 -43.35 6.61
C LYS E 97 -20.65 -42.09 6.00
N PHE E 98 -21.40 -41.47 5.09
CA PHE E 98 -20.98 -40.25 4.41
C PHE E 98 -22.04 -39.17 4.55
N ASN E 99 -21.58 -37.92 4.52
CA ASN E 99 -22.47 -36.76 4.63
C ASN E 99 -21.82 -35.63 3.84
N MET E 100 -22.25 -35.44 2.60
CA MET E 100 -21.67 -34.40 1.77
C MET E 100 -22.11 -33.01 2.22
N TRP E 101 -23.28 -32.91 2.86
CA TRP E 101 -23.75 -31.60 3.32
C TRP E 101 -22.98 -31.11 4.52
N LYS E 102 -22.60 -32.01 5.43
CA LYS E 102 -21.85 -31.65 6.63
C LYS E 102 -20.34 -31.80 6.43
N ASN E 103 -19.90 -32.07 5.21
CA ASN E 103 -18.48 -32.22 4.93
C ASN E 103 -17.75 -30.90 5.14
N ASN E 104 -16.51 -31.01 5.64
CA ASN E 104 -15.67 -29.84 5.89
C ASN E 104 -14.80 -29.47 4.70
N MET E 105 -14.56 -30.41 3.77
CA MET E 105 -13.74 -30.12 2.61
C MET E 105 -14.35 -29.02 1.75
N VAL E 106 -15.68 -29.04 1.58
CA VAL E 106 -16.33 -28.01 0.77
C VAL E 106 -16.13 -26.63 1.38
N GLU E 107 -16.25 -26.52 2.70
CA GLU E 107 -16.07 -25.22 3.35
C GLU E 107 -14.61 -24.78 3.28
N GLN E 108 -13.68 -25.71 3.50
CA GLN E 108 -12.26 -25.36 3.45
C GLN E 108 -11.84 -24.96 2.04
N MET E 109 -12.32 -25.66 1.02
CA MET E 109 -11.95 -25.32 -0.35
C MET E 109 -12.46 -23.93 -0.72
N HIS E 110 -13.64 -23.56 -0.23
CA HIS E 110 -14.20 -22.26 -0.55
C HIS E 110 -13.28 -21.14 -0.07
N THR E 111 -12.74 -21.27 1.14
CA THR E 111 -11.84 -20.26 1.67
C THR E 111 -10.54 -20.21 0.87
N ASP E 112 -10.03 -21.37 0.47
CA ASP E 112 -8.79 -21.41 -0.30
C ASP E 112 -8.96 -20.73 -1.65
N ILE E 113 -10.08 -20.97 -2.32
CA ILE E 113 -10.32 -20.35 -3.62
C ILE E 113 -10.39 -18.84 -3.47
N ILE E 114 -11.09 -18.36 -2.43
CA ILE E 114 -11.19 -16.92 -2.21
C ILE E 114 -9.82 -16.35 -1.88
N SER E 115 -9.04 -17.05 -1.04
CA SER E 115 -7.72 -16.55 -0.69
C SER E 115 -6.82 -16.47 -1.91
N LEU E 116 -6.85 -17.48 -2.77
CA LEU E 116 -6.02 -17.47 -3.97
C LEU E 116 -6.46 -16.35 -4.91
N TRP E 117 -7.77 -16.10 -4.98
CA TRP E 117 -8.28 -15.05 -5.85
C TRP E 117 -7.75 -13.68 -5.43
N ASP E 118 -7.73 -13.41 -4.12
CA ASP E 118 -7.23 -12.13 -3.65
C ASP E 118 -5.72 -12.04 -3.78
N GLN E 119 -5.01 -13.17 -3.59
CA GLN E 119 -3.56 -13.16 -3.70
C GLN E 119 -3.11 -12.78 -5.10
N SER E 120 -3.80 -13.29 -6.13
CA SER E 120 -3.42 -12.98 -7.51
C SER E 120 -3.66 -11.52 -7.86
N LEU E 121 -4.70 -10.91 -7.30
CA LEU E 121 -5.02 -9.52 -7.60
C LEU E 121 -4.24 -8.52 -6.76
N LYS E 122 -3.56 -8.96 -5.71
CA LYS E 122 -2.79 -8.02 -4.87
C LYS E 122 -1.69 -7.30 -5.63
N PRO E 123 -0.81 -7.97 -6.40
CA PRO E 123 0.24 -7.23 -7.10
C PRO E 123 -0.20 -6.49 -8.35
N CYS E 124 -1.46 -6.63 -8.78
CA CYS E 124 -1.90 -5.93 -9.97
C CYS E 124 -2.26 -4.47 -9.65
N VAL E 125 -2.34 -3.66 -10.71
CA VAL E 125 -2.65 -2.25 -10.57
C VAL E 125 -4.07 -2.06 -10.06
N LYS E 126 -4.27 -1.01 -9.26
CA LYS E 126 -5.56 -0.64 -8.71
C LYS E 126 -6.12 0.51 -9.54
N LEU E 127 -7.35 0.33 -10.05
CA LEU E 127 -7.98 1.34 -10.90
C LEU E 127 -8.67 2.42 -10.05
N THR E 128 -7.86 3.10 -9.23
CA THR E 128 -8.40 4.17 -8.41
C THR E 128 -8.70 5.46 -9.19
N PRO E 129 -7.92 5.85 -10.22
CA PRO E 129 -8.27 7.09 -10.91
C PRO E 129 -9.40 6.95 -11.93
N LEU E 130 -9.86 5.73 -12.21
CA LEU E 130 -10.93 5.54 -13.18
C LEU E 130 -12.25 6.12 -12.71
N CYS E 131 -12.41 6.39 -11.42
CA CYS E 131 -13.65 6.96 -10.88
C CYS E 131 -13.72 8.42 -11.26
N VAL E 132 -14.28 8.70 -12.43
CA VAL E 132 -14.43 10.06 -12.95
C VAL E 132 -15.71 10.11 -13.78
N THR E 133 -16.15 11.33 -14.10
CA THR E 133 -17.35 11.51 -14.90
C THR E 133 -17.07 11.04 -16.32
N LEU E 134 -18.00 10.25 -16.87
CA LEU E 134 -17.88 9.71 -18.22
C LEU E 134 -18.95 10.27 -19.14
N HIS E 135 -18.53 10.78 -20.28
CA HIS E 135 -19.43 11.32 -21.30
C HIS E 135 -19.53 10.27 -22.39
N CYS E 136 -20.71 9.66 -22.53
CA CYS E 136 -20.94 8.60 -23.49
C CYS E 136 -22.00 8.95 -24.52
N THR E 137 -21.95 8.22 -25.63
CA THR E 137 -22.86 8.35 -26.75
C THR E 137 -23.06 6.97 -27.36
N ASN E 138 -24.13 6.81 -28.12
CA ASN E 138 -24.42 5.53 -28.75
C ASN E 138 -23.32 5.15 -29.73
N VAL E 139 -23.02 3.85 -29.78
CA VAL E 139 -21.99 3.36 -30.68
C VAL E 139 -22.45 3.53 -32.13
N THR E 140 -21.50 3.76 -33.02
CA THR E 140 -21.80 3.94 -34.44
C THR E 140 -21.91 2.58 -35.14
N ASP E 147 -31.56 -6.15 -29.86
CA ASP E 147 -31.08 -4.76 -29.64
C ASP E 147 -29.59 -4.64 -29.95
N ARG E 148 -29.10 -3.41 -30.04
CA ARG E 148 -27.70 -3.13 -30.34
C ARG E 148 -27.12 -2.04 -29.46
N GLU E 149 -27.85 -1.58 -28.44
CA GLU E 149 -27.39 -0.53 -27.54
C GLU E 149 -26.66 -1.09 -26.32
N GLU E 150 -26.06 -2.27 -26.44
CA GLU E 150 -25.36 -2.89 -25.33
C GLU E 150 -24.06 -2.17 -24.99
N LEU E 151 -23.46 -1.46 -25.95
CA LEU E 151 -22.21 -0.73 -25.74
C LEU E 151 -22.45 0.77 -25.73
N LYS E 152 -21.46 1.48 -25.19
CA LYS E 152 -21.51 2.94 -25.08
C LYS E 152 -20.11 3.49 -25.29
N ASN E 153 -19.94 4.35 -26.30
CA ASN E 153 -18.61 4.95 -26.62
C ASN E 153 -18.40 6.11 -25.68
N CYS E 154 -17.73 5.86 -24.57
CA CYS E 154 -17.48 6.85 -23.53
C CYS E 154 -16.13 7.54 -23.67
N SER E 155 -16.08 8.77 -23.16
CA SER E 155 -14.89 9.60 -23.16
C SER E 155 -14.73 10.18 -21.76
N PHE E 156 -13.49 10.39 -21.34
CA PHE E 156 -13.25 10.91 -20.00
C PHE E 156 -11.81 11.36 -19.86
N ASN E 157 -11.59 12.25 -18.90
CA ASN E 157 -10.26 12.75 -18.59
C ASN E 157 -9.48 11.69 -17.82
N MET E 158 -8.16 11.76 -17.89
CA MET E 158 -7.33 10.80 -17.19
C MET E 158 -5.93 11.36 -16.99
N THR E 159 -5.32 10.96 -15.87
CA THR E 159 -3.98 11.37 -15.52
C THR E 159 -2.98 10.62 -16.39
N THR E 160 -1.69 10.80 -16.10
CA THR E 160 -0.63 10.14 -16.83
C THR E 160 0.58 10.03 -15.93
N GLU E 161 1.71 9.57 -16.50
CA GLU E 161 2.93 9.45 -15.71
C GLU E 161 3.35 10.80 -15.16
N LEU E 162 3.23 11.86 -15.97
CA LEU E 162 3.59 13.20 -15.53
C LEU E 162 2.45 13.70 -14.65
N ARG E 163 2.75 13.94 -13.36
CA ARG E 163 1.73 14.41 -12.44
C ARG E 163 1.15 15.75 -12.84
N ASP E 164 1.95 16.62 -13.46
CA ASP E 164 1.50 17.94 -13.86
C ASP E 164 0.87 17.96 -15.25
N LYS E 165 0.37 16.82 -15.73
CA LYS E 165 -0.27 16.74 -17.04
C LYS E 165 -1.39 15.72 -17.00
N ARG E 166 -2.39 15.94 -17.85
CA ARG E 166 -3.55 15.06 -17.96
C ARG E 166 -3.79 14.76 -19.44
N GLN E 167 -4.66 13.78 -19.70
CA GLN E 167 -4.98 13.38 -21.06
C GLN E 167 -6.44 13.00 -21.17
N LYS E 168 -7.00 13.23 -22.35
CA LYS E 168 -8.39 12.89 -22.66
C LYS E 168 -8.37 11.64 -23.51
N VAL E 169 -9.06 10.60 -23.05
CA VAL E 169 -9.12 9.32 -23.74
C VAL E 169 -10.57 8.91 -23.93
N TYR E 170 -10.75 7.82 -24.68
CA TYR E 170 -12.08 7.29 -24.96
C TYR E 170 -11.98 5.78 -25.06
N SER E 171 -13.08 5.11 -24.77
CA SER E 171 -13.15 3.65 -24.83
C SER E 171 -14.59 3.22 -24.62
N LEU E 172 -14.98 2.13 -25.27
CA LEU E 172 -16.33 1.62 -25.13
C LEU E 172 -16.52 1.04 -23.73
N PHE E 173 -17.79 0.85 -23.37
CA PHE E 173 -18.13 0.29 -22.07
C PHE E 173 -19.51 -0.35 -22.15
N TYR E 174 -19.63 -1.55 -21.60
CA TYR E 174 -20.91 -2.24 -21.59
C TYR E 174 -21.90 -1.48 -20.72
N ARG E 175 -23.17 -1.49 -21.11
CA ARG E 175 -24.18 -0.77 -20.33
C ARG E 175 -24.29 -1.30 -18.91
N LEU E 176 -24.09 -2.61 -18.72
CA LEU E 176 -24.19 -3.18 -17.38
C LEU E 176 -23.08 -2.68 -16.45
N ASP E 177 -21.99 -2.17 -17.00
CA ASP E 177 -20.87 -1.66 -16.23
C ASP E 177 -20.92 -0.14 -16.02
N ILE E 178 -22.04 0.49 -16.39
CA ILE E 178 -22.19 1.93 -16.28
C ILE E 178 -23.50 2.25 -15.55
N VAL E 179 -23.46 3.31 -14.74
CA VAL E 179 -24.62 3.77 -13.97
C VAL E 179 -24.78 5.27 -14.22
N PRO E 180 -25.98 5.78 -14.51
CA PRO E 180 -26.11 7.22 -14.75
C PRO E 180 -25.91 8.04 -13.48
N ILE E 181 -25.49 9.29 -13.67
CA ILE E 181 -25.25 10.23 -12.59
C ILE E 181 -26.34 11.29 -12.66
N ASN E 182 -26.96 11.57 -11.52
CA ASN E 182 -28.04 12.55 -11.34
C ASN E 182 -29.37 12.08 -11.92
N GLU E 183 -29.43 10.93 -12.60
CA GLU E 183 -30.65 10.44 -13.20
C GLU E 183 -31.20 11.48 -14.18
N ASN E 184 -30.29 12.19 -14.84
CA ASN E 184 -30.61 13.23 -15.81
C ASN E 184 -29.31 13.53 -16.54
N GLN E 185 -29.41 14.23 -17.67
CA GLN E 185 -28.24 14.55 -18.48
C GLN E 185 -27.52 13.26 -18.89
N GLY E 186 -28.21 12.52 -19.77
CA GLY E 186 -27.74 11.24 -20.26
C GLY E 186 -26.27 11.13 -20.62
N SER E 187 -25.64 12.25 -20.97
CA SER E 187 -24.22 12.22 -21.28
C SER E 187 -23.40 11.73 -20.09
N GLU E 188 -23.70 12.28 -18.91
CA GLU E 188 -22.98 11.89 -17.70
C GLU E 188 -23.22 10.41 -17.39
N TYR E 189 -22.15 9.76 -16.94
CA TYR E 189 -22.20 8.34 -16.59
C TYR E 189 -21.07 8.02 -15.62
N ARG E 190 -21.27 7.05 -14.74
CA ARG E 190 -20.27 6.66 -13.75
C ARG E 190 -20.14 5.15 -13.73
N LEU E 191 -18.93 4.67 -13.42
CA LEU E 191 -18.70 3.21 -13.30
C LEU E 191 -19.50 2.69 -12.10
N ILE E 192 -20.13 1.54 -12.21
CA ILE E 192 -21.05 1.05 -11.14
C ILE E 192 -20.33 0.92 -9.80
N ASN E 193 -19.18 0.27 -9.76
CA ASN E 193 -18.50 -0.01 -8.48
C ASN E 193 -17.94 1.23 -7.81
N CYS E 194 -17.92 2.34 -8.52
CA CYS E 194 -17.21 3.53 -7.97
C CYS E 194 -17.65 4.00 -6.58
N ASN E 195 -18.90 3.78 -6.17
CA ASN E 195 -19.29 4.38 -4.91
C ASN E 195 -19.19 3.40 -3.74
N THR E 196 -18.63 2.21 -3.95
CA THR E 196 -18.50 1.22 -2.89
C THR E 196 -17.06 0.71 -2.75
N SER E 197 -16.32 0.68 -3.85
CA SER E 197 -14.93 0.20 -3.82
C SER E 197 -14.23 0.43 -5.16
N ALA E 198 -12.90 0.47 -5.13
CA ALA E 198 -12.10 0.67 -6.32
C ALA E 198 -11.65 -0.70 -6.82
N CYS E 199 -12.18 -1.12 -7.96
CA CYS E 199 -11.84 -2.43 -8.50
C CYS E 199 -10.38 -2.49 -8.93
N THR E 200 -9.80 -3.68 -8.78
CA THR E 200 -8.41 -3.94 -9.13
C THR E 200 -8.36 -4.62 -10.50
N GLN E 201 -7.60 -4.01 -11.42
CA GLN E 201 -7.49 -4.58 -12.75
C GLN E 201 -6.72 -5.89 -12.71
N ALA E 202 -7.23 -6.90 -13.39
CA ALA E 202 -6.56 -8.19 -13.42
C ALA E 202 -5.31 -8.11 -14.29
N CYS E 203 -4.24 -8.74 -13.82
CA CYS E 203 -2.99 -8.73 -14.57
C CYS E 203 -3.19 -9.47 -15.89
N PRO E 204 -2.89 -8.88 -17.05
CA PRO E 204 -3.10 -9.63 -18.31
C PRO E 204 -2.18 -10.82 -18.49
N LYS E 205 -1.08 -10.90 -17.74
CA LYS E 205 -0.16 -12.02 -17.89
C LYS E 205 -0.69 -13.32 -17.28
N VAL E 206 -1.60 -13.25 -16.31
CA VAL E 206 -2.16 -14.43 -15.67
C VAL E 206 -3.51 -14.75 -16.31
N SER E 207 -3.73 -16.03 -16.56
CA SER E 207 -4.97 -16.53 -17.16
C SER E 207 -5.83 -17.20 -16.12
N PHE E 208 -7.13 -17.30 -16.42
CA PHE E 208 -8.11 -17.92 -15.54
C PHE E 208 -8.42 -19.36 -15.94
N GLU E 209 -7.45 -20.06 -16.49
CA GLU E 209 -7.67 -21.45 -16.91
C GLU E 209 -7.90 -22.32 -15.67
N PRO E 210 -9.04 -23.02 -15.55
CA PRO E 210 -9.23 -23.86 -14.35
C PRO E 210 -8.61 -25.24 -14.49
N ILE E 211 -7.29 -25.30 -14.33
CA ILE E 211 -6.57 -26.56 -14.43
C ILE E 211 -6.92 -27.39 -13.20
N PRO E 212 -6.93 -28.72 -13.27
CA PRO E 212 -7.29 -29.52 -12.09
C PRO E 212 -6.27 -29.41 -10.98
N ILE E 213 -6.77 -29.52 -9.75
CA ILE E 213 -5.95 -29.48 -8.54
C ILE E 213 -6.42 -30.60 -7.63
N HIS E 214 -5.47 -31.36 -7.09
CA HIS E 214 -5.77 -32.49 -6.22
C HIS E 214 -5.56 -32.09 -4.76
N TYR E 215 -6.58 -32.34 -3.94
CA TYR E 215 -6.53 -32.03 -2.52
C TYR E 215 -6.00 -33.25 -1.77
N CYS E 216 -4.91 -33.08 -1.05
CA CYS E 216 -4.27 -34.14 -0.29
C CYS E 216 -4.32 -33.83 1.21
N ALA E 217 -4.31 -34.89 2.01
CA ALA E 217 -4.33 -34.78 3.46
C ALA E 217 -2.92 -34.95 4.02
N PRO E 218 -2.57 -34.33 5.14
CA PRO E 218 -1.21 -34.49 5.68
C PRO E 218 -0.97 -35.92 6.13
N ALA E 219 0.29 -36.20 6.46
CA ALA E 219 0.64 -37.53 6.93
C ALA E 219 -0.13 -37.82 8.22
N GLY E 220 -0.59 -39.05 8.36
CA GLY E 220 -1.38 -39.44 9.51
C GLY E 220 -2.86 -39.22 9.34
N PHE E 221 -3.31 -39.01 8.11
CA PHE E 221 -4.72 -38.78 7.79
C PHE E 221 -4.98 -39.40 6.43
N ALA E 222 -6.25 -39.63 6.12
CA ALA E 222 -6.61 -40.23 4.84
C ALA E 222 -7.98 -39.75 4.40
N ILE E 223 -8.25 -39.91 3.11
CA ILE E 223 -9.51 -39.52 2.48
C ILE E 223 -10.20 -40.79 2.04
N LEU E 224 -11.45 -40.99 2.49
CA LEU E 224 -12.24 -42.15 2.15
C LEU E 224 -13.16 -41.83 0.99
N LYS E 225 -13.13 -42.67 -0.04
CA LYS E 225 -13.95 -42.51 -1.23
C LYS E 225 -15.02 -43.59 -1.27
N CYS E 226 -16.25 -43.18 -1.58
CA CYS E 226 -17.38 -44.09 -1.68
C CYS E 226 -17.55 -44.50 -3.13
N LYS E 227 -17.38 -45.79 -3.41
CA LYS E 227 -17.47 -46.34 -4.76
C LYS E 227 -18.83 -46.98 -5.03
N ASP E 228 -19.82 -46.77 -4.17
CA ASP E 228 -21.13 -47.36 -4.38
C ASP E 228 -21.75 -46.82 -5.65
N GLU E 229 -22.39 -47.70 -6.42
CA GLU E 229 -23.02 -47.30 -7.67
C GLU E 229 -24.23 -46.42 -7.40
N GLY E 230 -24.29 -45.29 -8.09
CA GLY E 230 -25.40 -44.36 -7.94
C GLY E 230 -25.60 -43.85 -6.53
N PHE E 231 -24.51 -43.57 -5.82
CA PHE E 231 -24.63 -43.06 -4.46
C PHE E 231 -25.17 -41.64 -4.50
N ASN E 232 -26.18 -41.36 -3.67
CA ASN E 232 -26.79 -40.03 -3.64
C ASN E 232 -26.04 -39.04 -2.76
N GLY E 233 -24.94 -39.45 -2.11
CA GLY E 233 -24.15 -38.57 -1.28
C GLY E 233 -24.43 -38.63 0.21
N THR E 234 -25.49 -39.33 0.64
CA THR E 234 -25.82 -39.42 2.05
C THR E 234 -26.23 -40.85 2.37
N GLY E 235 -25.89 -41.29 3.58
CA GLY E 235 -26.20 -42.62 4.05
C GLY E 235 -24.95 -43.47 4.22
N LEU E 236 -25.17 -44.75 4.44
CA LEU E 236 -24.10 -45.71 4.63
C LEU E 236 -23.65 -46.24 3.28
N CYS E 237 -22.37 -46.05 2.95
CA CYS E 237 -21.83 -46.51 1.68
C CYS E 237 -21.45 -47.98 1.79
N LYS E 238 -21.92 -48.78 0.83
CA LYS E 238 -21.65 -50.21 0.80
C LYS E 238 -20.40 -50.57 0.01
N ASN E 239 -19.67 -49.58 -0.50
CA ASN E 239 -18.46 -49.83 -1.28
C ASN E 239 -17.52 -48.65 -1.01
N VAL E 240 -16.63 -48.82 -0.04
CA VAL E 240 -15.70 -47.77 0.37
C VAL E 240 -14.30 -48.07 -0.14
N SER E 241 -13.52 -47.00 -0.31
CA SER E 241 -12.14 -47.07 -0.75
C SER E 241 -11.40 -45.89 -0.14
N THR E 242 -10.07 -45.98 -0.10
CA THR E 242 -9.23 -44.94 0.46
C THR E 242 -8.20 -44.47 -0.55
N VAL E 243 -7.85 -43.19 -0.46
CA VAL E 243 -6.88 -42.56 -1.33
C VAL E 243 -6.26 -41.39 -0.60
N GLN E 244 -4.96 -41.19 -0.79
CA GLN E 244 -4.27 -40.09 -0.14
C GLN E 244 -4.58 -38.74 -0.76
N CYS E 245 -5.05 -38.70 -2.00
CA CYS E 245 -5.36 -37.45 -2.67
C CYS E 245 -6.59 -37.63 -3.56
N THR E 246 -7.41 -36.58 -3.61
CA THR E 246 -8.61 -36.62 -4.42
C THR E 246 -8.24 -36.53 -5.90
N HIS E 247 -9.20 -36.85 -6.77
CA HIS E 247 -8.98 -36.80 -8.19
C HIS E 247 -8.83 -35.34 -8.64
N GLY E 248 -8.63 -35.14 -9.93
CA GLY E 248 -8.46 -33.80 -10.46
C GLY E 248 -9.71 -32.96 -10.32
N ILE E 249 -9.67 -31.98 -9.42
CA ILE E 249 -10.80 -31.08 -9.18
C ILE E 249 -10.50 -29.78 -9.93
N LYS E 250 -11.38 -29.42 -10.86
CA LYS E 250 -11.22 -28.20 -11.63
C LYS E 250 -12.01 -27.09 -10.97
N PRO E 251 -11.39 -26.01 -10.47
CA PRO E 251 -12.19 -24.96 -9.82
C PRO E 251 -12.95 -24.11 -10.84
N VAL E 252 -13.92 -24.73 -11.50
CA VAL E 252 -14.72 -24.03 -12.50
C VAL E 252 -15.88 -23.34 -11.78
N VAL E 253 -16.06 -22.06 -12.04
CA VAL E 253 -17.13 -21.29 -11.41
C VAL E 253 -18.29 -21.17 -12.38
N SER E 254 -19.47 -21.63 -11.95
CA SER E 254 -20.66 -21.58 -12.78
C SER E 254 -21.88 -21.45 -11.90
N THR E 255 -22.97 -20.97 -12.50
CA THR E 255 -24.24 -20.78 -11.80
C THR E 255 -25.35 -21.35 -12.66
N GLN E 256 -26.23 -22.15 -12.03
CA GLN E 256 -27.38 -22.79 -12.66
C GLN E 256 -27.02 -23.93 -13.61
N LEU E 257 -25.73 -24.15 -13.87
CA LEU E 257 -25.31 -25.22 -14.77
C LEU E 257 -23.84 -25.54 -14.51
N LEU E 258 -23.57 -26.77 -14.08
CA LEU E 258 -22.20 -27.18 -13.83
C LEU E 258 -21.53 -27.52 -15.15
N LEU E 259 -20.36 -26.96 -15.40
CA LEU E 259 -19.61 -27.16 -16.62
C LEU E 259 -18.29 -27.89 -16.37
N ASN E 260 -17.94 -28.79 -17.28
CA ASN E 260 -16.65 -29.52 -17.21
C ASN E 260 -16.57 -30.32 -15.91
N GLY E 261 -17.71 -30.73 -15.36
CA GLY E 261 -17.72 -31.48 -14.12
C GLY E 261 -17.76 -32.98 -14.36
N SER E 262 -17.87 -33.71 -13.26
CA SER E 262 -17.93 -35.17 -13.34
C SER E 262 -19.26 -35.60 -13.93
N LEU E 263 -19.29 -36.84 -14.45
CA LEU E 263 -20.47 -37.41 -15.06
C LEU E 263 -20.92 -38.65 -14.31
N ALA E 264 -22.23 -38.87 -14.29
CA ALA E 264 -22.78 -40.03 -13.61
C ALA E 264 -22.31 -41.30 -14.30
N GLU E 265 -22.06 -42.34 -13.51
CA GLU E 265 -21.56 -43.60 -14.07
C GLU E 265 -22.63 -44.36 -14.86
N LYS E 266 -23.82 -44.53 -14.28
CA LYS E 266 -24.88 -45.30 -14.95
C LYS E 266 -26.27 -44.67 -14.96
N ASN E 267 -26.60 -43.84 -13.96
CA ASN E 267 -27.93 -43.24 -13.92
C ASN E 267 -27.86 -41.81 -13.40
N ILE E 268 -28.86 -41.03 -13.82
CA ILE E 268 -28.96 -39.63 -13.42
C ILE E 268 -29.18 -39.59 -11.91
N THR E 269 -28.19 -39.10 -11.17
CA THR E 269 -28.28 -39.01 -9.73
C THR E 269 -28.79 -37.65 -9.29
N ILE E 270 -29.57 -37.63 -8.21
CA ILE E 270 -30.14 -36.42 -7.64
C ILE E 270 -29.72 -36.36 -6.17
N ARG E 271 -29.29 -35.18 -5.74
CA ARG E 271 -28.83 -34.98 -4.36
C ARG E 271 -29.50 -33.77 -3.74
N SER E 272 -29.88 -33.91 -2.48
CA SER E 272 -30.54 -32.86 -1.70
C SER E 272 -30.58 -33.31 -0.25
N GLU E 273 -30.29 -32.40 0.67
CA GLU E 273 -30.32 -32.77 2.09
C GLU E 273 -31.74 -33.12 2.52
N ASN E 274 -32.73 -32.44 1.95
CA ASN E 274 -34.14 -32.70 2.25
C ASN E 274 -34.89 -32.44 0.94
N ILE E 275 -35.17 -33.51 0.20
CA ILE E 275 -35.84 -33.38 -1.09
C ILE E 275 -37.22 -32.75 -0.92
N THR E 276 -37.92 -33.08 0.17
CA THR E 276 -39.24 -32.54 0.40
C THR E 276 -39.21 -31.06 0.81
N ASN E 277 -38.06 -30.56 1.26
CA ASN E 277 -37.94 -29.16 1.67
C ASN E 277 -37.72 -28.29 0.44
N ASN E 278 -38.55 -27.25 0.31
CA ASN E 278 -38.43 -26.34 -0.84
C ASN E 278 -37.32 -25.32 -0.66
N ALA E 279 -36.78 -25.16 0.55
CA ALA E 279 -35.73 -24.20 0.82
C ALA E 279 -34.33 -24.76 0.61
N LYS E 280 -34.20 -26.02 0.19
CA LYS E 280 -32.91 -26.66 -0.04
C LYS E 280 -32.67 -26.85 -1.52
N ILE E 281 -31.46 -26.50 -1.98
CA ILE E 281 -31.10 -26.64 -3.38
C ILE E 281 -31.05 -28.12 -3.76
N ILE E 282 -31.41 -28.41 -5.00
CA ILE E 282 -31.41 -29.76 -5.54
C ILE E 282 -30.33 -29.84 -6.62
N ILE E 283 -29.40 -30.77 -6.45
CA ILE E 283 -28.30 -30.97 -7.39
C ILE E 283 -28.54 -32.29 -8.12
N VAL E 284 -28.48 -32.25 -9.45
CA VAL E 284 -28.69 -33.41 -10.29
C VAL E 284 -27.49 -33.56 -11.21
N GLN E 285 -27.01 -34.80 -11.37
CA GLN E 285 -25.86 -35.12 -12.20
C GLN E 285 -26.33 -35.91 -13.41
N LEU E 286 -25.88 -35.51 -14.59
CA LEU E 286 -26.25 -36.17 -15.83
C LEU E 286 -25.30 -37.33 -16.15
N VAL E 287 -25.75 -38.20 -17.06
CA VAL E 287 -24.97 -39.35 -17.48
C VAL E 287 -24.34 -39.06 -18.84
N GLN E 288 -25.06 -38.35 -19.69
CA GLN E 288 -24.59 -37.99 -21.02
C GLN E 288 -24.21 -36.52 -21.04
N PRO E 289 -22.95 -36.14 -21.27
CA PRO E 289 -22.62 -34.71 -21.29
C PRO E 289 -23.33 -33.99 -22.44
N VAL E 290 -23.81 -32.80 -22.16
CA VAL E 290 -24.52 -31.97 -23.14
C VAL E 290 -23.54 -30.87 -23.57
N THR E 291 -22.94 -31.04 -24.74
CA THR E 291 -21.99 -30.05 -25.23
C THR E 291 -22.69 -28.73 -25.49
N ILE E 292 -22.06 -27.64 -25.06
CA ILE E 292 -22.58 -26.29 -25.24
C ILE E 292 -21.49 -25.44 -25.86
N LYS E 293 -21.83 -24.76 -26.95
CA LYS E 293 -20.90 -23.90 -27.66
C LYS E 293 -21.23 -22.44 -27.35
N CYS E 294 -20.19 -21.61 -27.33
CA CYS E 294 -20.35 -20.18 -27.05
C CYS E 294 -19.37 -19.41 -27.92
N ILE E 295 -19.68 -18.14 -28.17
CA ILE E 295 -18.84 -17.31 -29.02
C ILE E 295 -19.08 -15.85 -28.69
N ARG E 296 -18.07 -15.02 -28.95
CA ARG E 296 -18.09 -13.58 -28.74
C ARG E 296 -17.75 -13.00 -30.12
N PRO E 297 -18.75 -12.87 -31.00
CA PRO E 297 -18.45 -12.37 -32.36
C PRO E 297 -17.86 -10.98 -32.43
N ASN E 298 -18.06 -10.14 -31.42
CA ASN E 298 -17.49 -8.79 -31.47
C ASN E 298 -15.97 -8.85 -31.51
N ASN E 299 -15.38 -8.16 -32.47
CA ASN E 299 -13.93 -8.11 -32.67
C ASN E 299 -13.45 -6.73 -32.22
N TYR E 300 -13.01 -6.65 -30.96
CA TYR E 300 -12.52 -5.41 -30.39
C TYR E 300 -11.02 -5.24 -30.63
N THR E 301 -10.54 -4.05 -30.35
CA THR E 301 -9.13 -3.69 -30.49
C THR E 301 -8.63 -3.24 -29.13
N ARG E 302 -7.61 -3.92 -28.61
CA ARG E 302 -7.06 -3.57 -27.31
C ARG E 302 -6.17 -2.35 -27.43
N LYS E 303 -6.41 -1.36 -26.57
CA LYS E 303 -5.64 -0.12 -26.52
C LYS E 303 -5.21 0.08 -25.07
N SER E 304 -3.91 0.33 -24.87
CA SER E 304 -3.34 0.53 -23.55
C SER E 304 -3.02 2.00 -23.33
N ILE E 305 -3.50 2.55 -22.22
CA ILE E 305 -3.27 3.93 -21.83
C ILE E 305 -2.58 3.92 -20.47
N ARG E 306 -1.48 4.66 -20.37
CA ARG E 306 -0.72 4.72 -19.13
C ARG E 306 -1.40 5.68 -18.16
N ILE E 307 -2.02 5.13 -17.12
CA ILE E 307 -2.70 5.95 -16.13
C ILE E 307 -1.73 6.55 -15.12
N GLY E 308 -0.61 5.88 -14.85
CA GLY E 308 0.36 6.36 -13.90
C GLY E 308 1.75 5.84 -14.23
N PRO E 309 2.74 6.25 -13.43
CA PRO E 309 4.12 5.79 -13.68
C PRO E 309 4.26 4.29 -13.56
N GLY E 310 4.60 3.64 -14.67
CA GLY E 310 4.80 2.21 -14.70
C GLY E 310 3.54 1.36 -14.67
N GLN E 311 2.37 1.93 -14.94
CA GLN E 311 1.12 1.17 -14.92
C GLN E 311 0.22 1.70 -16.04
N ALA E 312 -0.60 0.82 -16.58
CA ALA E 312 -1.52 1.16 -17.65
C ALA E 312 -2.85 0.47 -17.46
N PHE E 313 -3.87 1.04 -18.10
CA PHE E 313 -5.23 0.54 -18.06
C PHE E 313 -5.62 0.09 -19.46
N TYR E 314 -6.17 -1.11 -19.57
CA TYR E 314 -6.57 -1.70 -20.85
C TYR E 314 -8.08 -1.56 -21.05
N ALA E 315 -8.47 -1.26 -22.28
CA ALA E 315 -9.87 -1.11 -22.63
C ALA E 315 -10.03 -1.35 -24.13
N MET E 316 -11.27 -1.53 -24.54
CA MET E 316 -11.59 -1.77 -25.95
C MET E 316 -11.60 -0.44 -26.69
N GLY E 317 -10.75 -0.32 -27.71
CA GLY E 317 -10.65 0.90 -28.49
C GLY E 317 -11.80 1.11 -29.46
N ASP E 318 -11.92 0.24 -30.46
CA ASP E 318 -12.97 0.34 -31.46
C ASP E 318 -13.46 -1.07 -31.78
N ILE E 319 -14.29 -1.20 -32.81
CA ILE E 319 -14.86 -2.47 -33.23
C ILE E 319 -14.71 -2.61 -34.73
N ILE E 320 -14.41 -3.83 -35.17
CA ILE E 320 -14.25 -4.15 -36.59
C ILE E 320 -15.53 -4.87 -37.01
N GLY E 321 -16.21 -4.34 -38.02
CA GLY E 321 -17.44 -4.92 -38.49
C GLY E 321 -18.64 -4.46 -37.68
N ASP E 322 -19.80 -4.98 -38.07
CA ASP E 322 -21.04 -4.62 -37.39
C ASP E 322 -21.14 -5.30 -36.03
N ILE E 323 -21.94 -4.70 -35.15
CA ILE E 323 -22.13 -5.24 -33.82
C ILE E 323 -22.95 -6.52 -33.89
N ARG E 324 -22.50 -7.55 -33.17
CA ARG E 324 -23.16 -8.85 -33.15
C ARG E 324 -23.35 -9.28 -31.70
N GLN E 325 -24.54 -9.81 -31.40
CA GLN E 325 -24.86 -10.25 -30.05
C GLN E 325 -24.19 -11.57 -29.72
N ALA E 326 -23.69 -11.67 -28.49
CA ALA E 326 -23.05 -12.89 -28.03
C ALA E 326 -24.12 -13.89 -27.63
N HIS E 327 -23.87 -15.17 -27.92
CA HIS E 327 -24.85 -16.20 -27.60
C HIS E 327 -24.14 -17.53 -27.47
N CYS E 328 -24.92 -18.56 -27.11
CA CYS E 328 -24.42 -19.92 -26.95
C CYS E 328 -25.39 -20.87 -27.63
N ASN E 329 -24.88 -22.00 -28.10
CA ASN E 329 -25.67 -23.00 -28.80
C ASN E 329 -25.66 -24.33 -28.05
N VAL E 330 -26.75 -25.09 -28.25
CA VAL E 330 -26.91 -26.40 -27.62
C VAL E 330 -27.93 -27.16 -28.44
N SER E 331 -27.65 -28.44 -28.68
CA SER E 331 -28.56 -29.27 -29.46
C SER E 331 -29.90 -29.44 -28.74
N ARG E 332 -30.99 -29.19 -29.47
CA ARG E 332 -32.32 -29.33 -28.86
C ARG E 332 -32.66 -30.79 -28.62
N SER E 333 -32.31 -31.68 -29.56
CA SER E 333 -32.62 -33.08 -29.39
C SER E 333 -31.89 -33.66 -28.19
N ARG E 334 -30.59 -33.34 -28.05
CA ARG E 334 -29.83 -33.85 -26.92
C ARG E 334 -30.13 -33.10 -25.63
N TRP E 335 -30.87 -32.00 -25.73
CA TRP E 335 -31.29 -31.29 -24.48
C TRP E 335 -32.64 -31.78 -24.02
N ASN E 336 -33.65 -31.74 -24.88
CA ASN E 336 -34.94 -32.22 -24.37
C ASN E 336 -34.66 -33.56 -23.70
N LYS E 337 -33.99 -34.45 -24.42
CA LYS E 337 -33.84 -35.81 -23.86
C LYS E 337 -33.41 -35.67 -22.41
N THR E 338 -32.31 -34.98 -22.17
CA THR E 338 -31.84 -34.97 -20.78
C THR E 338 -33.02 -34.66 -19.91
N LEU E 339 -33.77 -33.62 -20.24
CA LEU E 339 -34.86 -33.28 -19.30
C LEU E 339 -35.74 -34.52 -19.08
N GLN E 340 -36.40 -35.05 -20.12
CA GLN E 340 -37.34 -36.13 -19.92
C GLN E 340 -36.78 -37.14 -18.92
N GLU E 341 -35.48 -37.46 -19.05
CA GLU E 341 -34.86 -38.39 -18.11
C GLU E 341 -34.81 -37.78 -16.72
N VAL E 342 -34.53 -36.47 -16.64
CA VAL E 342 -34.49 -35.80 -15.35
C VAL E 342 -35.89 -35.67 -14.79
N ALA E 343 -36.87 -35.38 -15.65
CA ALA E 343 -38.25 -35.25 -15.20
C ALA E 343 -38.78 -36.55 -14.62
N GLU E 344 -38.59 -37.65 -15.34
CA GLU E 344 -39.06 -38.94 -14.85
C GLU E 344 -38.33 -39.34 -13.57
N LYS E 345 -37.03 -39.04 -13.50
CA LYS E 345 -36.28 -39.37 -12.28
C LYS E 345 -36.81 -38.58 -11.10
N LEU E 346 -37.12 -37.30 -11.30
CA LEU E 346 -37.66 -36.48 -10.22
C LEU E 346 -39.05 -36.96 -9.82
N ARG E 347 -39.78 -37.55 -10.76
CA ARG E 347 -41.13 -38.04 -10.48
C ARG E 347 -41.13 -39.13 -9.41
N THR E 348 -40.03 -39.86 -9.27
CA THR E 348 -39.98 -40.92 -8.26
C THR E 348 -40.09 -40.38 -6.84
N TYR E 349 -39.68 -39.13 -6.62
CA TYR E 349 -39.73 -38.51 -5.30
C TYR E 349 -40.98 -37.70 -5.05
N PHE E 350 -41.92 -37.61 -6.01
CA PHE E 350 -43.14 -36.83 -5.84
C PHE E 350 -44.36 -37.54 -6.41
N GLY E 351 -44.39 -38.87 -6.36
CA GLY E 351 -45.53 -39.61 -6.88
C GLY E 351 -45.70 -39.43 -8.38
N ASN E 352 -46.96 -39.48 -8.82
CA ASN E 352 -47.31 -39.34 -10.23
C ASN E 352 -47.47 -37.89 -10.67
N LYS E 353 -46.94 -36.93 -9.91
CA LYS E 353 -47.07 -35.53 -10.27
C LYS E 353 -46.26 -35.22 -11.53
N THR E 354 -46.74 -34.23 -12.28
CA THR E 354 -46.10 -33.81 -13.50
C THR E 354 -45.04 -32.75 -13.19
N ILE E 355 -43.87 -32.89 -13.84
CA ILE E 355 -42.76 -31.98 -13.64
C ILE E 355 -42.85 -30.82 -14.62
N ILE E 356 -42.61 -29.61 -14.13
CA ILE E 356 -42.70 -28.40 -15.00
C ILE E 356 -41.51 -27.49 -14.69
N PHE E 357 -40.56 -27.37 -15.63
CA PHE E 357 -39.39 -26.48 -15.42
C PHE E 357 -39.72 -25.09 -15.97
N ALA E 358 -39.44 -24.04 -15.20
CA ALA E 358 -39.76 -22.67 -15.62
C ALA E 358 -38.52 -21.80 -15.47
N ASN E 359 -38.49 -20.63 -16.12
CA ASN E 359 -37.25 -19.82 -16.10
C ASN E 359 -36.99 -19.33 -14.67
N SER E 360 -35.76 -18.94 -14.39
CA SER E 360 -35.41 -18.56 -13.00
C SER E 360 -36.25 -17.37 -12.55
N SER E 361 -36.41 -17.23 -11.24
CA SER E 361 -37.15 -16.08 -10.69
C SER E 361 -36.29 -14.83 -10.88
N GLY E 362 -36.82 -13.66 -10.54
CA GLY E 362 -36.07 -12.39 -10.68
C GLY E 362 -34.98 -12.29 -9.63
N GLY E 363 -34.16 -11.25 -9.72
CA GLY E 363 -33.08 -11.04 -8.73
C GLY E 363 -31.85 -10.44 -9.38
N ASP E 364 -30.68 -10.72 -8.80
CA ASP E 364 -29.44 -10.20 -9.37
C ASP E 364 -29.08 -10.93 -10.66
N LEU E 365 -28.29 -10.26 -11.50
CA LEU E 365 -27.89 -10.85 -12.77
C LEU E 365 -27.03 -12.08 -12.56
N GLU E 366 -26.25 -12.12 -11.47
CA GLU E 366 -25.40 -13.28 -11.22
C GLU E 366 -26.19 -14.53 -10.90
N ILE E 367 -27.38 -14.38 -10.31
CA ILE E 367 -28.21 -15.53 -9.95
C ILE E 367 -29.33 -15.81 -10.94
N THR E 368 -29.73 -14.83 -11.76
CA THR E 368 -30.79 -15.02 -12.74
C THR E 368 -30.29 -15.46 -14.11
N THR E 369 -28.98 -15.62 -14.29
CA THR E 369 -28.43 -16.03 -15.57
C THR E 369 -27.31 -17.04 -15.35
N HIS E 370 -27.03 -17.81 -16.39
CA HIS E 370 -25.97 -18.82 -16.35
C HIS E 370 -24.63 -18.12 -16.56
N SER E 371 -23.87 -17.97 -15.49
CA SER E 371 -22.58 -17.32 -15.52
C SER E 371 -21.46 -18.35 -15.66
N PHE E 372 -20.42 -17.98 -16.39
CA PHE E 372 -19.26 -18.83 -16.62
C PHE E 372 -18.17 -17.94 -17.24
N ASN E 373 -17.08 -18.56 -17.69
CA ASN E 373 -15.98 -17.79 -18.27
C ASN E 373 -15.28 -18.62 -19.34
N CYS E 374 -15.12 -18.04 -20.52
CA CYS E 374 -14.43 -18.70 -21.64
C CYS E 374 -12.95 -18.36 -21.64
N GLY E 375 -12.31 -18.54 -20.49
CA GLY E 375 -10.89 -18.27 -20.35
C GLY E 375 -10.48 -16.83 -20.60
N GLY E 376 -11.18 -15.86 -20.00
CA GLY E 376 -10.82 -14.46 -20.17
C GLY E 376 -11.98 -13.48 -20.19
N GLU E 377 -13.20 -13.96 -20.47
CA GLU E 377 -14.37 -13.10 -20.52
C GLU E 377 -15.51 -13.75 -19.74
N PHE E 378 -16.10 -12.98 -18.82
CA PHE E 378 -17.20 -13.46 -18.00
C PHE E 378 -18.51 -13.29 -18.76
N PHE E 379 -19.22 -14.39 -18.95
CA PHE E 379 -20.49 -14.40 -19.67
C PHE E 379 -21.67 -14.45 -18.70
N TYR E 380 -22.83 -14.05 -19.20
CA TYR E 380 -24.07 -14.11 -18.37
C TYR E 380 -25.22 -14.42 -19.33
N CYS E 381 -25.58 -15.69 -19.54
CA CYS E 381 -26.60 -16.05 -20.56
C CYS E 381 -27.98 -16.24 -19.91
N ASN E 382 -29.08 -16.09 -20.67
CA ASN E 382 -30.46 -16.10 -20.10
C ASN E 382 -30.92 -17.45 -19.55
N THR E 383 -30.78 -18.53 -20.30
CA THR E 383 -31.23 -19.89 -19.88
C THR E 383 -32.74 -19.98 -19.96
N SER E 384 -33.44 -18.89 -20.24
CA SER E 384 -34.93 -18.97 -20.22
C SER E 384 -35.38 -19.96 -21.29
N GLY E 385 -34.52 -20.26 -22.25
CA GLY E 385 -34.92 -21.14 -23.36
C GLY E 385 -34.70 -22.60 -23.04
N LEU E 386 -34.09 -22.91 -21.89
CA LEU E 386 -33.78 -24.34 -21.60
C LEU E 386 -34.77 -24.89 -20.57
N PHE E 387 -35.16 -24.08 -19.58
CA PHE E 387 -36.11 -24.50 -18.55
C PHE E 387 -37.50 -23.93 -18.84
N ASN E 388 -38.02 -24.29 -20.02
CA ASN E 388 -39.33 -23.84 -20.46
C ASN E 388 -40.03 -25.03 -21.14
N SER E 389 -40.74 -25.81 -20.34
CA SER E 389 -41.46 -26.98 -20.85
C SER E 389 -42.20 -27.65 -19.69
N THR E 390 -43.13 -28.53 -20.05
CA THR E 390 -43.93 -29.28 -19.09
C THR E 390 -43.89 -30.75 -19.53
N TRP E 391 -43.75 -31.65 -18.56
CA TRP E 391 -43.66 -33.08 -18.82
C TRP E 391 -44.73 -33.82 -18.03
N TYR E 392 -45.51 -34.63 -18.72
CA TYR E 392 -46.57 -35.41 -18.10
C TYR E 392 -46.03 -36.79 -17.71
N VAL E 393 -46.91 -37.64 -17.18
CA VAL E 393 -46.44 -38.98 -16.70
C VAL E 393 -46.16 -39.87 -17.92
N ASN E 394 -46.50 -39.40 -19.12
CA ASN E 394 -46.30 -40.22 -20.35
C ASN E 394 -45.51 -39.40 -21.36
N SER E 395 -45.36 -38.11 -21.09
CA SER E 395 -44.70 -37.20 -22.07
C SER E 395 -43.40 -37.81 -22.61
N THR E 396 -43.32 -38.04 -23.92
CA THR E 396 -42.08 -38.54 -24.52
C THR E 396 -41.55 -37.49 -25.49
N TRP E 397 -40.23 -37.29 -25.47
CA TRP E 397 -39.62 -36.31 -26.36
C TRP E 397 -39.72 -36.75 -27.82
N ASN E 398 -39.55 -38.05 -28.08
CA ASN E 398 -39.61 -38.59 -29.43
C ASN E 398 -38.62 -37.89 -30.37
N SER E 406 -31.81 -33.89 -37.22
CA SER E 406 -31.89 -32.42 -37.38
C SER E 406 -31.14 -31.72 -36.26
N ASN E 407 -30.60 -30.53 -36.53
CA ASN E 407 -29.86 -29.79 -35.52
C ASN E 407 -30.81 -29.03 -34.59
N ASP E 408 -31.53 -28.04 -35.13
CA ASP E 408 -32.48 -27.22 -34.38
C ASP E 408 -31.87 -26.73 -33.06
N THR E 409 -30.61 -26.32 -33.12
CA THR E 409 -29.91 -25.86 -31.92
C THR E 409 -30.60 -24.66 -31.30
N ILE E 410 -30.67 -24.67 -29.97
CA ILE E 410 -31.28 -23.58 -29.21
C ILE E 410 -30.24 -22.46 -29.04
N THR E 411 -30.70 -21.23 -29.03
CA THR E 411 -29.85 -20.05 -28.87
C THR E 411 -30.16 -19.36 -27.56
N LEU E 412 -29.12 -19.03 -26.81
CA LEU E 412 -29.23 -18.35 -25.52
C LEU E 412 -28.55 -16.99 -25.58
N PRO E 413 -29.28 -15.86 -25.58
CA PRO E 413 -28.59 -14.57 -25.62
C PRO E 413 -27.77 -14.39 -24.34
N CYS E 414 -26.64 -13.69 -24.47
CA CYS E 414 -25.74 -13.48 -23.34
C CYS E 414 -25.28 -12.04 -23.26
N ARG E 415 -24.92 -11.65 -22.04
CA ARG E 415 -24.41 -10.32 -21.71
C ARG E 415 -23.00 -10.49 -21.15
N ILE E 416 -22.18 -9.46 -21.32
CA ILE E 416 -20.80 -9.47 -20.88
C ILE E 416 -20.55 -8.27 -19.99
N LYS E 417 -19.80 -8.49 -18.91
CA LYS E 417 -19.46 -7.46 -17.95
C LYS E 417 -17.96 -7.52 -17.65
N GLN E 418 -17.43 -6.38 -17.23
CA GLN E 418 -16.03 -6.23 -16.87
C GLN E 418 -15.84 -6.14 -15.36
N ILE E 419 -16.71 -5.40 -14.68
CA ILE E 419 -16.67 -5.27 -13.23
C ILE E 419 -17.53 -6.39 -12.67
N ILE E 420 -16.92 -7.29 -11.89
CA ILE E 420 -17.64 -8.43 -11.33
C ILE E 420 -17.27 -8.66 -9.87
N ASN E 421 -18.16 -9.39 -9.18
CA ASN E 421 -18.02 -9.78 -7.78
C ASN E 421 -18.26 -11.28 -7.81
N MET E 422 -17.17 -12.04 -8.01
CA MET E 422 -17.28 -13.49 -8.12
C MET E 422 -17.85 -14.13 -6.86
N TRP E 423 -17.42 -13.67 -5.68
CA TRP E 423 -17.85 -14.24 -4.41
C TRP E 423 -18.98 -13.46 -3.74
N GLN E 424 -19.64 -12.55 -4.46
CA GLN E 424 -20.76 -11.77 -3.94
C GLN E 424 -20.38 -10.93 -2.72
N ARG E 425 -19.11 -10.59 -2.56
CA ARG E 425 -18.66 -9.80 -1.42
C ARG E 425 -18.80 -8.31 -1.71
N ALA E 426 -19.09 -7.55 -0.67
CA ALA E 426 -19.22 -6.11 -0.82
C ALA E 426 -17.86 -5.54 -1.21
N GLY E 427 -17.81 -4.83 -2.33
CA GLY E 427 -16.52 -4.31 -2.74
C GLY E 427 -15.65 -5.46 -3.21
N GLN E 428 -14.34 -5.24 -3.17
CA GLN E 428 -13.36 -6.24 -3.59
C GLN E 428 -13.60 -6.69 -5.03
N CYS E 429 -14.09 -5.77 -5.87
CA CYS E 429 -14.36 -6.10 -7.26
C CYS E 429 -13.08 -6.18 -8.07
N MET E 430 -13.21 -6.69 -9.28
CA MET E 430 -12.10 -6.86 -10.21
C MET E 430 -12.55 -6.47 -11.61
N TYR E 431 -11.66 -5.81 -12.34
CA TYR E 431 -11.91 -5.36 -13.70
C TYR E 431 -11.26 -6.35 -14.65
N ALA E 432 -12.07 -7.02 -15.47
CA ALA E 432 -11.55 -8.00 -16.42
C ALA E 432 -11.11 -7.30 -17.69
N PRO E 433 -9.83 -7.35 -18.08
CA PRO E 433 -9.42 -6.67 -19.31
C PRO E 433 -10.01 -7.36 -20.52
N PRO E 434 -10.22 -6.64 -21.62
CA PRO E 434 -10.80 -7.27 -22.81
C PRO E 434 -9.79 -8.13 -23.54
N ILE E 435 -10.27 -9.28 -24.04
CA ILE E 435 -9.43 -10.22 -24.77
C ILE E 435 -9.48 -9.81 -26.25
N PRO E 436 -8.35 -9.55 -26.91
CA PRO E 436 -8.42 -9.16 -28.32
C PRO E 436 -8.91 -10.28 -29.23
N GLY E 437 -9.60 -9.90 -30.29
CA GLY E 437 -10.12 -10.85 -31.25
C GLY E 437 -11.34 -11.61 -30.76
N VAL E 438 -11.84 -12.46 -31.64
CA VAL E 438 -13.01 -13.28 -31.34
C VAL E 438 -12.57 -14.47 -30.49
N ILE E 439 -13.41 -14.86 -29.54
CA ILE E 439 -13.12 -15.98 -28.64
C ILE E 439 -14.27 -16.96 -28.66
N LYS E 440 -13.92 -18.25 -28.62
CA LYS E 440 -14.88 -19.34 -28.61
C LYS E 440 -14.44 -20.36 -27.58
N CYS E 441 -15.40 -21.01 -26.94
CA CYS E 441 -15.09 -22.01 -25.93
C CYS E 441 -16.26 -22.97 -25.80
N GLU E 442 -15.94 -24.27 -25.75
CA GLU E 442 -16.93 -25.32 -25.62
C GLU E 442 -16.83 -25.92 -24.22
N SER E 443 -17.98 -26.23 -23.64
CA SER E 443 -18.05 -26.79 -22.29
C SER E 443 -18.92 -28.04 -22.28
N ASN E 444 -18.70 -28.87 -21.26
CA ASN E 444 -19.43 -30.11 -21.06
C ASN E 444 -20.39 -29.91 -19.89
N ILE E 445 -21.68 -29.80 -20.19
CA ILE E 445 -22.69 -29.64 -19.13
C ILE E 445 -22.95 -31.01 -18.53
N THR E 446 -22.66 -31.15 -17.23
CA THR E 446 -22.85 -32.40 -16.52
C THR E 446 -23.75 -32.31 -15.29
N GLY E 447 -24.13 -31.11 -14.86
CA GLY E 447 -24.98 -30.98 -13.69
C GLY E 447 -25.81 -29.72 -13.76
N LEU E 448 -26.92 -29.75 -13.02
CA LEU E 448 -27.86 -28.63 -12.95
C LEU E 448 -28.23 -28.37 -11.51
N LEU E 449 -28.46 -27.10 -11.19
CA LEU E 449 -28.85 -26.64 -9.87
C LEU E 449 -30.32 -26.23 -9.96
N LEU E 450 -31.21 -27.00 -9.34
CA LEU E 450 -32.64 -26.76 -9.38
C LEU E 450 -33.17 -26.40 -8.00
N THR E 451 -34.30 -25.69 -8.00
CA THR E 451 -34.98 -25.25 -6.79
C THR E 451 -36.47 -25.42 -7.02
N ARG E 452 -37.16 -25.95 -6.01
CA ARG E 452 -38.60 -26.19 -6.08
C ARG E 452 -39.35 -25.02 -5.46
N ASP E 453 -40.41 -24.59 -6.13
CA ASP E 453 -41.22 -23.49 -5.63
C ASP E 453 -41.92 -23.88 -4.34
N GLY E 454 -42.09 -22.90 -3.46
CA GLY E 454 -42.73 -23.12 -2.17
C GLY E 454 -44.25 -23.11 -2.23
N GLY E 455 -44.82 -23.92 -3.11
CA GLY E 455 -46.27 -23.99 -3.24
C GLY E 455 -46.89 -24.89 -2.19
N LYS E 456 -48.22 -24.98 -2.24
CA LYS E 456 -48.94 -25.81 -1.29
C LYS E 456 -48.66 -27.30 -1.50
N ASP E 457 -48.20 -27.69 -2.68
CA ASP E 457 -47.86 -29.07 -3.05
C ASP E 457 -49.09 -29.96 -3.23
N ASN E 458 -50.30 -29.42 -3.11
CA ASN E 458 -51.51 -30.20 -3.28
C ASN E 458 -51.97 -30.29 -4.73
N ASN E 459 -51.27 -29.61 -5.64
CA ASN E 459 -51.65 -29.63 -7.04
C ASN E 459 -51.17 -30.91 -7.70
N VAL E 460 -51.51 -31.07 -8.98
CA VAL E 460 -51.11 -32.23 -9.78
C VAL E 460 -49.80 -31.96 -10.52
N ASN E 461 -49.09 -30.93 -10.11
CA ASN E 461 -47.79 -30.67 -10.74
C ASN E 461 -46.86 -29.99 -9.76
N GLU E 462 -45.73 -29.51 -10.26
CA GLU E 462 -44.75 -28.81 -9.44
C GLU E 462 -43.74 -28.15 -10.37
N THR E 463 -43.38 -26.92 -10.06
CA THR E 463 -42.44 -26.14 -10.86
C THR E 463 -41.05 -26.17 -10.26
N PHE E 464 -40.05 -26.27 -11.13
CA PHE E 464 -38.64 -26.29 -10.75
C PHE E 464 -37.96 -25.10 -11.42
N ARG E 465 -37.25 -24.30 -10.62
CA ARG E 465 -36.57 -23.11 -11.10
C ARG E 465 -35.05 -23.31 -11.01
N PRO E 466 -34.27 -22.91 -12.03
CA PRO E 466 -32.82 -23.06 -11.91
C PRO E 466 -32.29 -22.02 -10.95
N GLY E 467 -31.97 -22.44 -9.73
CA GLY E 467 -31.47 -21.52 -8.72
C GLY E 467 -29.96 -21.54 -8.61
N GLY E 468 -29.38 -20.35 -8.40
CA GLY E 468 -27.94 -20.25 -8.27
C GLY E 468 -27.44 -20.84 -6.97
N GLY E 469 -28.29 -20.90 -5.95
CA GLY E 469 -27.89 -21.46 -4.67
C GLY E 469 -26.73 -20.67 -4.08
N ASP E 470 -25.68 -21.40 -3.70
CA ASP E 470 -24.49 -20.83 -3.11
C ASP E 470 -23.28 -21.28 -3.92
N MET E 471 -22.21 -20.49 -3.88
CA MET E 471 -21.01 -20.83 -4.63
C MET E 471 -20.42 -22.16 -4.14
N ARG E 472 -20.63 -22.51 -2.88
CA ARG E 472 -20.11 -23.76 -2.35
C ARG E 472 -20.76 -24.97 -2.98
N ASP E 473 -21.96 -24.82 -3.56
CA ASP E 473 -22.63 -25.95 -4.18
C ASP E 473 -21.82 -26.50 -5.35
N ASN E 474 -21.09 -25.63 -6.06
CA ASN E 474 -20.28 -26.09 -7.18
C ASN E 474 -19.22 -27.07 -6.72
N TRP E 475 -18.60 -26.79 -5.56
CA TRP E 475 -17.57 -27.68 -5.05
C TRP E 475 -18.18 -28.94 -4.46
N ARG E 476 -19.36 -28.80 -3.83
CA ARG E 476 -20.01 -29.95 -3.22
C ARG E 476 -20.41 -30.99 -4.26
N SER E 477 -20.64 -30.56 -5.51
CA SER E 477 -21.02 -31.50 -6.55
C SER E 477 -19.88 -32.44 -6.92
N GLU E 478 -18.65 -32.06 -6.62
CA GLU E 478 -17.47 -32.88 -6.93
C GLU E 478 -16.84 -33.53 -5.71
N LEU E 479 -16.98 -32.93 -4.53
CA LEU E 479 -16.40 -33.46 -3.30
C LEU E 479 -17.36 -34.37 -2.53
N TYR E 480 -18.53 -34.66 -3.07
CA TYR E 480 -19.48 -35.52 -2.38
C TYR E 480 -18.94 -36.93 -2.17
N LYS E 481 -18.02 -37.38 -3.04
CA LYS E 481 -17.45 -38.71 -2.96
C LYS E 481 -16.20 -38.78 -2.10
N TYR E 482 -16.04 -37.88 -1.12
CA TYR E 482 -14.86 -37.87 -0.27
C TYR E 482 -15.22 -37.41 1.13
N LYS E 483 -14.34 -37.77 2.07
CA LYS E 483 -14.46 -37.41 3.48
C LYS E 483 -13.10 -37.63 4.12
N VAL E 484 -12.69 -36.70 4.96
CA VAL E 484 -11.40 -36.76 5.64
C VAL E 484 -11.58 -37.37 7.02
N VAL E 485 -10.69 -38.30 7.37
CA VAL E 485 -10.72 -38.99 8.65
C VAL E 485 -9.32 -39.00 9.23
N GLU E 486 -9.24 -39.06 10.56
CA GLU E 486 -7.97 -39.09 11.27
C GLU E 486 -7.72 -40.52 11.76
N ILE E 487 -6.54 -41.05 11.43
CA ILE E 487 -6.17 -42.41 11.81
C ILE E 487 -5.51 -42.38 13.17
N GLU E 488 -5.96 -43.27 14.06
CA GLU E 488 -5.43 -43.42 15.42
C GLU E 488 -4.65 -44.74 15.45
N PRO E 489 -3.36 -44.73 15.13
CA PRO E 489 -2.61 -46.00 15.12
C PRO E 489 -2.50 -46.69 16.46
N LEU E 490 -2.71 -45.99 17.57
CA LEU E 490 -2.60 -46.60 18.89
C LEU E 490 -3.92 -47.31 19.23
N GLY E 491 -3.84 -48.64 19.39
CA GLY E 491 -4.98 -49.46 19.72
C GLY E 491 -4.73 -50.28 20.97
N VAL E 492 -5.78 -50.70 21.66
CA VAL E 492 -5.67 -51.48 22.89
C VAL E 492 -6.59 -52.69 22.81
N ALA E 493 -6.08 -53.84 23.26
CA ALA E 493 -6.84 -55.08 23.27
C ALA E 493 -6.16 -56.05 24.22
N PRO E 494 -6.89 -56.95 24.86
CA PRO E 494 -6.27 -57.90 25.80
C PRO E 494 -5.87 -59.21 25.14
N THR E 495 -5.12 -60.00 25.90
CA THR E 495 -4.65 -61.31 25.47
C THR E 495 -3.93 -62.01 26.62
N ARG E 496 -3.88 -63.34 26.58
CA ARG E 496 -3.23 -64.12 27.64
C ARG E 496 -1.71 -64.12 27.41
N CYS E 497 -1.13 -62.93 27.56
CA CYS E 497 0.30 -62.75 27.39
C CYS E 497 1.04 -63.22 28.64
N LYS E 498 2.35 -63.00 28.68
CA LYS E 498 3.20 -63.37 29.81
C LYS E 498 3.13 -64.88 30.09
N ARG E 499 3.42 -65.67 29.06
CA ARG E 499 3.41 -67.13 29.17
C ARG E 499 4.84 -67.66 29.12
N ARG F 8 -1.34 -59.48 0.23
CA ARG F 8 -0.70 -58.23 0.75
C ARG F 8 -1.53 -57.03 0.30
N ARG F 9 -2.34 -56.50 1.21
CA ARG F 9 -3.18 -55.35 0.92
C ARG F 9 -2.41 -54.06 1.12
N GLY F 10 -2.81 -53.04 0.38
CA GLY F 10 -2.16 -51.74 0.49
C GLY F 10 -2.36 -51.06 1.82
N PHE F 11 -2.10 -49.75 1.87
CA PHE F 11 -2.25 -49.01 3.12
C PHE F 11 -3.71 -49.00 3.57
N LEU F 12 -3.94 -49.32 4.84
CA LEU F 12 -5.26 -49.34 5.44
C LEU F 12 -6.21 -50.29 4.73
N GLY F 13 -5.68 -51.33 4.09
CA GLY F 13 -6.52 -52.29 3.39
C GLY F 13 -7.13 -53.37 4.26
N ALA F 14 -6.56 -53.60 5.44
CA ALA F 14 -7.04 -54.62 6.37
C ALA F 14 -8.00 -54.05 7.42
N ALA F 15 -8.66 -52.94 7.12
CA ALA F 15 -9.58 -52.34 8.09
C ALA F 15 -10.78 -53.24 8.36
N GLY F 16 -11.32 -53.89 7.33
CA GLY F 16 -12.47 -54.75 7.50
C GLY F 16 -12.16 -56.14 8.00
N SER F 17 -10.89 -56.55 7.92
CA SER F 17 -10.53 -57.88 8.37
C SER F 17 -10.64 -57.97 9.89
N THR F 18 -10.64 -59.21 10.39
CA THR F 18 -10.74 -59.44 11.83
C THR F 18 -9.52 -58.87 12.54
N MET F 19 -9.64 -58.75 13.87
CA MET F 19 -8.55 -58.22 14.66
C MET F 19 -7.31 -59.11 14.58
N GLY F 20 -7.51 -60.43 14.60
CA GLY F 20 -6.37 -61.33 14.53
C GLY F 20 -5.61 -61.23 13.22
N ALA F 21 -6.33 -61.12 12.10
CA ALA F 21 -5.69 -61.02 10.80
C ALA F 21 -5.16 -59.62 10.49
N ALA F 22 -5.68 -58.58 11.16
CA ALA F 22 -5.23 -57.23 10.90
C ALA F 22 -3.86 -56.93 11.50
N SER F 23 -3.45 -57.66 12.54
CA SER F 23 -2.15 -57.43 13.16
C SER F 23 -0.98 -57.84 12.28
N ILE F 24 -1.22 -58.57 11.20
CA ILE F 24 -0.13 -59.01 10.32
C ILE F 24 0.40 -57.88 9.45
N THR F 25 -0.38 -56.82 9.22
CA THR F 25 0.04 -55.71 8.37
C THR F 25 0.18 -54.39 9.12
N LEU F 26 0.57 -54.42 10.39
CA LEU F 26 0.72 -53.16 11.14
C LEU F 26 1.84 -52.29 10.56
N THR F 27 2.82 -52.90 9.93
CA THR F 27 3.96 -52.16 9.39
C THR F 27 3.54 -51.17 8.31
N VAL F 28 2.63 -51.54 7.41
CA VAL F 28 2.25 -50.62 6.34
C VAL F 28 1.56 -49.38 6.93
N GLN F 29 0.69 -49.57 7.93
CA GLN F 29 0.02 -48.41 8.51
C GLN F 29 0.99 -47.56 9.32
N ALA F 30 1.94 -48.20 10.02
CA ALA F 30 2.90 -47.43 10.81
C ALA F 30 3.90 -46.69 9.92
N ARG F 31 4.14 -47.20 8.70
CA ARG F 31 5.09 -46.55 7.81
C ARG F 31 4.54 -45.26 7.19
N GLN F 32 3.25 -45.27 6.83
CA GLN F 32 2.63 -44.11 6.20
C GLN F 32 2.33 -42.97 7.17
N LEU F 33 2.74 -43.06 8.44
CA LEU F 33 2.47 -41.99 9.38
C LEU F 33 3.29 -40.74 9.09
N LEU F 34 4.39 -40.86 8.36
CA LEU F 34 5.25 -39.73 8.01
C LEU F 34 5.70 -39.84 6.56
N SER F 35 4.78 -40.18 5.67
CA SER F 35 5.10 -40.31 4.25
C SER F 35 3.82 -40.31 3.41
N GLN F 52 9.46 -29.04 -3.80
CA GLN F 52 10.40 -27.89 -3.82
C GLN F 52 10.95 -27.61 -2.43
N HIS F 53 12.27 -27.55 -2.32
CA HIS F 53 12.89 -27.29 -1.02
C HIS F 53 12.54 -25.90 -0.51
N LEU F 54 12.44 -24.92 -1.41
CA LEU F 54 12.09 -23.57 -1.01
C LEU F 54 10.62 -23.49 -0.61
N LEU F 55 10.26 -22.40 0.07
CA LEU F 55 8.90 -22.15 0.51
C LEU F 55 8.53 -20.72 0.18
N LYS F 56 7.43 -20.53 -0.54
CA LYS F 56 6.95 -19.22 -0.93
C LYS F 56 6.11 -18.53 0.14
N LEU F 57 5.64 -19.29 1.15
CA LEU F 57 4.82 -18.74 2.22
C LEU F 57 3.52 -18.14 1.70
N GLY F 58 3.02 -18.68 0.59
CA GLY F 58 1.78 -18.22 -0.01
C GLY F 58 0.60 -18.96 0.56
N VAL F 59 -0.52 -18.92 -0.18
CA VAL F 59 -1.72 -19.62 0.28
C VAL F 59 -1.45 -21.11 0.37
N TRP F 60 -0.83 -21.68 -0.66
CA TRP F 60 -0.52 -23.11 -0.64
C TRP F 60 0.67 -23.38 0.27
N GLY F 61 1.67 -22.49 0.27
CA GLY F 61 2.82 -22.69 1.11
C GLY F 61 2.49 -22.67 2.59
N ILE F 62 1.61 -21.76 3.00
CA ILE F 62 1.23 -21.67 4.40
C ILE F 62 0.53 -22.96 4.83
N LYS F 63 -0.39 -23.46 4.00
CA LYS F 63 -1.10 -24.69 4.33
C LYS F 63 -0.13 -25.87 4.38
N GLN F 64 0.82 -25.93 3.44
CA GLN F 64 1.79 -27.03 3.44
C GLN F 64 2.64 -26.98 4.70
N LEU F 65 3.07 -25.78 5.11
CA LEU F 65 3.88 -25.67 6.31
C LEU F 65 3.12 -26.16 7.53
N GLN F 66 1.85 -25.78 7.64
CA GLN F 66 1.04 -26.23 8.77
C GLN F 66 0.84 -27.74 8.71
N ALA F 67 0.65 -28.28 7.51
CA ALA F 67 0.47 -29.72 7.36
C ALA F 67 1.71 -30.48 7.79
N ARG F 68 2.88 -30.00 7.39
CA ARG F 68 4.13 -30.67 7.77
C ARG F 68 4.33 -30.62 9.28
N VAL F 69 4.10 -29.46 9.89
CA VAL F 69 4.28 -29.33 11.33
C VAL F 69 3.23 -30.16 12.06
N LEU F 70 1.99 -30.15 11.56
CA LEU F 70 0.93 -30.93 12.20
C LEU F 70 1.23 -32.42 12.16
N ALA F 71 1.79 -32.90 11.05
CA ALA F 71 2.12 -34.31 10.94
C ALA F 71 3.16 -34.72 11.96
N VAL F 72 4.18 -33.89 12.16
CA VAL F 72 5.22 -34.22 13.14
C VAL F 72 4.63 -34.29 14.54
N GLU F 73 3.77 -33.34 14.89
CA GLU F 73 3.16 -33.35 16.22
C GLU F 73 2.29 -34.59 16.40
N ARG F 74 1.54 -34.97 15.36
CA ARG F 74 0.68 -36.14 15.45
C ARG F 74 1.50 -37.40 15.72
N TYR F 75 2.63 -37.55 15.04
CA TYR F 75 3.47 -38.71 15.25
C TYR F 75 4.14 -38.67 16.62
N LEU F 76 4.69 -37.53 17.00
CA LEU F 76 5.35 -37.41 18.29
C LEU F 76 4.36 -37.59 19.44
N ARG F 77 3.17 -37.00 19.32
CA ARG F 77 2.17 -37.13 20.38
C ARG F 77 1.79 -38.59 20.58
N ASP F 78 1.79 -39.38 19.52
CA ASP F 78 1.45 -40.80 19.61
C ASP F 78 2.67 -41.66 19.94
N GLN F 79 3.86 -41.21 19.52
CA GLN F 79 5.09 -41.96 19.79
C GLN F 79 5.56 -41.78 21.23
N GLN F 80 5.39 -40.59 21.80
CA GLN F 80 5.85 -40.35 23.18
C GLN F 80 5.13 -41.26 24.17
N LEU F 81 3.88 -41.62 23.88
CA LEU F 81 3.16 -42.50 24.80
C LEU F 81 3.84 -43.86 24.90
N LEU F 82 4.31 -44.39 23.77
CA LEU F 82 4.99 -45.67 23.80
C LEU F 82 6.31 -45.58 24.56
N GLY F 83 6.99 -44.43 24.49
CA GLY F 83 8.24 -44.28 25.20
C GLY F 83 8.08 -44.37 26.70
N ILE F 84 7.13 -43.61 27.25
CA ILE F 84 6.90 -43.66 28.70
C ILE F 84 6.37 -45.02 29.10
N TRP F 85 5.56 -45.65 28.25
CA TRP F 85 5.03 -46.97 28.56
C TRP F 85 6.08 -48.07 28.45
N GLY F 86 7.26 -47.76 27.90
CA GLY F 86 8.30 -48.75 27.76
C GLY F 86 8.14 -49.67 26.57
N CYS F 87 7.41 -49.23 25.54
CA CYS F 87 7.18 -50.02 24.34
C CYS F 87 7.71 -49.36 23.08
N SER F 88 8.60 -48.37 23.21
CA SER F 88 9.14 -47.72 22.03
C SER F 88 9.95 -48.70 21.19
N GLY F 89 9.84 -48.58 19.87
CA GLY F 89 10.55 -49.47 18.97
C GLY F 89 9.94 -50.84 18.84
N LYS F 90 8.77 -51.07 19.42
CA LYS F 90 8.08 -52.35 19.36
C LYS F 90 6.66 -52.14 18.85
N LEU F 91 6.27 -52.93 17.85
CA LEU F 91 4.92 -52.80 17.31
C LEU F 91 3.88 -53.40 18.24
N ILE F 92 4.24 -54.44 18.99
CA ILE F 92 3.34 -55.10 19.94
C ILE F 92 4.09 -55.29 21.24
N CYS F 93 3.39 -55.07 22.36
CA CYS F 93 3.99 -55.23 23.67
C CYS F 93 2.90 -55.53 24.68
N CYS F 94 3.28 -56.20 25.77
CA CYS F 94 2.37 -56.58 26.84
C CYS F 94 2.73 -55.83 28.10
N THR F 95 1.73 -55.20 28.72
CA THR F 95 1.91 -54.43 29.94
C THR F 95 1.55 -55.28 31.15
N ASN F 96 1.86 -54.74 32.33
CA ASN F 96 1.59 -55.42 33.59
C ASN F 96 0.19 -55.14 34.15
N VAL F 97 -0.60 -54.31 33.48
CA VAL F 97 -1.95 -54.00 33.97
C VAL F 97 -2.89 -55.15 33.63
N PRO F 98 -3.53 -55.80 34.60
CA PRO F 98 -4.45 -56.89 34.24
C PRO F 98 -5.70 -56.35 33.57
N TRP F 99 -6.34 -57.20 32.79
CA TRP F 99 -7.55 -56.82 32.08
C TRP F 99 -8.75 -56.88 33.02
N ASN F 100 -9.36 -55.72 33.27
CA ASN F 100 -10.52 -55.64 34.15
C ASN F 100 -11.75 -56.07 33.35
N SER F 101 -12.51 -57.03 33.90
CA SER F 101 -13.70 -57.52 33.21
C SER F 101 -14.75 -56.43 33.04
N SER F 102 -14.72 -55.38 33.86
CA SER F 102 -15.70 -54.31 33.74
C SER F 102 -15.61 -53.64 32.38
N TRP F 103 -14.40 -53.48 31.83
CA TRP F 103 -14.25 -52.85 30.54
C TRP F 103 -14.94 -53.66 29.44
N SER F 104 -14.79 -54.99 29.49
CA SER F 104 -15.42 -55.86 28.51
C SER F 104 -15.43 -57.30 28.99
N ASN F 105 -16.60 -57.92 29.02
CA ASN F 105 -16.77 -59.30 29.46
C ASN F 105 -16.80 -60.29 28.32
N LYS F 106 -16.51 -59.85 27.09
CA LYS F 106 -16.53 -60.75 25.95
C LYS F 106 -15.35 -61.72 25.99
N SER F 107 -15.53 -62.87 25.35
CA SER F 107 -14.49 -63.89 25.32
C SER F 107 -13.35 -63.47 24.40
N LEU F 108 -12.25 -64.23 24.50
CA LEU F 108 -11.06 -63.96 23.71
C LEU F 108 -11.20 -64.43 22.26
N ASP F 109 -11.95 -65.51 22.03
CA ASP F 109 -12.08 -66.03 20.67
C ASP F 109 -12.89 -65.09 19.79
N GLU F 110 -14.05 -64.63 20.27
CA GLU F 110 -14.89 -63.75 19.46
C GLU F 110 -14.20 -62.43 19.11
N ILE F 111 -13.47 -61.84 20.05
CA ILE F 111 -12.83 -60.56 19.78
C ILE F 111 -11.68 -60.72 18.80
N TRP F 112 -10.86 -61.75 18.95
CA TRP F 112 -9.69 -61.93 18.09
C TRP F 112 -9.96 -62.71 16.80
N ASN F 113 -11.15 -63.30 16.61
CA ASN F 113 -11.44 -64.06 15.40
C ASN F 113 -12.77 -63.71 14.74
N ASN F 114 -13.59 -62.86 15.35
CA ASN F 114 -14.88 -62.49 14.78
C ASN F 114 -15.11 -60.99 14.70
N MET F 115 -14.65 -60.23 15.68
CA MET F 115 -14.84 -58.78 15.70
C MET F 115 -13.64 -58.08 15.07
N THR F 116 -13.90 -56.90 14.52
CA THR F 116 -12.88 -56.07 13.87
C THR F 116 -12.48 -54.94 14.80
N TRP F 117 -11.38 -54.27 14.46
CA TRP F 117 -10.87 -53.18 15.28
C TRP F 117 -11.86 -52.02 15.37
N LEU F 118 -12.54 -51.68 14.27
CA LEU F 118 -13.47 -50.57 14.30
C LEU F 118 -14.60 -50.81 15.31
N GLN F 119 -15.16 -52.02 15.31
CA GLN F 119 -16.22 -52.34 16.27
C GLN F 119 -15.69 -52.34 17.69
N TRP F 120 -14.46 -52.83 17.89
CA TRP F 120 -13.88 -52.86 19.22
C TRP F 120 -13.53 -51.46 19.72
N ASP F 121 -13.28 -50.53 18.80
CA ASP F 121 -12.94 -49.17 19.20
C ASP F 121 -14.09 -48.49 19.91
N LYS F 122 -15.33 -48.78 19.50
CA LYS F 122 -16.52 -48.19 20.10
C LYS F 122 -16.95 -48.88 21.40
N GLU F 123 -16.10 -49.71 21.99
CA GLU F 123 -16.40 -50.40 23.24
C GLU F 123 -15.44 -50.08 24.36
N ILE F 124 -14.20 -49.69 24.03
CA ILE F 124 -13.20 -49.34 25.04
C ILE F 124 -13.01 -47.83 25.17
N GLY F 125 -13.48 -47.04 24.19
CA GLY F 125 -13.37 -45.58 24.19
C GLY F 125 -13.63 -44.93 25.55
N ASN F 126 -14.66 -45.39 26.25
CA ASN F 126 -14.99 -44.82 27.55
C ASN F 126 -13.89 -45.08 28.58
N TYR F 127 -13.27 -46.26 28.54
CA TYR F 127 -12.21 -46.62 29.48
C TYR F 127 -10.82 -46.46 28.88
N THR F 128 -10.69 -45.82 27.72
CA THR F 128 -9.38 -45.65 27.10
C THR F 128 -8.48 -44.74 27.94
N GLN F 129 -9.00 -43.59 28.37
CA GLN F 129 -8.19 -42.67 29.16
C GLN F 129 -7.74 -43.31 30.47
N LEU F 130 -8.64 -44.03 31.13
CA LEU F 130 -8.28 -44.66 32.40
C LEU F 130 -7.20 -45.73 32.20
N ILE F 131 -7.30 -46.50 31.11
CA ILE F 131 -6.31 -47.55 30.85
C ILE F 131 -4.94 -46.94 30.62
N TYR F 132 -4.88 -45.83 29.88
CA TYR F 132 -3.59 -45.18 29.61
C TYR F 132 -2.92 -44.72 30.90
N ARG F 133 -3.69 -44.15 31.82
CA ARG F 133 -3.11 -43.70 33.08
C ARG F 133 -2.60 -44.86 33.92
N LEU F 134 -3.34 -45.97 33.94
CA LEU F 134 -2.93 -47.13 34.73
C LEU F 134 -1.63 -47.73 34.19
N ILE F 135 -1.42 -47.68 32.88
CA ILE F 135 -0.21 -48.27 32.31
C ILE F 135 1.04 -47.50 32.72
N GLU F 136 0.98 -46.17 32.81
CA GLU F 136 2.16 -45.40 33.18
C GLU F 136 2.62 -45.74 34.59
N GLU F 137 1.71 -45.67 35.57
CA GLU F 137 2.09 -45.98 36.94
C GLU F 137 2.53 -47.44 37.08
N SER F 138 1.93 -48.34 36.32
CA SER F 138 2.32 -49.74 36.39
C SER F 138 3.73 -49.95 35.88
N GLN F 139 4.12 -49.25 34.82
CA GLN F 139 5.46 -49.36 34.26
C GLN F 139 6.47 -48.56 35.07
N ASN F 140 6.08 -47.37 35.54
CA ASN F 140 7.01 -46.56 36.33
C ASN F 140 7.34 -47.23 37.65
N GLN F 141 6.32 -47.82 38.31
CA GLN F 141 6.58 -48.50 39.58
C GLN F 141 7.51 -49.69 39.37
N GLN F 142 7.27 -50.48 38.32
CA GLN F 142 8.15 -51.61 38.04
C GLN F 142 9.55 -51.12 37.71
N GLU F 143 9.63 -50.00 36.99
CA GLU F 143 10.94 -49.47 36.63
C GLU F 143 11.72 -49.08 37.88
N LYS F 144 11.04 -48.45 38.85
CA LYS F 144 11.70 -48.06 40.08
C LYS F 144 12.06 -49.28 40.93
N ASN F 145 11.17 -50.27 40.97
CA ASN F 145 11.43 -51.46 41.77
C ASN F 145 12.62 -52.24 41.22
N GLU F 146 12.75 -52.35 39.89
CA GLU F 146 13.85 -53.09 39.31
C GLU F 146 15.16 -52.34 39.49
N LYS F 147 15.28 -51.16 38.90
CA LYS F 147 16.49 -50.37 39.03
C LYS F 147 16.48 -49.67 40.39
N GLU F 148 17.42 -48.72 40.57
CA GLU F 148 17.57 -47.98 41.83
C GLU F 148 17.83 -48.99 42.95
N LEU F 149 19.00 -49.62 42.84
CA LEU F 149 19.36 -50.62 43.82
C LEU F 149 19.48 -50.03 45.23
N LEU F 150 19.74 -48.72 45.33
CA LEU F 150 19.83 -48.04 46.62
C LEU F 150 19.94 -46.54 46.39
N ASN G 38 31.29 -50.65 43.88
CA ASN G 38 31.54 -49.25 43.45
C ASN G 38 30.23 -48.57 43.07
N LEU G 39 30.32 -47.37 42.49
CA LEU G 39 29.16 -46.60 42.09
C LEU G 39 29.20 -46.33 40.59
N TRP G 40 28.02 -46.34 39.97
CA TRP G 40 27.87 -46.10 38.54
C TRP G 40 26.95 -44.90 38.34
N VAL G 41 27.22 -44.14 37.27
CA VAL G 41 26.43 -42.96 36.96
C VAL G 41 25.13 -43.40 36.31
N THR G 42 24.03 -42.77 36.70
CA THR G 42 22.70 -43.06 36.17
C THR G 42 22.05 -41.76 35.73
N VAL G 43 21.22 -41.86 34.69
CA VAL G 43 20.51 -40.73 34.11
C VAL G 43 19.01 -40.91 34.37
N TYR G 44 18.35 -39.83 34.77
CA TYR G 44 16.93 -39.82 35.06
C TYR G 44 16.23 -38.88 34.09
N TYR G 45 15.11 -39.33 33.53
CA TYR G 45 14.33 -38.56 32.59
C TYR G 45 13.08 -38.04 33.29
N GLY G 46 12.70 -36.80 32.98
CA GLY G 46 11.55 -36.21 33.61
C GLY G 46 11.82 -35.71 35.01
N VAL G 47 13.06 -35.33 35.29
CA VAL G 47 13.48 -34.83 36.59
C VAL G 47 12.83 -33.48 36.88
N PRO G 48 12.42 -33.17 38.13
CA PRO G 48 11.79 -31.86 38.40
C PRO G 48 12.77 -30.73 38.75
N VAL G 49 13.38 -30.17 37.70
CA VAL G 49 14.33 -29.07 37.84
C VAL G 49 13.99 -28.01 36.79
N TRP G 50 14.49 -26.81 36.99
CA TRP G 50 14.22 -25.73 36.04
C TRP G 50 15.31 -24.67 36.15
N ARG G 51 15.27 -23.74 35.19
CA ARG G 51 16.20 -22.63 35.10
C ARG G 51 15.50 -21.46 34.44
N ASP G 52 16.04 -20.26 34.69
CA ASP G 52 15.47 -19.07 34.08
C ASP G 52 15.73 -19.08 32.58
N ALA G 53 14.74 -18.64 31.81
CA ALA G 53 14.88 -18.62 30.36
C ALA G 53 13.88 -17.63 29.77
N GLU G 54 13.90 -17.51 28.45
CA GLU G 54 13.03 -16.63 27.69
C GLU G 54 12.41 -17.43 26.56
N THR G 55 11.12 -17.25 26.32
CA THR G 55 10.43 -17.98 25.27
C THR G 55 9.26 -17.15 24.74
N THR G 56 8.75 -17.57 23.58
CA THR G 56 7.63 -16.90 22.94
C THR G 56 6.33 -17.40 23.56
N LEU G 57 5.77 -16.60 24.46
CA LEU G 57 4.52 -16.99 25.12
C LEU G 57 3.34 -16.73 24.19
N PHE G 58 2.42 -17.71 24.14
CA PHE G 58 1.23 -17.60 23.25
C PHE G 58 0.03 -17.17 24.08
N CYS G 59 -0.99 -16.62 23.42
CA CYS G 59 -2.17 -16.10 24.15
C CYS G 59 -3.23 -17.17 24.35
N ALA G 60 -3.93 -17.17 25.49
CA ALA G 60 -5.09 -18.09 25.65
C ALA G 60 -6.27 -17.28 26.18
N SER G 61 -7.48 -17.51 25.68
CA SER G 61 -8.63 -16.66 26.11
C SER G 61 -9.95 -17.44 26.08
N ASP G 62 -10.94 -17.05 26.89
CA ASP G 62 -12.24 -17.69 26.82
C ASP G 62 -12.94 -17.22 25.55
N ALA G 63 -12.57 -17.86 24.43
CA ALA G 63 -13.14 -17.50 23.14
C ALA G 63 -14.64 -17.81 23.12
N LYS G 64 -15.37 -17.00 22.36
CA LYS G 64 -16.81 -17.15 22.21
C LYS G 64 -17.23 -16.97 20.76
N GLU G 69 -18.97 -13.28 15.88
CA GLU G 69 -18.83 -12.42 17.08
C GLU G 69 -18.10 -11.12 16.73
N LYS G 70 -18.41 -10.05 17.47
CA LYS G 70 -17.78 -8.76 17.21
C LYS G 70 -16.28 -8.84 17.45
N HIS G 71 -15.52 -8.15 16.60
CA HIS G 71 -14.07 -8.12 16.71
C HIS G 71 -13.61 -7.04 17.68
N ASN G 72 -12.34 -7.13 18.07
CA ASN G 72 -11.73 -6.18 18.98
C ASN G 72 -10.33 -5.86 18.50
N VAL G 73 -9.79 -4.75 19.01
CA VAL G 73 -8.44 -4.33 18.61
C VAL G 73 -7.39 -5.35 19.03
N TRP G 74 -7.65 -6.08 20.11
CA TRP G 74 -6.69 -7.09 20.58
C TRP G 74 -6.68 -8.35 19.74
N ALA G 75 -7.66 -8.53 18.85
CA ALA G 75 -7.74 -9.68 17.96
C ALA G 75 -7.70 -11.00 18.72
N THR G 76 -8.56 -11.10 19.76
CA THR G 76 -8.61 -12.33 20.54
C THR G 76 -9.28 -13.47 19.78
N HIS G 77 -9.96 -13.17 18.66
CA HIS G 77 -10.63 -14.22 17.90
C HIS G 77 -9.63 -15.24 17.37
N ALA G 78 -8.40 -14.81 17.08
CA ALA G 78 -7.36 -15.69 16.57
C ALA G 78 -6.54 -16.33 17.69
N CYS G 79 -6.85 -16.04 18.95
CA CYS G 79 -6.12 -16.60 20.07
C CYS G 79 -6.60 -18.01 20.38
N VAL G 80 -5.75 -18.76 21.07
CA VAL G 80 -6.07 -20.14 21.43
C VAL G 80 -7.16 -20.14 22.49
N PRO G 81 -8.11 -21.08 22.48
CA PRO G 81 -9.15 -21.08 23.53
C PRO G 81 -8.60 -21.60 24.84
N THR G 82 -8.89 -20.89 25.93
CA THR G 82 -8.41 -21.29 27.24
C THR G 82 -9.19 -22.49 27.76
N ASP G 83 -8.53 -23.27 28.61
CA ASP G 83 -9.18 -24.45 29.18
C ASP G 83 -10.23 -24.02 30.21
N PRO G 84 -11.24 -24.86 30.47
CA PRO G 84 -12.25 -24.47 31.45
C PRO G 84 -11.78 -24.59 32.89
N ASN G 85 -10.86 -25.51 33.17
CA ASN G 85 -10.34 -25.72 34.52
C ASN G 85 -8.81 -25.76 34.46
N PRO G 86 -8.16 -24.60 34.40
CA PRO G 86 -6.69 -24.60 34.34
C PRO G 86 -6.09 -25.26 35.57
N GLN G 87 -5.03 -26.03 35.36
CA GLN G 87 -4.37 -26.75 36.44
C GLN G 87 -3.33 -25.87 37.13
N GLU G 88 -3.42 -25.82 38.46
CA GLU G 88 -2.51 -25.05 39.30
C GLU G 88 -2.07 -25.98 40.42
N ILE G 89 -0.77 -26.02 40.69
CA ILE G 89 -0.21 -26.88 41.72
C ILE G 89 0.65 -26.05 42.66
N HIS G 90 0.55 -26.36 43.95
CA HIS G 90 1.33 -25.68 44.99
C HIS G 90 2.56 -26.52 45.30
N LEU G 91 3.72 -25.87 45.31
CA LEU G 91 4.99 -26.55 45.57
C LEU G 91 5.32 -26.51 47.05
N ASP G 92 5.48 -27.69 47.66
CA ASP G 92 5.82 -27.80 49.06
C ASP G 92 7.34 -27.82 49.19
N ASN G 93 7.85 -27.24 50.29
CA ASN G 93 9.27 -27.13 50.60
C ASN G 93 10.05 -26.32 49.57
N VAL G 94 9.40 -25.63 48.64
CA VAL G 94 10.09 -24.88 47.58
C VAL G 94 10.06 -23.39 47.88
N THR G 95 11.18 -22.74 47.63
CA THR G 95 11.38 -21.30 47.80
C THR G 95 12.20 -20.84 46.60
N GLU G 96 11.62 -19.95 45.79
CA GLU G 96 12.27 -19.45 44.59
C GLU G 96 12.44 -17.94 44.63
N LYS G 97 13.48 -17.47 43.97
CA LYS G 97 13.79 -16.06 43.89
C LYS G 97 13.01 -15.43 42.74
N PHE G 98 12.49 -14.23 42.98
CA PHE G 98 11.70 -13.50 41.99
C PHE G 98 12.27 -12.11 41.79
N ASN G 99 12.14 -11.60 40.56
CA ASN G 99 12.62 -10.27 40.21
C ASN G 99 11.69 -9.74 39.12
N MET G 100 10.69 -8.96 39.52
CA MET G 100 9.75 -8.42 38.55
C MET G 100 10.34 -7.31 37.72
N TRP G 101 11.42 -6.67 38.18
CA TRP G 101 12.04 -5.60 37.40
C TRP G 101 12.82 -6.17 36.22
N LYS G 102 13.58 -7.25 36.45
CA LYS G 102 14.36 -7.89 35.41
C LYS G 102 13.57 -8.97 34.68
N ASN G 103 12.25 -8.99 34.84
CA ASN G 103 11.42 -9.99 34.18
C ASN G 103 11.38 -9.75 32.68
N ASN G 104 11.23 -10.84 31.92
CA ASN G 104 11.16 -10.79 30.47
C ASN G 104 9.72 -10.76 29.95
N MET G 105 8.75 -11.23 30.73
CA MET G 105 7.37 -11.23 30.27
C MET G 105 6.86 -9.81 30.08
N VAL G 106 7.27 -8.88 30.94
CA VAL G 106 6.82 -7.50 30.82
C VAL G 106 7.29 -6.90 29.51
N GLU G 107 8.55 -7.18 29.13
CA GLU G 107 9.07 -6.66 27.87
C GLU G 107 8.42 -7.34 26.67
N GLN G 108 8.23 -8.66 26.76
CA GLN G 108 7.63 -9.38 25.65
C GLN G 108 6.18 -8.96 25.44
N MET G 109 5.42 -8.77 26.53
CA MET G 109 4.04 -8.36 26.39
C MET G 109 3.92 -6.97 25.77
N HIS G 110 4.87 -6.08 26.08
CA HIS G 110 4.82 -4.74 25.52
C HIS G 110 4.90 -4.78 24.00
N THR G 111 5.78 -5.63 23.45
CA THR G 111 5.91 -5.73 22.01
C THR G 111 4.65 -6.33 21.39
N ASP G 112 4.06 -7.33 22.06
CA ASP G 112 2.85 -7.95 21.54
C ASP G 112 1.70 -6.96 21.47
N ILE G 113 1.53 -6.14 22.51
CA ILE G 113 0.46 -5.15 22.50
C ILE G 113 0.67 -4.16 21.37
N ILE G 114 1.90 -3.70 21.18
CA ILE G 114 2.19 -2.75 20.11
C ILE G 114 1.94 -3.41 18.75
N SER G 115 2.37 -4.66 18.60
CA SER G 115 2.17 -5.35 17.32
C SER G 115 0.69 -5.52 17.03
N LEU G 116 -0.10 -5.91 18.04
CA LEU G 116 -1.53 -6.07 17.83
C LEU G 116 -2.20 -4.75 17.48
N TRP G 117 -1.74 -3.67 18.12
CA TRP G 117 -2.31 -2.35 17.84
C TRP G 117 -2.10 -1.96 16.38
N ASP G 118 -0.90 -2.22 15.86
CA ASP G 118 -0.63 -1.89 14.46
C ASP G 118 -1.38 -2.80 13.51
N GLN G 119 -1.52 -4.08 13.88
CA GLN G 119 -2.22 -5.03 13.02
C GLN G 119 -3.69 -4.63 12.85
N SER G 120 -4.33 -4.19 13.93
CA SER G 120 -5.73 -3.81 13.83
C SER G 120 -5.93 -2.57 12.96
N LEU G 121 -4.98 -1.63 13.00
CA LEU G 121 -5.07 -0.41 12.22
C LEU G 121 -4.58 -0.56 10.78
N LYS G 122 -3.88 -1.66 10.45
CA LYS G 122 -3.37 -1.82 9.10
C LYS G 122 -4.47 -1.85 8.03
N PRO G 123 -5.56 -2.61 8.18
CA PRO G 123 -6.59 -2.62 7.12
C PRO G 123 -7.54 -1.43 7.14
N CYS G 124 -7.49 -0.57 8.14
CA CYS G 124 -8.40 0.57 8.19
C CYS G 124 -7.95 1.66 7.22
N VAL G 125 -8.88 2.58 6.93
CA VAL G 125 -8.60 3.67 6.01
C VAL G 125 -7.58 4.63 6.59
N LYS G 126 -6.74 5.18 5.71
CA LYS G 126 -5.71 6.14 6.06
C LYS G 126 -6.23 7.53 5.75
N LEU G 127 -6.20 8.42 6.75
CA LEU G 127 -6.70 9.80 6.58
C LEU G 127 -5.63 10.71 5.97
N THR G 128 -5.20 10.34 4.77
CA THR G 128 -4.20 11.15 4.08
C THR G 128 -4.77 12.44 3.48
N PRO G 129 -6.01 12.50 2.97
CA PRO G 129 -6.49 13.77 2.40
C PRO G 129 -6.97 14.77 3.43
N LEU G 130 -7.10 14.38 4.71
CA LEU G 130 -7.57 15.30 5.73
C LEU G 130 -6.58 16.42 6.02
N CYS G 131 -5.32 16.28 5.60
CA CYS G 131 -4.31 17.31 5.83
C CYS G 131 -4.56 18.46 4.87
N VAL G 132 -5.42 19.40 5.28
CA VAL G 132 -5.76 20.58 4.50
C VAL G 132 -5.99 21.74 5.46
N THR G 133 -6.10 22.93 4.88
CA THR G 133 -6.33 24.13 5.69
C THR G 133 -7.76 24.11 6.22
N LEU G 134 -7.90 24.36 7.53
CA LEU G 134 -9.20 24.35 8.20
C LEU G 134 -9.55 25.75 8.67
N HIS G 135 -10.75 26.21 8.32
CA HIS G 135 -11.27 27.51 8.74
C HIS G 135 -12.27 27.22 9.85
N CYS G 136 -11.96 27.68 11.06
CA CYS G 136 -12.82 27.43 12.22
C CYS G 136 -13.30 28.71 12.88
N THR G 137 -14.37 28.55 13.65
CA THR G 137 -15.02 29.63 14.39
C THR G 137 -15.51 29.05 15.70
N ASN G 138 -15.78 29.92 16.66
CA ASN G 138 -16.25 29.48 17.96
C ASN G 138 -17.61 28.79 17.83
N VAL G 139 -17.81 27.75 18.65
CA VAL G 139 -19.06 27.02 18.62
C VAL G 139 -20.20 27.90 19.12
N THR G 140 -21.38 27.70 18.56
CA THR G 140 -22.56 28.47 18.94
C THR G 140 -23.20 27.89 20.20
N ASP G 147 -14.70 26.94 31.30
CA ASP G 147 -14.66 27.48 29.91
C ASP G 147 -15.53 26.64 28.99
N ARG G 148 -15.81 27.18 27.80
CA ARG G 148 -16.62 26.49 26.79
C ARG G 148 -16.00 26.55 25.40
N GLU G 149 -14.76 27.02 25.27
CA GLU G 149 -14.08 27.10 23.99
C GLU G 149 -13.27 25.85 23.67
N GLU G 150 -13.68 24.70 24.21
CA GLU G 150 -12.95 23.46 23.97
C GLU G 150 -13.16 22.93 22.55
N LEU G 151 -14.26 23.30 21.89
CA LEU G 151 -14.57 22.85 20.54
C LEU G 151 -14.43 23.99 19.54
N LYS G 152 -14.32 23.62 18.27
CA LYS G 152 -14.19 24.57 17.18
C LYS G 152 -14.94 24.05 15.97
N ASN G 153 -15.88 24.83 15.44
CA ASN G 153 -16.70 24.43 14.28
C ASN G 153 -15.91 24.73 13.03
N CYS G 154 -15.15 23.78 12.53
CA CYS G 154 -14.27 23.92 11.39
C CYS G 154 -14.94 23.49 10.09
N SER G 155 -14.46 24.09 8.99
CA SER G 155 -14.92 23.82 7.64
C SER G 155 -13.70 23.65 6.75
N PHE G 156 -13.81 22.80 5.73
CA PHE G 156 -12.67 22.57 4.87
C PHE G 156 -13.09 21.84 3.62
N ASN G 157 -12.32 22.02 2.55
CA ASN G 157 -12.61 21.33 1.27
C ASN G 157 -12.15 19.90 1.38
N MET G 158 -12.76 19.02 0.61
CA MET G 158 -12.43 17.59 0.66
C MET G 158 -12.77 16.95 -0.68
N THR G 159 -12.11 15.83 -0.95
CA THR G 159 -12.32 15.08 -2.17
C THR G 159 -13.53 14.15 -2.01
N THR G 160 -13.80 13.34 -3.03
CA THR G 160 -14.92 12.42 -3.02
C THR G 160 -14.57 11.24 -3.91
N GLU G 161 -15.55 10.35 -4.12
CA GLU G 161 -15.31 9.18 -4.97
C GLU G 161 -14.97 9.61 -6.39
N LEU G 162 -15.65 10.64 -6.89
CA LEU G 162 -15.38 11.15 -8.24
C LEU G 162 -14.12 12.00 -8.16
N ARG G 163 -13.04 11.52 -8.78
CA ARG G 163 -11.77 12.24 -8.74
C ARG G 163 -11.84 13.61 -9.40
N ASP G 164 -12.81 13.83 -10.29
CA ASP G 164 -12.96 15.11 -10.97
C ASP G 164 -13.86 16.09 -10.23
N LYS G 165 -14.29 15.76 -9.02
CA LYS G 165 -15.16 16.63 -8.23
C LYS G 165 -14.68 16.67 -6.79
N ARG G 166 -15.01 17.78 -6.12
CA ARG G 166 -14.65 18.02 -4.73
C ARG G 166 -15.90 18.47 -3.98
N GLN G 167 -15.78 18.49 -2.64
CA GLN G 167 -16.90 18.88 -1.79
C GLN G 167 -16.40 19.67 -0.60
N LYS G 168 -17.26 20.55 -0.10
CA LYS G 168 -16.98 21.38 1.07
C LYS G 168 -17.81 20.83 2.22
N VAL G 169 -17.16 20.48 3.32
CA VAL G 169 -17.83 19.92 4.49
C VAL G 169 -17.43 20.70 5.73
N TYR G 170 -18.06 20.34 6.84
CA TYR G 170 -17.79 20.97 8.13
C TYR G 170 -17.95 19.94 9.23
N SER G 171 -17.24 20.14 10.33
CA SER G 171 -17.30 19.23 11.47
C SER G 171 -16.53 19.85 12.63
N LEU G 172 -16.97 19.56 13.83
CA LEU G 172 -16.31 20.09 15.01
C LEU G 172 -14.96 19.41 15.22
N PHE G 173 -14.12 20.04 16.04
CA PHE G 173 -12.79 19.51 16.32
C PHE G 173 -12.33 20.06 17.67
N TYR G 174 -11.77 19.19 18.50
CA TYR G 174 -11.27 19.62 19.80
C TYR G 174 -10.06 20.52 19.60
N ARG G 175 -9.93 21.52 20.46
CA ARG G 175 -8.81 22.45 20.34
C ARG G 175 -7.47 21.76 20.50
N LEU G 176 -7.41 20.66 21.26
CA LEU G 176 -6.15 19.96 21.44
C LEU G 176 -5.66 19.33 20.15
N ASP G 177 -6.58 18.86 19.29
CA ASP G 177 -6.23 18.24 18.02
C ASP G 177 -6.17 19.24 16.88
N ILE G 178 -5.91 20.51 17.18
CA ILE G 178 -5.85 21.57 16.18
C ILE G 178 -4.67 22.48 16.51
N VAL G 179 -3.94 22.89 15.49
CA VAL G 179 -2.77 23.77 15.65
C VAL G 179 -2.82 24.85 14.57
N PRO G 180 -2.71 26.14 14.89
CA PRO G 180 -2.76 27.16 13.84
C PRO G 180 -1.54 27.08 12.92
N ILE G 181 -1.77 27.36 11.64
CA ILE G 181 -0.69 27.34 10.66
C ILE G 181 0.23 28.54 10.88
N ASN G 182 -0.38 29.73 11.01
CA ASN G 182 0.34 30.97 11.23
C ASN G 182 -0.24 31.62 12.48
N GLU G 183 0.58 32.43 13.14
CA GLU G 183 0.15 33.09 14.37
C GLU G 183 -1.08 33.96 14.15
N ASN G 184 -1.14 34.67 13.03
CA ASN G 184 -2.25 35.55 12.72
C ASN G 184 -3.31 34.82 11.88
N GLN G 185 -4.24 35.61 11.33
CA GLN G 185 -5.34 35.17 10.46
C GLN G 185 -6.48 34.45 11.19
N GLY G 186 -6.29 34.08 12.46
CA GLY G 186 -7.32 33.39 13.22
C GLY G 186 -8.04 32.28 12.48
N SER G 187 -7.41 31.67 11.49
CA SER G 187 -8.00 30.62 10.68
C SER G 187 -6.84 29.82 10.08
N GLU G 188 -7.14 29.05 9.02
CA GLU G 188 -6.13 28.22 8.36
C GLU G 188 -5.53 27.20 9.33
N TYR G 189 -6.34 26.76 10.29
CA TYR G 189 -5.88 25.79 11.28
C TYR G 189 -5.51 24.49 10.58
N ARG G 190 -4.64 23.72 11.22
CA ARG G 190 -4.17 22.45 10.70
C ARG G 190 -4.23 21.39 11.79
N LEU G 191 -4.50 20.15 11.38
CA LEU G 191 -4.51 19.02 12.34
C LEU G 191 -3.11 18.87 12.91
N ILE G 192 -2.98 18.63 14.21
CA ILE G 192 -1.63 18.63 14.86
C ILE G 192 -0.69 17.62 14.20
N ASN G 193 -1.14 16.39 13.97
CA ASN G 193 -0.22 15.32 13.47
C ASN G 193 0.16 15.53 12.02
N CYS G 194 -0.47 16.46 11.34
CA CYS G 194 -0.25 16.55 9.87
C CYS G 194 1.20 16.73 9.42
N ASN G 195 2.08 17.34 10.21
CA ASN G 195 3.41 17.59 9.67
C ASN G 195 4.41 16.50 10.04
N THR G 196 3.96 15.42 10.68
CA THR G 196 4.82 14.32 11.10
C THR G 196 4.39 12.96 10.58
N SER G 197 3.09 12.74 10.37
CA SER G 197 2.59 11.46 9.88
C SER G 197 1.09 11.59 9.63
N ALA G 198 0.57 10.69 8.80
CA ALA G 198 -0.86 10.65 8.47
C ALA G 198 -1.52 9.63 9.36
N CYS G 199 -2.48 10.08 10.17
CA CYS G 199 -3.17 9.18 11.09
C CYS G 199 -4.12 8.25 10.35
N THR G 200 -4.25 7.04 10.90
CA THR G 200 -5.11 6.00 10.35
C THR G 200 -6.40 5.96 11.17
N GLN G 201 -7.53 6.20 10.52
CA GLN G 201 -8.81 6.19 11.21
C GLN G 201 -9.09 4.79 11.75
N ALA G 202 -9.53 4.71 13.00
CA ALA G 202 -9.84 3.42 13.60
C ALA G 202 -11.11 2.86 12.97
N CYS G 203 -11.10 1.56 12.71
CA CYS G 203 -12.26 0.92 12.11
C CYS G 203 -13.42 0.97 13.10
N PRO G 204 -14.59 1.51 12.73
CA PRO G 204 -15.69 1.57 13.71
C PRO G 204 -16.23 0.21 14.11
N LYS G 205 -15.99 -0.84 13.33
CA LYS G 205 -16.51 -2.15 13.67
C LYS G 205 -15.76 -2.82 14.82
N VAL G 206 -14.51 -2.44 15.09
CA VAL G 206 -13.73 -3.02 16.17
C VAL G 206 -13.80 -2.11 17.38
N SER G 207 -13.90 -2.72 18.56
CA SER G 207 -13.96 -2.01 19.84
C SER G 207 -12.66 -2.17 20.60
N PHE G 208 -12.47 -1.30 21.59
CA PHE G 208 -11.28 -1.29 22.43
C PHE G 208 -11.55 -1.86 23.82
N GLU G 209 -12.42 -2.86 23.92
CA GLU G 209 -12.74 -3.44 25.21
C GLU G 209 -11.52 -4.19 25.74
N PRO G 210 -11.01 -3.88 26.94
CA PRO G 210 -9.83 -4.62 27.43
C PRO G 210 -10.20 -5.97 28.04
N ILE G 211 -10.65 -6.88 27.18
CA ILE G 211 -11.04 -8.22 27.61
C ILE G 211 -9.81 -8.94 28.13
N PRO G 212 -9.92 -9.84 29.11
CA PRO G 212 -8.73 -10.51 29.63
C PRO G 212 -8.11 -11.48 28.64
N ILE G 213 -6.80 -11.65 28.77
CA ILE G 213 -6.02 -12.56 27.94
C ILE G 213 -5.03 -13.27 28.85
N HIS G 214 -4.91 -14.58 28.69
CA HIS G 214 -4.02 -15.40 29.50
C HIS G 214 -2.76 -15.73 28.72
N TYR G 215 -1.60 -15.51 29.34
CA TYR G 215 -0.32 -15.80 28.72
C TYR G 215 0.13 -17.19 29.13
N CYS G 216 0.35 -18.06 28.15
CA CYS G 216 0.76 -19.44 28.39
C CYS G 216 2.15 -19.68 27.81
N ALA G 217 2.85 -20.66 28.40
CA ALA G 217 4.18 -21.04 27.96
C ALA G 217 4.12 -22.31 27.10
N PRO G 218 5.02 -22.50 26.14
CA PRO G 218 4.95 -23.72 25.32
C PRO G 218 5.26 -24.95 26.15
N ALA G 219 5.12 -26.11 25.53
CA ALA G 219 5.42 -27.36 26.21
C ALA G 219 6.88 -27.38 26.58
N GLY G 220 7.19 -27.98 27.73
CA GLY G 220 8.55 -28.03 28.21
C GLY G 220 8.96 -26.80 28.99
N PHE G 221 8.01 -25.95 29.36
CA PHE G 221 8.26 -24.74 30.12
C PHE G 221 7.10 -24.53 31.08
N ALA G 222 7.33 -23.76 32.13
CA ALA G 222 6.30 -23.51 33.12
C ALA G 222 6.46 -22.11 33.69
N ILE G 223 5.37 -21.60 34.26
CA ILE G 223 5.31 -20.28 34.87
C ILE G 223 5.18 -20.47 36.37
N LEU G 224 6.16 -19.96 37.11
CA LEU G 224 6.16 -20.08 38.56
C LEU G 224 5.41 -18.91 39.17
N LYS G 225 4.49 -19.20 40.08
CA LYS G 225 3.66 -18.22 40.75
C LYS G 225 4.02 -18.16 42.23
N CYS G 226 4.16 -16.95 42.75
CA CYS G 226 4.49 -16.70 44.16
C CYS G 226 3.20 -16.35 44.90
N LYS G 227 2.86 -17.16 45.90
CA LYS G 227 1.66 -16.97 46.70
C LYS G 227 1.95 -16.39 48.09
N ASP G 228 3.14 -15.85 48.30
CA ASP G 228 3.47 -15.27 49.60
C ASP G 228 2.59 -14.06 49.89
N GLU G 229 2.13 -13.96 51.12
CA GLU G 229 1.26 -12.86 51.52
C GLU G 229 2.06 -11.55 51.54
N GLY G 230 1.51 -10.51 50.92
CA GLY G 230 2.15 -9.21 50.89
C GLY G 230 3.53 -9.22 50.26
N PHE G 231 3.73 -10.00 49.20
CA PHE G 231 5.02 -10.05 48.54
C PHE G 231 5.25 -8.74 47.79
N ASN G 232 6.44 -8.15 47.97
CA ASN G 232 6.75 -6.89 47.31
C ASN G 232 7.29 -7.05 45.90
N GLY G 233 7.38 -8.27 45.38
CA GLY G 233 7.85 -8.52 44.02
C GLY G 233 9.32 -8.84 43.88
N THR G 234 10.12 -8.64 44.92
CA THR G 234 11.56 -8.91 44.86
C THR G 234 11.97 -9.69 46.10
N GLY G 235 12.92 -10.60 45.92
CA GLY G 235 13.44 -11.43 46.99
C GLY G 235 13.05 -12.89 46.81
N LEU G 236 13.28 -13.65 47.87
CA LEU G 236 12.98 -15.08 47.88
C LEU G 236 11.54 -15.28 48.35
N CYS G 237 10.74 -15.92 47.51
CA CYS G 237 9.34 -16.19 47.86
C CYS G 237 9.25 -17.43 48.73
N LYS G 238 8.56 -17.31 49.86
CA LYS G 238 8.39 -18.41 50.80
C LYS G 238 7.17 -19.26 50.51
N ASN G 239 6.41 -18.96 49.45
CA ASN G 239 5.21 -19.71 49.10
C ASN G 239 5.14 -19.70 47.57
N VAL G 240 5.71 -20.72 46.95
CA VAL G 240 5.77 -20.84 45.50
C VAL G 240 4.67 -21.76 45.00
N SER G 241 4.31 -21.57 43.73
CA SER G 241 3.28 -22.36 43.07
C SER G 241 3.61 -22.35 41.57
N THR G 242 3.02 -23.28 40.84
CA THR G 242 3.23 -23.41 39.41
C THR G 242 1.90 -23.46 38.67
N VAL G 243 1.90 -22.88 37.47
CA VAL G 243 0.71 -22.85 36.63
C VAL G 243 1.16 -22.74 35.18
N GLN G 244 0.44 -23.40 34.29
CA GLN G 244 0.78 -23.37 32.87
C GLN G 244 0.40 -22.06 32.20
N CYS G 245 -0.60 -21.36 32.72
CA CYS G 245 -1.04 -20.09 32.13
C CYS G 245 -1.35 -19.10 33.24
N THR G 246 -1.07 -17.83 32.96
CA THR G 246 -1.32 -16.77 33.92
C THR G 246 -2.81 -16.48 33.99
N HIS G 247 -3.21 -15.76 35.04
CA HIS G 247 -4.60 -15.41 35.22
C HIS G 247 -5.03 -14.42 34.15
N GLY G 248 -6.29 -14.02 34.19
CA GLY G 248 -6.81 -13.08 33.21
C GLY G 248 -6.16 -11.72 33.30
N ILE G 249 -5.33 -11.37 32.32
CA ILE G 249 -4.65 -10.08 32.28
C ILE G 249 -5.43 -9.19 31.33
N LYS G 250 -5.88 -8.04 31.85
CA LYS G 250 -6.65 -7.09 31.05
C LYS G 250 -5.71 -5.98 30.58
N PRO G 251 -5.43 -5.84 29.27
CA PRO G 251 -4.53 -4.76 28.85
C PRO G 251 -5.17 -3.39 28.95
N VAL G 252 -5.37 -2.93 30.18
CA VAL G 252 -5.99 -1.63 30.44
C VAL G 252 -4.88 -0.58 30.42
N VAL G 253 -4.87 0.24 29.38
CA VAL G 253 -3.86 1.29 29.26
C VAL G 253 -4.28 2.47 30.13
N SER G 254 -3.40 2.87 31.05
CA SER G 254 -3.69 3.98 31.94
C SER G 254 -2.40 4.64 32.37
N THR G 255 -2.51 5.87 32.87
CA THR G 255 -1.37 6.64 33.34
C THR G 255 -1.71 7.30 34.66
N GLN G 256 -0.80 7.21 35.62
CA GLN G 256 -0.94 7.78 36.96
C GLN G 256 -1.98 7.08 37.83
N LEU G 257 -2.71 6.10 37.29
CA LEU G 257 -3.72 5.39 38.06
C LEU G 257 -4.08 4.10 37.34
N LEU G 258 -3.85 2.97 38.01
CA LEU G 258 -4.17 1.67 37.43
C LEU G 258 -5.66 1.42 37.61
N LEU G 259 -6.34 1.08 36.52
CA LEU G 259 -7.78 0.83 36.52
C LEU G 259 -8.08 -0.63 36.24
N ASN G 260 -9.05 -1.17 36.96
CA ASN G 260 -9.52 -2.55 36.73
C ASN G 260 -8.39 -3.55 36.98
N GLY G 261 -7.40 -3.20 37.80
CA GLY G 261 -6.32 -4.11 38.08
C GLY G 261 -6.60 -4.99 39.29
N SER G 262 -5.66 -5.89 39.57
CA SER G 262 -5.80 -6.78 40.71
C SER G 262 -5.66 -6.01 42.01
N LEU G 263 -6.42 -6.43 43.01
CA LEU G 263 -6.41 -5.80 44.32
C LEU G 263 -5.47 -6.54 45.27
N ALA G 264 -4.96 -5.80 46.26
CA ALA G 264 -4.07 -6.39 47.23
C ALA G 264 -4.84 -7.41 48.06
N GLU G 265 -4.13 -8.43 48.55
CA GLU G 265 -4.78 -9.48 49.31
C GLU G 265 -5.18 -9.02 50.71
N LYS G 266 -4.22 -8.51 51.49
CA LYS G 266 -4.53 -8.08 52.86
C LYS G 266 -3.99 -6.72 53.25
N ASN G 267 -2.90 -6.25 52.63
CA ASN G 267 -2.32 -4.96 52.98
C ASN G 267 -1.87 -4.21 51.74
N ILE G 268 -1.79 -2.89 51.88
CA ILE G 268 -1.37 -2.01 50.79
C ILE G 268 0.10 -2.30 50.52
N THR G 269 0.39 -2.94 49.38
CA THR G 269 1.76 -3.28 49.01
C THR G 269 2.38 -2.16 48.18
N ILE G 270 3.68 -1.96 48.37
CA ILE G 270 4.47 -0.95 47.66
C ILE G 270 5.63 -1.66 46.98
N ARG G 271 5.92 -1.27 45.74
CA ARG G 271 6.99 -1.89 44.96
C ARG G 271 7.86 -0.82 44.32
N SER G 272 9.17 -1.06 44.33
CA SER G 272 10.16 -0.17 43.75
C SER G 272 11.50 -0.89 43.73
N GLU G 273 12.23 -0.78 42.63
CA GLU G 273 13.52 -1.44 42.56
C GLU G 273 14.49 -0.86 43.58
N ASN G 274 14.40 0.45 43.82
CA ASN G 274 15.23 1.15 44.80
C ASN G 274 14.34 2.24 45.38
N ILE G 275 13.74 1.95 46.54
CA ILE G 275 12.83 2.90 47.18
C ILE G 275 13.54 4.21 47.48
N THR G 276 14.82 4.13 47.88
CA THR G 276 15.57 5.34 48.19
C THR G 276 15.92 6.15 46.94
N ASN G 277 15.98 5.52 45.78
CA ASN G 277 16.31 6.24 44.55
C ASN G 277 15.15 7.13 44.14
N ASN G 278 15.47 8.37 43.74
CA ASN G 278 14.45 9.32 43.32
C ASN G 278 14.09 9.19 41.84
N ALA G 279 14.90 8.49 41.06
CA ALA G 279 14.66 8.32 39.63
C ALA G 279 13.90 7.04 39.28
N LYS G 280 13.49 6.25 40.27
CA LYS G 280 12.78 5.00 40.05
C LYS G 280 11.31 5.18 40.43
N ILE G 281 10.42 4.72 39.55
CA ILE G 281 8.99 4.82 39.80
C ILE G 281 8.60 3.94 40.98
N ILE G 282 7.58 4.38 41.72
CA ILE G 282 7.06 3.66 42.87
C ILE G 282 5.65 3.22 42.56
N ILE G 283 5.39 1.92 42.66
CA ILE G 283 4.09 1.33 42.38
C ILE G 283 3.48 0.86 43.70
N VAL G 284 2.24 1.26 43.96
CA VAL G 284 1.53 0.91 45.18
C VAL G 284 0.20 0.26 44.79
N GLN G 285 -0.13 -0.84 45.46
CA GLN G 285 -1.36 -1.58 45.22
C GLN G 285 -2.30 -1.40 46.40
N LEU G 286 -3.55 -1.04 46.11
CA LEU G 286 -4.56 -0.82 47.14
C LEU G 286 -5.27 -2.12 47.50
N VAL G 287 -5.97 -2.08 48.63
CA VAL G 287 -6.73 -3.23 49.13
C VAL G 287 -8.22 -2.99 48.85
N GLN G 288 -8.66 -1.74 48.94
CA GLN G 288 -10.04 -1.37 48.72
C GLN G 288 -10.20 -0.75 47.33
N PRO G 289 -11.02 -1.28 46.43
CA PRO G 289 -11.14 -0.65 45.10
C PRO G 289 -11.88 0.67 45.20
N VAL G 290 -11.20 1.76 44.85
CA VAL G 290 -11.79 3.09 44.90
C VAL G 290 -12.57 3.27 43.60
N THR G 291 -13.90 3.15 43.68
CA THR G 291 -14.74 3.30 42.51
C THR G 291 -14.66 4.72 41.96
N ILE G 292 -14.57 4.82 40.64
CA ILE G 292 -14.49 6.10 39.93
C ILE G 292 -15.47 6.06 38.77
N LYS G 293 -16.25 7.12 38.62
CA LYS G 293 -17.25 7.24 37.56
C LYS G 293 -16.87 8.38 36.65
N CYS G 294 -17.16 8.24 35.35
CA CYS G 294 -16.86 9.25 34.36
C CYS G 294 -18.05 9.34 33.40
N ILE G 295 -18.17 10.49 32.73
CA ILE G 295 -19.28 10.73 31.82
C ILE G 295 -18.85 11.72 30.74
N ARG G 296 -19.49 11.59 29.57
CA ARG G 296 -19.27 12.45 28.41
C ARG G 296 -20.65 13.02 28.09
N PRO G 297 -21.08 14.08 28.79
CA PRO G 297 -22.44 14.62 28.55
C PRO G 297 -22.69 15.26 27.19
N ASN G 298 -21.69 15.34 26.32
CA ASN G 298 -21.89 15.93 24.99
C ASN G 298 -22.56 14.92 24.08
N ASN G 299 -23.76 15.27 23.58
CA ASN G 299 -24.53 14.40 22.70
C ASN G 299 -24.18 14.77 21.25
N TYR G 300 -23.11 14.17 20.75
CA TYR G 300 -22.66 14.41 19.39
C TYR G 300 -23.53 13.66 18.38
N THR G 301 -23.54 14.17 17.15
CA THR G 301 -24.28 13.58 16.05
C THR G 301 -23.27 13.11 15.01
N ARG G 302 -23.14 11.80 14.86
CA ARG G 302 -22.19 11.23 13.92
C ARG G 302 -22.65 11.49 12.48
N LYS G 303 -21.72 11.95 11.64
CA LYS G 303 -21.97 12.21 10.23
C LYS G 303 -20.83 11.57 9.45
N SER G 304 -21.17 10.81 8.42
CA SER G 304 -20.20 10.11 7.59
C SER G 304 -20.10 10.79 6.23
N ILE G 305 -18.88 11.11 5.83
CA ILE G 305 -18.58 11.74 4.55
C ILE G 305 -17.61 10.83 3.80
N ARG G 306 -17.94 10.54 2.55
CA ARG G 306 -17.10 9.66 1.73
C ARG G 306 -15.91 10.44 1.19
N ILE G 307 -14.73 10.17 1.76
CA ILE G 307 -13.52 10.86 1.32
C ILE G 307 -13.03 10.30 -0.01
N GLY G 308 -13.21 9.01 -0.26
CA GLY G 308 -12.78 8.40 -1.49
C GLY G 308 -13.62 7.18 -1.84
N PRO G 309 -13.28 6.53 -2.96
CA PRO G 309 -14.05 5.34 -3.37
C PRO G 309 -14.03 4.22 -2.34
N GLY G 310 -15.20 3.89 -1.79
CA GLY G 310 -15.31 2.82 -0.83
C GLY G 310 -14.78 3.11 0.56
N GLN G 311 -14.57 4.38 0.91
CA GLN G 311 -14.06 4.75 2.22
C GLN G 311 -14.69 6.06 2.65
N ALA G 312 -14.85 6.23 3.95
CA ALA G 312 -15.45 7.43 4.51
C ALA G 312 -14.75 7.84 5.79
N PHE G 313 -14.96 9.10 6.17
CA PHE G 313 -14.39 9.70 7.37
C PHE G 313 -15.53 10.11 8.30
N TYR G 314 -15.51 9.59 9.53
CA TYR G 314 -16.64 9.85 10.46
C TYR G 314 -16.24 10.92 11.42
N ALA G 315 -16.99 12.01 11.47
CA ALA G 315 -16.54 13.14 12.31
C ALA G 315 -17.65 13.66 13.20
N MET G 316 -17.28 14.14 14.38
CA MET G 316 -18.29 14.74 15.27
C MET G 316 -19.08 15.72 14.42
N GLY G 317 -20.37 15.51 14.29
CA GLY G 317 -21.16 16.38 13.40
C GLY G 317 -21.65 17.60 14.13
N ASP G 318 -22.69 17.47 14.93
CA ASP G 318 -23.27 18.67 15.58
C ASP G 318 -23.65 18.33 17.01
N ILE G 319 -23.65 19.33 17.89
CA ILE G 319 -23.95 19.09 19.33
C ILE G 319 -25.46 19.21 19.52
N ILE G 320 -26.00 18.60 20.56
CA ILE G 320 -27.45 18.73 20.85
C ILE G 320 -27.57 19.18 22.31
N GLY G 321 -28.45 20.13 22.61
CA GLY G 321 -28.58 20.65 23.95
C GLY G 321 -27.65 21.82 24.21
N ASP G 322 -26.63 21.61 25.03
CA ASP G 322 -25.67 22.65 25.35
C ASP G 322 -24.33 22.02 25.67
N ILE G 323 -23.28 22.84 25.58
CA ILE G 323 -21.92 22.36 25.85
C ILE G 323 -21.77 22.09 27.33
N ARG G 324 -21.24 20.91 27.67
CA ARG G 324 -21.03 20.50 29.05
C ARG G 324 -19.63 19.91 29.16
N GLN G 325 -18.93 20.28 30.23
CA GLN G 325 -17.57 19.81 30.45
C GLN G 325 -17.56 18.37 30.96
N ALA G 326 -16.71 17.55 30.37
CA ALA G 326 -16.58 16.16 30.78
C ALA G 326 -15.80 16.11 32.08
N HIS G 327 -16.18 15.19 32.97
CA HIS G 327 -15.50 15.08 34.25
C HIS G 327 -15.70 13.67 34.80
N CYS G 328 -15.09 13.43 35.96
CA CYS G 328 -15.15 12.15 36.65
C CYS G 328 -15.42 12.41 38.13
N ASN G 329 -16.05 11.44 38.79
CA ASN G 329 -16.40 11.55 40.20
C ASN G 329 -15.73 10.45 41.01
N VAL G 330 -15.51 10.75 42.29
CA VAL G 330 -14.89 9.81 43.22
C VAL G 330 -15.24 10.27 44.63
N SER G 331 -15.58 9.30 45.49
CA SER G 331 -15.96 9.62 46.85
C SER G 331 -14.76 10.19 47.61
N ARG G 332 -14.96 11.36 48.24
CA ARG G 332 -13.88 11.98 49.00
C ARG G 332 -13.55 11.18 50.25
N SER G 333 -14.56 10.67 50.94
CA SER G 333 -14.32 9.90 52.15
C SER G 333 -13.54 8.64 51.85
N ARG G 334 -13.91 7.92 50.79
CA ARG G 334 -13.20 6.70 50.44
C ARG G 334 -11.88 6.99 49.74
N TRP G 335 -11.75 8.15 49.10
CA TRP G 335 -10.51 8.47 48.39
C TRP G 335 -9.41 8.92 49.35
N ASN G 336 -9.62 10.03 50.06
CA ASN G 336 -8.56 10.51 50.93
C ASN G 336 -8.35 9.60 52.15
N LYS G 337 -9.24 8.63 52.38
CA LYS G 337 -8.99 7.69 53.48
C LYS G 337 -7.84 6.77 53.09
N THR G 338 -7.82 6.32 51.83
CA THR G 338 -6.75 5.46 51.37
C THR G 338 -5.42 6.19 51.38
N LEU G 339 -5.44 7.51 51.14
CA LEU G 339 -4.20 8.28 51.17
C LEU G 339 -3.56 8.19 52.53
N GLN G 340 -4.37 8.21 53.59
CA GLN G 340 -3.83 8.08 54.94
C GLN G 340 -3.17 6.72 55.11
N GLU G 341 -3.81 5.66 54.60
CA GLU G 341 -3.23 4.34 54.68
C GLU G 341 -1.96 4.26 53.83
N VAL G 342 -1.98 4.89 52.67
CA VAL G 342 -0.79 4.89 51.81
C VAL G 342 0.29 5.77 52.43
N ALA G 343 -0.10 6.90 53.01
CA ALA G 343 0.86 7.80 53.63
C ALA G 343 1.58 7.12 54.78
N GLU G 344 0.83 6.48 55.69
CA GLU G 344 1.47 5.81 56.81
C GLU G 344 2.32 4.65 56.34
N LYS G 345 1.89 3.94 55.29
CA LYS G 345 2.69 2.82 54.78
C LYS G 345 4.00 3.35 54.21
N LEU G 346 3.96 4.47 53.49
CA LEU G 346 5.18 5.05 52.95
C LEU G 346 6.10 5.55 54.05
N ARG G 347 5.53 5.92 55.19
CA ARG G 347 6.32 6.42 56.32
C ARG G 347 7.27 5.36 56.85
N THR G 348 6.93 4.08 56.69
CA THR G 348 7.81 3.02 57.20
C THR G 348 9.16 3.01 56.50
N TYR G 349 9.23 3.47 55.26
CA TYR G 349 10.47 3.48 54.49
C TYR G 349 11.24 4.80 54.58
N PHE G 350 10.73 5.81 55.30
CA PHE G 350 11.41 7.09 55.41
C PHE G 350 11.36 7.67 56.82
N GLY G 351 11.36 6.81 57.84
CA GLY G 351 11.32 7.30 59.20
C GLY G 351 10.01 8.00 59.54
N ASN G 352 10.10 8.92 60.49
CA ASN G 352 8.94 9.68 60.95
C ASN G 352 8.63 10.89 60.07
N LYS G 353 9.20 10.97 58.87
CA LYS G 353 8.95 12.11 58.00
C LYS G 353 7.50 12.13 57.54
N THR G 354 6.99 13.33 57.30
CA THR G 354 5.62 13.52 56.84
C THR G 354 5.54 13.38 55.33
N ILE G 355 4.44 12.82 54.86
CA ILE G 355 4.21 12.60 53.43
C ILE G 355 3.36 13.72 52.87
N ILE G 356 3.72 14.19 51.67
CA ILE G 356 3.02 15.26 50.97
C ILE G 356 2.76 14.81 49.54
N PHE G 357 1.56 15.09 49.04
CA PHE G 357 1.16 14.74 47.70
C PHE G 357 0.92 16.01 46.90
N ALA G 358 1.53 16.10 45.73
CA ALA G 358 1.41 17.32 44.90
C ALA G 358 1.01 16.90 43.50
N ASN G 359 0.60 17.84 42.66
CA ASN G 359 0.11 17.44 41.33
C ASN G 359 1.29 17.14 40.41
N SER G 360 1.01 16.62 39.22
CA SER G 360 2.10 16.24 38.30
C SER G 360 3.01 17.43 38.07
N SER G 361 4.31 17.18 37.91
CA SER G 361 5.28 18.29 37.75
C SER G 361 4.92 19.14 36.54
N GLY G 362 4.76 18.50 35.38
CA GLY G 362 4.51 19.25 34.14
C GLY G 362 5.12 18.53 32.96
N GLY G 363 4.69 18.85 31.75
CA GLY G 363 5.18 18.09 30.60
C GLY G 363 4.10 17.84 29.58
N ASP G 364 4.17 16.69 28.91
CA ASP G 364 3.17 16.35 27.91
C ASP G 364 1.83 16.04 28.56
N LEU G 365 0.76 16.23 27.80
CA LEU G 365 -0.59 15.97 28.32
C LEU G 365 -0.77 14.51 28.67
N GLU G 366 -0.09 13.60 27.97
CA GLU G 366 -0.24 12.18 28.25
C GLU G 366 0.35 11.80 29.60
N ILE G 367 1.40 12.49 30.05
CA ILE G 367 2.04 12.19 31.32
C ILE G 367 1.57 13.08 32.47
N THR G 368 0.99 14.25 32.17
CA THR G 368 0.53 15.17 33.20
C THR G 368 -0.94 14.99 33.56
N THR G 369 -1.64 14.03 32.95
CA THR G 369 -3.05 13.79 33.24
C THR G 369 -3.32 12.30 33.27
N HIS G 370 -4.41 11.94 33.94
CA HIS G 370 -4.81 10.54 34.07
C HIS G 370 -5.53 10.14 32.79
N SER G 371 -4.84 9.40 31.93
CA SER G 371 -5.38 8.95 30.66
C SER G 371 -5.98 7.55 30.80
N PHE G 372 -7.07 7.33 30.07
CA PHE G 372 -7.78 6.04 30.05
C PHE G 372 -8.76 6.10 28.89
N ASN G 373 -9.63 5.09 28.80
CA ASN G 373 -10.61 5.04 27.72
C ASN G 373 -11.89 4.36 28.19
N CYS G 374 -13.02 5.01 27.96
CA CYS G 374 -14.33 4.47 28.34
C CYS G 374 -14.95 3.69 27.19
N GLY G 375 -14.18 2.75 26.64
CA GLY G 375 -14.65 1.92 25.55
C GLY G 375 -15.02 2.66 24.28
N GLY G 376 -14.13 3.55 23.81
CA GLY G 376 -14.39 4.28 22.58
C GLY G 376 -13.90 5.71 22.56
N GLU G 377 -13.79 6.35 23.73
CA GLU G 377 -13.33 7.73 23.84
C GLU G 377 -12.17 7.79 24.83
N PHE G 378 -11.08 8.41 24.42
CA PHE G 378 -9.90 8.56 25.26
C PHE G 378 -10.01 9.84 26.06
N PHE G 379 -9.94 9.71 27.38
CA PHE G 379 -10.05 10.84 28.30
C PHE G 379 -8.67 11.26 28.81
N TYR G 380 -8.61 12.49 29.31
CA TYR G 380 -7.39 13.08 29.88
C TYR G 380 -7.87 13.94 31.05
N CYS G 381 -7.87 13.35 32.25
CA CYS G 381 -8.41 14.08 33.42
C CYS G 381 -7.29 14.66 34.30
N ASN G 382 -7.49 15.85 34.86
CA ASN G 382 -6.48 16.52 35.72
C ASN G 382 -6.63 15.95 37.14
N THR G 383 -5.55 15.44 37.73
CA THR G 383 -5.66 14.76 39.04
C THR G 383 -5.30 15.72 40.17
N SER G 384 -4.97 16.97 39.84
CA SER G 384 -4.53 17.91 40.87
C SER G 384 -5.48 17.93 42.05
N GLY G 385 -6.76 17.60 41.85
CA GLY G 385 -7.72 17.59 42.93
C GLY G 385 -7.61 16.39 43.85
N LEU G 386 -6.78 15.41 43.53
CA LEU G 386 -6.59 14.22 44.34
C LEU G 386 -5.28 14.23 45.11
N PHE G 387 -4.16 14.43 44.43
CA PHE G 387 -2.84 14.46 45.07
C PHE G 387 -2.53 15.87 45.56
N ASN G 388 -3.40 16.37 46.45
CA ASN G 388 -3.26 17.71 47.02
C ASN G 388 -3.62 17.63 48.50
N SER G 389 -2.63 17.33 49.34
CA SER G 389 -2.83 17.21 50.78
C SER G 389 -1.48 16.91 51.43
N THR G 390 -1.45 17.08 52.75
CA THR G 390 -0.28 16.82 53.57
C THR G 390 -0.72 15.96 54.76
N TRP G 391 0.07 14.96 55.10
CA TRP G 391 -0.24 14.05 56.19
C TRP G 391 0.90 14.03 57.20
N TYR G 392 0.59 14.33 58.46
CA TYR G 392 1.62 14.27 59.54
C TYR G 392 1.37 13.00 60.32
N VAL G 393 2.39 12.51 61.03
CA VAL G 393 2.26 11.20 61.74
C VAL G 393 0.88 11.08 62.38
N ASN G 394 0.43 12.10 63.10
CA ASN G 394 -0.86 11.99 63.83
C ASN G 394 -2.03 12.24 62.88
N SER G 395 -1.81 13.00 61.80
CA SER G 395 -2.93 13.38 60.88
C SER G 395 -3.87 12.18 60.69
N THR G 396 -5.17 12.39 60.85
CA THR G 396 -6.17 11.30 60.73
C THR G 396 -7.31 11.79 59.88
N TRP G 397 -7.77 11.00 58.91
CA TRP G 397 -8.81 11.49 58.02
C TRP G 397 -10.11 11.78 58.77
N ASN G 398 -10.46 10.92 59.72
CA ASN G 398 -11.69 11.08 60.50
C ASN G 398 -12.92 11.20 59.61
N SER G 406 -21.84 11.39 54.27
CA SER G 406 -21.93 12.45 53.22
C SER G 406 -21.17 12.02 51.97
N ASN G 407 -21.62 12.51 50.81
CA ASN G 407 -20.95 12.14 49.55
C ASN G 407 -19.71 12.99 49.33
N ASP G 408 -19.91 14.30 49.12
CA ASP G 408 -18.82 15.24 48.89
C ASP G 408 -17.85 14.73 47.82
N THR G 409 -18.41 14.14 46.76
CA THR G 409 -17.59 13.58 45.70
C THR G 409 -16.71 14.65 45.04
N ILE G 410 -15.46 14.27 44.75
CA ILE G 410 -14.50 15.16 44.11
C ILE G 410 -14.73 15.11 42.61
N THR G 411 -14.55 16.26 41.95
CA THR G 411 -14.73 16.38 40.51
C THR G 411 -13.38 16.65 39.85
N LEU G 412 -13.11 15.92 38.77
CA LEU G 412 -11.87 16.04 38.01
C LEU G 412 -12.17 16.48 36.59
N PRO G 413 -11.85 17.71 36.18
CA PRO G 413 -12.13 18.09 34.78
C PRO G 413 -11.29 17.24 33.83
N CYS G 414 -11.85 16.96 32.66
CA CYS G 414 -11.17 16.13 31.68
C CYS G 414 -11.27 16.72 30.28
N ARG G 415 -10.29 16.37 29.46
CA ARG G 415 -10.18 16.77 28.07
C ARG G 415 -10.25 15.52 27.21
N ILE G 416 -10.72 15.69 25.97
CA ILE G 416 -10.87 14.59 25.03
C ILE G 416 -10.12 14.93 23.74
N LYS G 417 -9.42 13.95 23.19
CA LYS G 417 -8.66 14.10 21.96
C LYS G 417 -8.96 12.95 21.02
N GLN G 418 -8.93 13.24 19.73
CA GLN G 418 -9.14 12.25 18.67
C GLN G 418 -7.82 11.74 18.11
N ILE G 419 -6.84 12.62 17.96
CA ILE G 419 -5.52 12.25 17.48
C ILE G 419 -4.69 11.88 18.70
N ILE G 420 -4.09 10.69 18.69
CA ILE G 420 -3.32 10.23 19.84
C ILE G 420 -2.16 9.33 19.41
N ASN G 421 -1.17 9.22 20.30
CA ASN G 421 0.01 8.39 20.13
C ASN G 421 0.04 7.58 21.42
N MET G 422 -0.60 6.40 21.39
CA MET G 422 -0.70 5.57 22.58
C MET G 422 0.65 5.14 23.12
N TRP G 423 1.57 4.74 22.24
CA TRP G 423 2.88 4.26 22.64
C TRP G 423 3.98 5.33 22.60
N GLN G 424 3.62 6.60 22.50
CA GLN G 424 4.58 7.70 22.47
C GLN G 424 5.58 7.57 21.32
N ARG G 425 5.19 6.93 20.23
CA ARG G 425 6.07 6.76 19.08
C ARG G 425 5.91 7.93 18.11
N ALA G 426 7.02 8.34 17.52
CA ALA G 426 6.98 9.43 16.55
C ALA G 426 6.14 8.99 15.37
N GLY G 427 5.17 9.81 14.99
CA GLY G 427 4.32 9.39 13.90
C GLY G 427 3.45 8.25 14.38
N GLN G 428 2.93 7.49 13.41
CA GLN G 428 2.07 6.34 13.70
C GLN G 428 0.84 6.74 14.51
N CYS G 429 0.38 7.98 14.35
CA CYS G 429 -0.78 8.46 15.09
C CYS G 429 -2.03 7.69 14.67
N MET G 430 -3.10 7.92 15.42
CA MET G 430 -4.39 7.28 15.17
C MET G 430 -5.52 8.25 15.47
N TYR G 431 -6.57 8.17 14.66
CA TYR G 431 -7.75 9.01 14.80
C TYR G 431 -8.88 8.17 15.36
N ALA G 432 -9.41 8.57 16.52
CA ALA G 432 -10.50 7.85 17.16
C ALA G 432 -11.83 8.40 16.69
N PRO G 433 -12.70 7.61 16.05
CA PRO G 433 -13.97 8.15 15.60
C PRO G 433 -14.85 8.50 16.78
N PRO G 434 -15.76 9.48 16.64
CA PRO G 434 -16.61 9.83 17.77
C PRO G 434 -17.72 8.81 18.00
N ILE G 435 -17.98 8.53 19.26
CA ILE G 435 -19.01 7.57 19.65
C ILE G 435 -20.33 8.34 19.74
N PRO G 436 -21.40 7.94 19.04
CA PRO G 436 -22.65 8.70 19.14
C PRO G 436 -23.30 8.59 20.50
N GLY G 437 -23.98 9.66 20.89
CA GLY G 437 -24.67 9.71 22.16
C GLY G 437 -23.75 9.88 23.36
N VAL G 438 -24.37 9.97 24.53
CA VAL G 438 -23.64 10.14 25.78
C VAL G 438 -23.11 8.78 26.21
N ILE G 439 -21.89 8.77 26.77
CA ILE G 439 -21.25 7.55 27.22
C ILE G 439 -20.80 7.70 28.66
N LYS G 440 -20.91 6.60 29.41
CA LYS G 440 -20.53 6.55 30.81
C LYS G 440 -19.78 5.25 31.05
N CYS G 441 -18.83 5.28 31.99
CA CYS G 441 -18.05 4.08 32.29
C CYS G 441 -17.49 4.21 33.69
N GLU G 442 -17.61 3.12 34.46
CA GLU G 442 -17.10 3.06 35.84
C GLU G 442 -15.89 2.16 35.87
N SER G 443 -14.88 2.56 36.65
CA SER G 443 -13.65 1.80 36.78
C SER G 443 -13.29 1.61 38.24
N ASN G 444 -12.43 0.62 38.49
CA ASN G 444 -11.96 0.26 39.82
C ASN G 444 -10.50 0.70 39.94
N ILE G 445 -10.25 1.74 40.73
CA ILE G 445 -8.89 2.22 40.94
C ILE G 445 -8.24 1.32 41.98
N THR G 446 -7.19 0.59 41.58
CA THR G 446 -6.49 -0.33 42.45
C THR G 446 -5.00 -0.06 42.56
N GLY G 447 -4.45 0.89 41.82
CA GLY G 447 -3.03 1.17 41.90
C GLY G 447 -2.72 2.59 41.50
N LEU G 448 -1.56 3.06 41.98
CA LEU G 448 -1.09 4.41 41.71
C LEU G 448 0.39 4.37 41.37
N LEU G 449 0.81 5.22 40.45
CA LEU G 449 2.19 5.33 40.01
C LEU G 449 2.73 6.63 40.59
N LEU G 450 3.51 6.53 41.66
CA LEU G 450 4.07 7.68 42.36
C LEU G 450 5.56 7.85 42.05
N THR G 451 6.02 9.08 42.23
CA THR G 451 7.41 9.46 42.01
C THR G 451 7.81 10.44 43.10
N ARG G 452 9.00 10.24 43.67
CA ARG G 452 9.47 11.10 44.78
C ARG G 452 10.41 12.17 44.21
N ASP G 453 10.27 13.40 44.66
CA ASP G 453 11.07 14.52 44.19
C ASP G 453 12.55 14.29 44.49
N GLY G 454 13.40 14.79 43.61
CA GLY G 454 14.84 14.63 43.76
C GLY G 454 15.51 15.68 44.63
N GLY G 455 14.89 16.01 45.76
CA GLY G 455 15.43 16.99 46.67
C GLY G 455 16.46 16.39 47.62
N LYS G 456 17.00 17.24 48.48
CA LYS G 456 18.00 16.77 49.45
C LYS G 456 17.40 15.79 50.44
N ASP G 457 16.10 15.83 50.67
CA ASP G 457 15.37 14.96 51.59
C ASP G 457 15.83 15.12 53.05
N ASN G 458 16.56 16.18 53.37
CA ASN G 458 17.00 16.41 54.74
C ASN G 458 15.94 17.11 55.59
N ASN G 459 14.80 17.46 55.00
CA ASN G 459 13.73 18.13 55.72
C ASN G 459 12.93 17.11 56.54
N VAL G 460 11.89 17.61 57.21
CA VAL G 460 11.00 16.79 58.01
C VAL G 460 9.78 16.34 57.21
N ASN G 461 9.82 16.50 55.89
CA ASN G 461 8.71 16.12 55.03
C ASN G 461 9.25 15.57 53.72
N GLU G 462 8.34 15.08 52.89
CA GLU G 462 8.68 14.51 51.58
C GLU G 462 7.50 14.72 50.65
N THR G 463 7.80 15.00 49.38
CA THR G 463 6.78 15.24 48.37
C THR G 463 6.75 14.10 47.36
N PHE G 464 5.54 13.68 47.00
CA PHE G 464 5.30 12.62 46.03
C PHE G 464 4.46 13.19 44.90
N ARG G 465 4.79 12.80 43.67
CA ARG G 465 4.10 13.27 42.48
C ARG G 465 3.58 12.09 41.68
N PRO G 466 2.36 12.17 41.10
CA PRO G 466 1.90 11.04 40.29
C PRO G 466 2.64 11.02 38.97
N GLY G 467 3.61 10.13 38.84
CA GLY G 467 4.41 10.04 37.64
C GLY G 467 3.86 9.03 36.64
N GLY G 468 3.88 9.42 35.36
CA GLY G 468 3.40 8.52 34.33
C GLY G 468 4.33 7.34 34.11
N GLY G 469 5.62 7.51 34.42
CA GLY G 469 6.58 6.44 34.24
C GLY G 469 6.63 5.98 32.81
N ASP G 470 6.56 4.66 32.61
CA ASP G 470 6.59 4.04 31.30
C ASP G 470 5.36 3.16 31.15
N MET G 471 4.94 2.96 29.90
CA MET G 471 3.77 2.13 29.65
C MET G 471 3.97 0.71 30.14
N ARG G 472 5.22 0.24 30.19
CA ARG G 472 5.49 -1.12 30.67
C ARG G 472 5.15 -1.28 32.15
N ASP G 473 5.12 -0.19 32.92
CA ASP G 473 4.80 -0.30 34.34
C ASP G 473 3.39 -0.83 34.55
N ASN G 474 2.47 -0.53 33.62
CA ASN G 474 1.10 -1.01 33.76
C ASN G 474 1.08 -2.54 33.72
N TRP G 475 1.87 -3.14 32.84
CA TRP G 475 1.91 -4.59 32.75
C TRP G 475 2.68 -5.19 33.93
N ARG G 476 3.74 -4.52 34.36
CA ARG G 476 4.54 -5.01 35.47
C ARG G 476 3.76 -5.06 36.77
N SER G 477 2.71 -4.25 36.91
CA SER G 477 1.91 -4.27 38.13
C SER G 477 1.11 -5.55 38.28
N GLU G 478 0.90 -6.29 37.19
CA GLU G 478 0.13 -7.53 37.22
C GLU G 478 0.97 -8.77 36.98
N LEU G 479 2.10 -8.65 36.27
CA LEU G 479 2.97 -9.78 35.98
C LEU G 479 4.05 -9.99 37.03
N TYR G 480 4.05 -9.22 38.12
CA TYR G 480 5.06 -9.39 39.15
C TYR G 480 4.96 -10.74 39.83
N LYS G 481 3.76 -11.33 39.85
CA LYS G 481 3.52 -12.61 40.48
C LYS G 481 3.85 -13.80 39.58
N TYR G 482 4.61 -13.60 38.50
CA TYR G 482 4.94 -14.68 37.59
C TYR G 482 6.38 -14.55 37.08
N LYS G 483 6.91 -15.69 36.63
CA LYS G 483 8.25 -15.79 36.06
C LYS G 483 8.30 -17.07 35.25
N VAL G 484 8.89 -17.00 34.07
CA VAL G 484 9.00 -18.16 33.18
C VAL G 484 10.31 -18.88 33.44
N VAL G 485 10.23 -20.20 33.53
CA VAL G 485 11.39 -21.06 33.77
C VAL G 485 11.35 -22.23 32.79
N GLU G 486 12.53 -22.67 32.37
CA GLU G 486 12.66 -23.78 31.43
C GLU G 486 12.98 -25.04 32.22
N ILE G 487 12.18 -26.09 32.03
CA ILE G 487 12.38 -27.34 32.74
C ILE G 487 13.34 -28.22 31.94
N GLU G 488 14.30 -28.83 32.65
CA GLU G 488 15.29 -29.71 32.06
C GLU G 488 14.98 -31.13 32.54
N PRO G 489 14.22 -31.92 31.79
CA PRO G 489 13.88 -33.28 32.26
C PRO G 489 15.08 -34.20 32.44
N LEU G 490 16.21 -33.94 31.79
CA LEU G 490 17.38 -34.81 31.94
C LEU G 490 18.15 -34.47 33.22
N GLY G 491 18.46 -35.51 33.99
CA GLY G 491 19.20 -35.35 35.22
C GLY G 491 20.18 -36.51 35.39
N VAL G 492 21.22 -36.25 36.18
CA VAL G 492 22.27 -37.25 36.44
C VAL G 492 22.48 -37.38 37.94
N ALA G 493 22.70 -38.61 38.40
CA ALA G 493 22.95 -38.89 39.80
C ALA G 493 23.52 -40.31 39.91
N PRO G 494 24.38 -40.58 40.88
CA PRO G 494 24.95 -41.93 41.00
C PRO G 494 24.14 -42.83 41.92
N THR G 495 24.50 -44.11 41.89
CA THR G 495 23.86 -45.14 42.71
C THR G 495 24.63 -46.44 42.49
N ARG G 496 24.50 -47.35 43.47
CA ARG G 496 25.18 -48.65 43.41
C ARG G 496 24.36 -49.61 42.55
N CYS G 497 24.34 -49.31 41.26
CA CYS G 497 23.62 -50.12 40.30
C CYS G 497 24.40 -51.39 39.97
N LYS G 498 23.82 -52.24 39.12
CA LYS G 498 24.43 -53.50 38.69
C LYS G 498 24.69 -54.43 39.87
N ARG G 499 23.62 -54.73 40.62
CA ARG G 499 23.71 -55.63 41.78
C ARG G 499 23.12 -56.98 41.43
N ARG H 8 -1.41 -37.87 45.47
CA ARG H 8 -0.68 -37.87 44.18
C ARG H 8 -0.54 -36.43 43.67
N ARG H 9 0.69 -35.91 43.75
CA ARG H 9 0.95 -34.55 43.31
C ARG H 9 0.79 -34.43 41.79
N GLY H 10 0.52 -33.21 41.35
CA GLY H 10 0.34 -32.93 39.93
C GLY H 10 1.66 -32.77 39.20
N PHE H 11 1.65 -31.93 38.18
CA PHE H 11 2.85 -31.69 37.39
C PHE H 11 3.83 -30.82 38.17
N LEU H 12 5.07 -31.28 38.29
CA LEU H 12 6.14 -30.57 38.99
C LEU H 12 5.81 -30.34 40.47
N GLY H 13 4.95 -31.17 41.05
CA GLY H 13 4.59 -31.00 42.44
C GLY H 13 5.57 -31.59 43.44
N ALA H 14 6.48 -32.45 42.98
CA ALA H 14 7.48 -33.09 43.83
C ALA H 14 8.85 -32.43 43.72
N ALA H 15 8.90 -31.16 43.32
CA ALA H 15 10.18 -30.49 43.17
C ALA H 15 10.87 -30.29 44.52
N GLY H 16 10.10 -30.09 45.59
CA GLY H 16 10.68 -29.87 46.90
C GLY H 16 11.05 -31.15 47.63
N SER H 17 10.47 -32.27 47.24
CA SER H 17 10.77 -33.52 47.91
C SER H 17 12.23 -33.92 47.67
N THR H 18 12.72 -34.83 48.51
CA THR H 18 14.10 -35.27 48.41
C THR H 18 14.33 -35.99 47.08
N MET H 19 15.60 -36.25 46.79
CA MET H 19 15.95 -36.92 45.54
C MET H 19 15.35 -38.32 45.47
N GLY H 20 15.37 -39.05 46.57
CA GLY H 20 14.82 -40.40 46.56
C GLY H 20 13.32 -40.44 46.34
N ALA H 21 12.57 -39.56 47.00
CA ALA H 21 11.13 -39.53 46.86
C ALA H 21 10.63 -38.77 45.64
N ALA H 22 11.46 -37.93 45.03
CA ALA H 22 11.04 -37.17 43.85
C ALA H 22 11.09 -37.97 42.57
N SER H 23 11.81 -39.09 42.55
CA SER H 23 11.92 -39.91 41.34
C SER H 23 10.74 -40.87 41.16
N ILE H 24 9.85 -40.99 42.13
CA ILE H 24 8.71 -41.90 42.01
C ILE H 24 7.63 -41.36 41.09
N THR H 25 7.64 -40.06 40.78
CA THR H 25 6.64 -39.45 39.92
C THR H 25 7.22 -38.87 38.64
N LEU H 26 8.31 -39.41 38.11
CA LEU H 26 8.91 -38.88 36.89
C LEU H 26 7.96 -38.93 35.70
N THR H 27 7.00 -39.87 35.71
CA THR H 27 6.08 -40.00 34.59
C THR H 27 5.22 -38.76 34.42
N VAL H 28 4.81 -38.12 35.52
CA VAL H 28 3.95 -36.93 35.38
C VAL H 28 4.71 -35.79 34.71
N GLN H 29 5.98 -35.61 35.05
CA GLN H 29 6.74 -34.54 34.41
C GLN H 29 7.11 -34.89 32.98
N ALA H 30 7.34 -36.17 32.69
CA ALA H 30 7.69 -36.57 31.34
C ALA H 30 6.49 -36.52 30.41
N ARG H 31 5.27 -36.70 30.93
CA ARG H 31 4.08 -36.68 30.10
C ARG H 31 3.75 -35.28 29.61
N GLN H 32 3.97 -34.26 30.45
CA GLN H 32 3.67 -32.88 30.10
C GLN H 32 4.74 -32.21 29.24
N LEU H 33 5.66 -32.97 28.64
CA LEU H 33 6.69 -32.36 27.79
C LEU H 33 6.18 -31.98 26.41
N LEU H 34 4.99 -32.43 26.01
CA LEU H 34 4.41 -32.11 24.72
C LEU H 34 2.92 -31.82 24.84
N SER H 35 2.48 -31.28 25.97
CA SER H 35 1.08 -30.97 26.17
C SER H 35 0.91 -29.93 27.28
N GLN H 52 -7.82 -24.40 17.10
CA GLN H 52 -8.21 -24.24 15.68
C GLN H 52 -7.14 -24.83 14.76
N HIS H 53 -7.57 -25.74 13.88
CA HIS H 53 -6.63 -26.36 12.96
C HIS H 53 -6.02 -25.35 12.00
N LEU H 54 -6.80 -24.36 11.57
CA LEU H 54 -6.29 -23.34 10.66
C LEU H 54 -5.34 -22.41 11.40
N LEU H 55 -4.59 -21.62 10.62
CA LEU H 55 -3.63 -20.67 11.18
C LEU H 55 -3.71 -19.38 10.38
N LYS H 56 -3.92 -18.26 11.10
CA LYS H 56 -4.01 -16.96 10.45
C LYS H 56 -2.65 -16.34 10.18
N LEU H 57 -1.59 -16.85 10.82
CA LEU H 57 -0.24 -16.33 10.66
C LEU H 57 -0.11 -14.88 11.11
N GLY H 58 -0.95 -14.45 12.05
CA GLY H 58 -0.93 -13.11 12.58
C GLY H 58 0.02 -12.99 13.75
N VAL H 59 -0.22 -11.98 14.59
CA VAL H 59 0.63 -11.78 15.75
C VAL H 59 0.53 -12.98 16.68
N TRP H 60 -0.69 -13.44 16.95
CA TRP H 60 -0.85 -14.60 17.82
C TRP H 60 -0.52 -15.89 17.07
N GLY H 61 -0.86 -15.97 15.79
CA GLY H 61 -0.57 -17.16 15.02
C GLY H 61 0.92 -17.41 14.87
N ILE H 62 1.69 -16.34 14.63
CA ILE H 62 3.14 -16.48 14.47
C ILE H 62 3.75 -17.00 15.76
N LYS H 63 3.33 -16.44 16.90
CA LYS H 63 3.88 -16.88 18.18
C LYS H 63 3.51 -18.33 18.46
N GLN H 64 2.26 -18.72 18.15
CA GLN H 64 1.85 -20.09 18.38
C GLN H 64 2.66 -21.06 17.52
N LEU H 65 2.89 -20.69 16.26
CA LEU H 65 3.68 -21.55 15.37
C LEU H 65 5.09 -21.74 15.92
N GLN H 66 5.70 -20.65 16.38
CA GLN H 66 7.05 -20.75 16.95
C GLN H 66 7.04 -21.59 18.22
N ALA H 67 5.99 -21.44 19.04
CA ALA H 67 5.91 -22.20 20.27
C ALA H 67 5.81 -23.70 19.98
N ARG H 68 4.97 -24.08 19.02
CA ARG H 68 4.83 -25.50 18.69
C ARG H 68 6.13 -26.06 18.13
N VAL H 69 6.80 -25.32 17.24
CA VAL H 69 8.05 -25.79 16.67
C VAL H 69 9.13 -25.85 17.75
N LEU H 70 9.18 -24.85 18.62
CA LEU H 70 10.17 -24.85 19.69
C LEU H 70 9.96 -26.00 20.64
N ALA H 71 8.71 -26.34 20.93
CA ALA H 71 8.41 -27.44 21.84
C ALA H 71 8.94 -28.76 21.29
N VAL H 72 8.74 -29.02 20.00
CA VAL H 72 9.20 -30.27 19.40
C VAL H 72 10.72 -30.35 19.47
N GLU H 73 11.41 -29.25 19.17
CA GLU H 73 12.86 -29.26 19.21
C GLU H 73 13.37 -29.52 20.63
N ARG H 74 12.71 -28.92 21.63
CA ARG H 74 13.13 -29.13 23.02
C ARG H 74 13.00 -30.60 23.39
N TYR H 75 11.91 -31.24 22.97
CA TYR H 75 11.71 -32.66 23.29
C TYR H 75 12.70 -33.52 22.52
N LEU H 76 12.85 -33.26 21.21
CA LEU H 76 13.79 -34.05 20.40
C LEU H 76 15.22 -33.83 20.86
N ARG H 77 15.58 -32.59 21.19
CA ARG H 77 16.94 -32.32 21.65
C ARG H 77 17.26 -33.11 22.91
N ASP H 78 16.26 -33.36 23.75
CA ASP H 78 16.45 -34.12 24.98
C ASP H 78 16.25 -35.61 24.76
N GLN H 79 15.39 -35.99 23.80
CA GLN H 79 15.13 -37.39 23.51
C GLN H 79 16.25 -38.03 22.70
N GLN H 80 16.86 -37.28 21.78
CA GLN H 80 17.93 -37.86 20.97
C GLN H 80 19.12 -38.28 21.81
N LEU H 81 19.37 -37.58 22.92
CA LEU H 81 20.49 -37.96 23.77
C LEU H 81 20.28 -39.35 24.36
N LEU H 82 19.06 -39.64 24.80
CA LEU H 82 18.78 -40.95 25.37
C LEU H 82 18.93 -42.05 24.32
N GLY H 83 18.61 -41.75 23.06
CA GLY H 83 18.74 -42.73 22.00
C GLY H 83 20.18 -43.16 21.79
N ILE H 84 21.06 -42.18 21.62
CA ILE H 84 22.47 -42.50 21.43
C ILE H 84 23.06 -43.12 22.69
N TRP H 85 22.60 -42.69 23.86
CA TRP H 85 23.08 -43.25 25.12
C TRP H 85 22.57 -44.65 25.36
N GLY H 86 21.62 -45.14 24.55
CA GLY H 86 21.10 -46.47 24.73
C GLY H 86 20.08 -46.60 25.84
N CYS H 87 19.30 -45.54 26.10
CA CYS H 87 18.29 -45.55 27.15
C CYS H 87 16.94 -45.04 26.66
N SER H 88 16.71 -45.04 25.36
CA SER H 88 15.42 -44.56 24.84
C SER H 88 14.30 -45.48 25.30
N GLY H 89 13.16 -44.87 25.64
CA GLY H 89 12.03 -45.64 26.12
C GLY H 89 12.15 -46.11 27.54
N LYS H 90 13.16 -45.66 28.28
CA LYS H 90 13.39 -46.05 29.67
C LYS H 90 13.53 -44.78 30.50
N LEU H 91 12.76 -44.70 31.59
CA LEU H 91 12.84 -43.52 32.45
C LEU H 91 14.11 -43.53 33.29
N ILE H 92 14.54 -44.70 33.75
CA ILE H 92 15.74 -44.87 34.56
C ILE H 92 16.61 -45.92 33.91
N CYS H 93 17.92 -45.66 33.86
CA CYS H 93 18.86 -46.60 33.27
C CYS H 93 20.24 -46.34 33.85
N CYS H 94 21.04 -47.41 33.88
CA CYS H 94 22.40 -47.36 34.40
C CYS H 94 23.40 -47.58 33.28
N THR H 95 24.46 -46.78 33.26
CA THR H 95 25.51 -46.84 32.27
C THR H 95 26.77 -47.46 32.86
N ASN H 96 27.74 -47.73 31.99
CA ASN H 96 29.00 -48.34 32.41
C ASN H 96 30.04 -47.32 32.86
N VAL H 97 29.74 -46.03 32.83
CA VAL H 97 30.70 -45.01 33.25
C VAL H 97 30.77 -45.00 34.78
N PRO H 98 31.92 -45.28 35.40
CA PRO H 98 31.95 -45.24 36.87
C PRO H 98 31.87 -43.81 37.38
N TRP H 99 31.37 -43.67 38.61
CA TRP H 99 31.22 -42.36 39.22
C TRP H 99 32.56 -41.90 39.78
N ASN H 100 33.03 -40.75 39.29
CA ASN H 100 34.29 -40.17 39.75
C ASN H 100 34.02 -39.38 41.02
N SER H 101 34.73 -39.72 42.09
CA SER H 101 34.53 -39.02 43.37
C SER H 101 34.84 -37.54 43.27
N SER H 102 35.69 -37.12 42.32
CA SER H 102 36.03 -35.72 42.18
C SER H 102 34.78 -34.87 41.89
N TRP H 103 33.83 -35.42 41.14
CA TRP H 103 32.62 -34.66 40.84
C TRP H 103 31.82 -34.36 42.10
N SER H 104 31.72 -35.34 43.00
CA SER H 104 30.97 -35.15 44.25
C SER H 104 31.41 -36.21 45.24
N ASN H 105 31.88 -35.78 46.41
CA ASN H 105 32.34 -36.66 47.47
C ASN H 105 31.32 -36.84 48.58
N LYS H 106 30.04 -36.55 48.31
CA LYS H 106 29.00 -36.69 49.32
C LYS H 106 28.52 -38.14 49.40
N SER H 107 28.17 -38.56 50.62
CA SER H 107 27.72 -39.92 50.85
C SER H 107 26.47 -40.25 50.04
N LEU H 108 26.20 -41.54 49.92
CA LEU H 108 25.04 -42.05 49.18
C LEU H 108 23.75 -42.02 50.00
N ASP H 109 23.82 -41.78 51.30
CA ASP H 109 22.62 -41.74 52.14
C ASP H 109 21.99 -40.36 52.10
N GLU H 110 22.77 -39.32 52.37
CA GLU H 110 22.23 -37.96 52.37
C GLU H 110 21.76 -37.54 50.98
N ILE H 111 22.39 -38.09 49.92
CA ILE H 111 22.00 -37.71 48.57
C ILE H 111 20.63 -38.25 48.21
N TRP H 112 20.32 -39.50 48.58
CA TRP H 112 19.04 -40.10 48.24
C TRP H 112 18.00 -40.01 49.35
N ASN H 113 18.32 -39.36 50.48
CA ASN H 113 17.37 -39.25 51.58
C ASN H 113 17.31 -37.86 52.22
N ASN H 114 18.21 -36.95 51.88
CA ASN H 114 18.22 -35.61 52.45
C ASN H 114 18.26 -34.49 51.43
N MET H 115 18.98 -34.67 50.32
CA MET H 115 19.10 -33.64 49.30
C MET H 115 17.97 -33.75 48.28
N THR H 116 17.74 -32.64 47.58
CA THR H 116 16.74 -32.52 46.52
C THR H 116 17.42 -32.35 45.18
N TRP H 117 16.63 -32.47 44.11
CA TRP H 117 17.17 -32.35 42.76
C TRP H 117 17.74 -30.96 42.48
N LEU H 118 17.05 -29.91 42.94
CA LEU H 118 17.52 -28.55 42.67
C LEU H 118 18.90 -28.30 43.27
N GLN H 119 19.11 -28.71 44.53
CA GLN H 119 20.40 -28.48 45.17
C GLN H 119 21.49 -29.29 44.47
N TRP H 120 21.16 -30.50 44.00
CA TRP H 120 22.13 -31.34 43.33
C TRP H 120 22.43 -30.86 41.91
N ASP H 121 21.51 -30.11 41.31
CA ASP H 121 21.73 -29.62 39.95
C ASP H 121 22.84 -28.57 39.92
N LYS H 122 22.97 -27.78 40.98
CA LYS H 122 23.99 -26.74 41.06
C LYS H 122 25.35 -27.27 41.51
N GLU H 123 25.56 -28.57 41.48
CA GLU H 123 26.83 -29.19 41.87
C GLU H 123 27.48 -29.99 40.75
N ILE H 124 26.69 -30.51 39.82
CA ILE H 124 27.21 -31.30 38.70
C ILE H 124 27.18 -30.54 37.39
N GLY H 125 26.59 -29.33 37.36
CA GLY H 125 26.52 -28.56 36.12
C GLY H 125 27.90 -28.35 35.50
N ASN H 126 28.93 -28.20 36.34
CA ASN H 126 30.28 -28.00 35.82
C ASN H 126 30.78 -29.22 35.05
N TYR H 127 30.46 -30.42 35.54
CA TYR H 127 30.88 -31.67 34.92
C TYR H 127 29.78 -32.35 34.11
N THR H 128 28.64 -31.68 33.87
CA THR H 128 27.56 -32.30 33.12
C THR H 128 27.99 -32.59 31.67
N GLN H 129 28.65 -31.63 31.02
CA GLN H 129 29.07 -31.84 29.64
C GLN H 129 30.07 -32.98 29.53
N LEU H 130 31.03 -33.04 30.46
CA LEU H 130 32.03 -34.11 30.42
C LEU H 130 31.40 -35.47 30.66
N ILE H 131 30.43 -35.55 31.57
CA ILE H 131 29.77 -36.82 31.86
C ILE H 131 29.03 -37.33 30.63
N TYR H 132 28.38 -36.43 29.89
CA TYR H 132 27.65 -36.84 28.69
C TYR H 132 28.58 -37.47 27.65
N ARG H 133 29.75 -36.87 27.45
CA ARG H 133 30.69 -37.40 26.47
C ARG H 133 31.25 -38.74 26.91
N LEU H 134 31.48 -38.92 28.21
CA LEU H 134 31.99 -40.19 28.71
C LEU H 134 30.98 -41.30 28.48
N ILE H 135 29.70 -41.00 28.65
CA ILE H 135 28.65 -42.00 28.46
C ILE H 135 28.56 -42.40 26.99
N GLU H 136 28.72 -41.44 26.07
CA GLU H 136 28.63 -41.74 24.65
C GLU H 136 29.75 -42.68 24.20
N GLU H 137 31.00 -42.35 24.54
CA GLU H 137 32.10 -43.20 24.13
C GLU H 137 32.01 -44.56 24.80
N SER H 138 31.50 -44.62 26.04
CA SER H 138 31.37 -45.90 26.72
C SER H 138 30.30 -46.76 26.07
N GLN H 139 29.16 -46.15 25.72
CA GLN H 139 28.09 -46.90 25.08
C GLN H 139 28.47 -47.29 23.66
N ASN H 140 29.09 -46.37 22.92
CA ASN H 140 29.49 -46.68 21.55
C ASN H 140 30.53 -47.79 21.51
N GLN H 141 31.53 -47.72 22.38
CA GLN H 141 32.56 -48.76 22.41
C GLN H 141 31.96 -50.11 22.79
N GLN H 142 31.05 -50.11 23.77
CA GLN H 142 30.44 -51.36 24.21
C GLN H 142 29.59 -51.95 23.08
N GLU H 143 28.90 -51.10 22.32
CA GLU H 143 28.08 -51.59 21.22
C GLU H 143 28.94 -52.30 20.17
N LYS H 144 30.08 -51.71 19.83
CA LYS H 144 30.96 -52.32 18.84
C LYS H 144 31.64 -53.58 19.40
N ASN H 145 31.93 -53.59 20.71
CA ASN H 145 32.56 -54.76 21.30
C ASN H 145 31.62 -55.94 21.35
N GLU H 146 30.34 -55.70 21.66
CA GLU H 146 29.36 -56.79 21.73
C GLU H 146 28.89 -57.20 20.33
N LYS H 147 28.35 -56.26 19.56
CA LYS H 147 27.88 -56.54 18.22
C LYS H 147 29.05 -56.50 17.24
N GLU H 148 28.77 -56.70 15.96
CA GLU H 148 29.79 -56.70 14.91
C GLU H 148 30.84 -57.78 15.22
N LEU H 149 30.37 -59.03 15.18
CA LEU H 149 31.24 -60.17 15.47
C LEU H 149 32.45 -60.20 14.56
N LEU H 150 32.31 -59.82 13.29
CA LEU H 150 33.43 -59.81 12.36
C LEU H 150 33.09 -58.98 11.13
N GLU I 1 -20.35 13.82 -45.51
CA GLU I 1 -19.17 14.68 -45.22
C GLU I 1 -19.52 15.78 -44.22
N VAL I 2 -18.51 16.50 -43.74
CA VAL I 2 -18.71 17.57 -42.78
C VAL I 2 -19.42 18.73 -43.47
N GLN I 3 -20.40 19.31 -42.78
CA GLN I 3 -21.17 20.45 -43.28
C GLN I 3 -21.17 21.53 -42.21
N LEU I 4 -20.65 22.70 -42.56
CA LEU I 4 -20.56 23.84 -41.65
C LEU I 4 -21.08 25.09 -42.34
N VAL I 5 -21.98 25.81 -41.67
CA VAL I 5 -22.57 27.03 -42.19
C VAL I 5 -22.81 28.01 -41.05
N GLU I 6 -22.75 29.30 -41.39
CA GLU I 6 -22.95 30.37 -40.42
C GLU I 6 -23.92 31.40 -40.98
N SER I 7 -24.63 32.05 -40.07
CA SER I 7 -25.62 33.07 -40.41
C SER I 7 -25.65 34.10 -39.29
N GLY I 8 -26.61 35.01 -39.36
CA GLY I 8 -26.79 36.05 -38.38
C GLY I 8 -26.12 37.37 -38.73
N GLY I 9 -25.16 37.35 -39.65
CA GLY I 9 -24.50 38.58 -40.03
C GLY I 9 -25.37 39.46 -40.90
N GLY I 10 -25.03 40.75 -40.94
CA GLY I 10 -25.80 41.68 -41.74
C GLY I 10 -25.41 43.11 -41.42
N LEU I 11 -26.28 44.03 -41.82
CA LEU I 11 -26.04 45.45 -41.59
C LEU I 11 -26.29 45.82 -40.13
N ALA I 12 -25.33 46.53 -39.54
CA ALA I 12 -25.41 47.00 -38.17
C ALA I 12 -24.89 48.43 -38.16
N LYS I 13 -24.99 49.08 -36.98
CA LYS I 13 -24.53 50.46 -36.86
C LYS I 13 -23.27 50.54 -35.99
N PRO I 14 -22.42 51.56 -36.18
CA PRO I 14 -21.22 51.66 -35.35
C PRO I 14 -21.56 51.84 -33.88
N GLY I 15 -20.75 51.23 -33.02
CA GLY I 15 -20.96 51.31 -31.59
C GLY I 15 -22.14 50.51 -31.07
N GLY I 16 -22.82 49.75 -31.91
CA GLY I 16 -23.97 48.97 -31.50
C GLY I 16 -23.59 47.57 -31.08
N SER I 17 -24.43 46.59 -31.40
CA SER I 17 -24.17 45.20 -31.05
C SER I 17 -24.76 44.30 -32.12
N LEU I 18 -24.20 43.09 -32.21
CA LEU I 18 -24.64 42.10 -33.17
C LEU I 18 -24.21 40.73 -32.65
N ARG I 19 -24.83 39.69 -33.18
CA ARG I 19 -24.53 38.32 -32.80
C ARG I 19 -24.42 37.44 -34.03
N LEU I 20 -23.35 36.65 -34.09
CA LEU I 20 -23.09 35.72 -35.18
C LEU I 20 -23.36 34.31 -34.70
N SER I 21 -23.74 33.43 -35.62
CA SER I 21 -24.05 32.05 -35.30
C SER I 21 -23.43 31.13 -36.36
N CYS I 22 -23.08 29.92 -35.93
CA CYS I 22 -22.48 28.94 -36.82
C CYS I 22 -22.92 27.55 -36.40
N ALA I 23 -23.59 26.85 -37.31
CA ALA I 23 -24.09 25.51 -37.06
C ALA I 23 -23.16 24.47 -37.68
N ALA I 24 -23.06 23.32 -37.01
CA ALA I 24 -22.20 22.23 -37.43
C ALA I 24 -22.99 20.93 -37.52
N SER I 25 -22.54 20.04 -38.40
CA SER I 25 -23.19 18.75 -38.59
C SER I 25 -22.20 17.81 -39.28
N GLY I 26 -22.49 16.52 -39.18
CA GLY I 26 -21.65 15.51 -39.79
C GLY I 26 -20.45 15.08 -38.97
N PHE I 27 -20.26 15.63 -37.77
CA PHE I 27 -19.13 15.27 -36.94
C PHE I 27 -19.48 15.60 -35.49
N THR I 28 -18.66 15.09 -34.57
CA THR I 28 -18.85 15.33 -33.15
C THR I 28 -18.40 16.74 -32.83
N PHE I 29 -19.36 17.67 -32.75
CA PHE I 29 -19.04 19.06 -32.46
C PHE I 29 -18.41 19.24 -31.08
N SER I 30 -18.66 18.33 -30.15
CA SER I 30 -18.11 18.41 -28.80
C SER I 30 -16.70 17.86 -28.68
N ASN I 31 -15.99 17.66 -29.80
CA ASN I 31 -14.63 17.14 -29.77
C ASN I 31 -13.73 17.86 -30.77
N TYR I 32 -14.04 19.12 -31.08
CA TYR I 32 -13.23 19.88 -32.03
C TYR I 32 -13.28 21.36 -31.67
N TRP I 33 -12.10 21.99 -31.69
CA TRP I 33 -12.02 23.41 -31.41
C TRP I 33 -12.61 24.20 -32.57
N MET I 34 -12.99 25.45 -32.30
CA MET I 34 -13.57 26.33 -33.30
C MET I 34 -12.91 27.70 -33.22
N ASN I 35 -12.58 28.25 -34.37
CA ASN I 35 -11.93 29.55 -34.49
C ASN I 35 -12.69 30.42 -35.48
N TRP I 36 -12.67 31.73 -35.23
CA TRP I 36 -13.31 32.72 -36.07
C TRP I 36 -12.25 33.57 -36.74
N VAL I 37 -12.38 33.78 -38.04
CA VAL I 37 -11.44 34.57 -38.83
C VAL I 37 -12.25 35.49 -39.74
N ARG I 38 -11.61 36.59 -40.15
CA ARG I 38 -12.23 37.58 -41.01
C ARG I 38 -11.41 37.77 -42.28
N GLN I 39 -12.11 38.13 -43.35
CA GLN I 39 -11.49 38.37 -44.67
C GLN I 39 -11.96 39.75 -45.10
N THR I 40 -11.18 40.78 -44.76
CA THR I 40 -11.55 42.13 -45.14
C THR I 40 -11.30 42.30 -46.64
N PRO I 41 -11.98 43.25 -47.28
CA PRO I 41 -11.78 43.42 -48.73
C PRO I 41 -10.36 43.86 -49.07
N GLY I 42 -9.77 43.20 -50.07
CA GLY I 42 -8.44 43.51 -50.54
C GLY I 42 -7.28 42.82 -49.85
N LYS I 43 -6.96 43.24 -48.64
CA LYS I 43 -5.84 42.64 -47.91
C LYS I 43 -6.14 41.19 -47.53
N GLY I 44 -5.12 40.54 -46.97
CA GLY I 44 -5.21 39.14 -46.57
C GLY I 44 -6.17 38.84 -45.44
N LEU I 45 -6.17 37.58 -44.99
CA LEU I 45 -7.03 37.12 -43.92
C LEU I 45 -6.48 37.56 -42.57
N GLU I 46 -7.19 37.17 -41.51
CA GLU I 46 -6.77 37.52 -40.15
C GLU I 46 -7.56 36.73 -39.11
N TRP I 47 -6.87 36.17 -38.13
CA TRP I 47 -7.48 35.41 -37.06
C TRP I 47 -7.93 36.39 -35.97
N ILE I 48 -9.14 36.17 -35.44
CA ILE I 48 -9.68 37.07 -34.42
C ILE I 48 -10.16 36.37 -33.16
N SER I 49 -10.49 35.08 -33.16
CA SER I 49 -10.97 34.46 -31.93
C SER I 49 -10.84 32.95 -32.03
N GLY I 50 -10.94 32.31 -30.86
CA GLY I 50 -10.85 30.87 -30.76
C GLY I 50 -11.42 30.39 -29.45
N ILE I 51 -11.97 29.18 -29.46
CA ILE I 51 -12.57 28.58 -28.27
C ILE I 51 -12.25 27.09 -28.28
N ASN I 52 -12.22 26.49 -27.09
CA ASN I 52 -11.91 25.08 -26.99
C ASN I 52 -13.18 24.24 -27.13
N SER I 53 -13.01 22.92 -27.07
CA SER I 53 -14.15 22.01 -27.19
C SER I 53 -15.09 22.19 -26.01
N GLY I 54 -14.55 22.43 -24.81
CA GLY I 54 -15.36 22.59 -23.62
C GLY I 54 -16.06 23.93 -23.49
N GLY I 55 -15.74 24.89 -24.34
CA GLY I 55 -16.36 26.20 -24.29
C GLY I 55 -15.66 27.22 -23.41
N GLY I 56 -14.50 26.89 -22.85
CA GLY I 56 -13.76 27.79 -22.00
C GLY I 56 -12.44 28.21 -22.64
N SER I 57 -11.64 28.93 -21.84
CA SER I 57 -10.33 29.42 -22.27
C SER I 57 -10.42 30.17 -23.61
N ARG I 58 -11.46 31.01 -23.71
CA ARG I 58 -11.68 31.77 -24.93
C ARG I 58 -10.51 32.71 -25.19
N SER I 59 -10.04 32.72 -26.43
CA SER I 59 -8.92 33.55 -26.86
C SER I 59 -9.38 34.52 -27.93
N TYR I 60 -8.81 35.72 -27.92
CA TYR I 60 -9.15 36.75 -28.88
C TYR I 60 -7.87 37.50 -29.27
N ALA I 61 -7.96 38.24 -30.37
CA ALA I 61 -6.85 39.02 -30.86
C ALA I 61 -6.86 40.40 -30.20
N ASP I 62 -5.70 41.05 -30.19
CA ASP I 62 -5.60 42.38 -29.58
C ASP I 62 -6.54 43.36 -30.24
N SER I 63 -6.86 43.18 -31.52
CA SER I 63 -7.75 44.09 -32.22
C SER I 63 -9.21 43.91 -31.84
N VAL I 64 -9.58 42.81 -31.17
CA VAL I 64 -10.96 42.57 -30.77
C VAL I 64 -11.04 42.14 -29.32
N MET I 65 -9.99 42.41 -28.54
CA MET I 65 -9.97 42.03 -27.13
C MET I 65 -10.88 42.98 -26.34
N GLY I 66 -11.96 42.44 -25.77
CA GLY I 66 -12.89 43.21 -24.99
C GLY I 66 -14.15 43.63 -25.72
N ARG I 67 -14.18 43.50 -27.05
CA ARG I 67 -15.34 43.87 -27.86
C ARG I 67 -16.12 42.66 -28.35
N PHE I 68 -15.42 41.63 -28.82
CA PHE I 68 -16.05 40.43 -29.34
C PHE I 68 -15.97 39.31 -28.32
N ILE I 69 -17.10 38.67 -28.05
CA ILE I 69 -17.20 37.56 -27.10
C ILE I 69 -17.62 36.33 -27.88
N ILE I 70 -16.86 35.24 -27.74
CA ILE I 70 -17.15 33.98 -28.43
C ILE I 70 -17.86 33.05 -27.46
N SER I 71 -18.67 32.15 -28.01
CA SER I 71 -19.42 31.20 -27.21
C SER I 71 -19.90 30.06 -28.09
N ARG I 72 -20.11 28.91 -27.47
CA ARG I 72 -20.58 27.72 -28.19
C ARG I 72 -21.55 26.95 -27.30
N ASP I 73 -22.36 26.12 -27.95
CA ASP I 73 -23.36 25.28 -27.30
C ASP I 73 -23.19 23.86 -27.84
N ASN I 74 -22.53 23.01 -27.07
CA ASN I 74 -22.31 21.63 -27.50
C ASN I 74 -23.62 20.87 -27.64
N SER I 75 -24.62 21.18 -26.81
CA SER I 75 -25.90 20.48 -26.89
C SER I 75 -26.57 20.73 -28.24
N LYS I 76 -26.56 21.97 -28.71
CA LYS I 76 -27.17 22.32 -29.98
C LYS I 76 -26.23 22.14 -31.17
N ASN I 77 -24.95 21.85 -30.94
CA ASN I 77 -23.97 21.68 -32.01
C ASN I 77 -23.87 22.95 -32.85
N THR I 78 -23.72 24.08 -32.15
CA THR I 78 -23.62 25.39 -32.78
C THR I 78 -22.55 26.22 -32.09
N LEU I 79 -22.12 27.27 -32.79
CA LEU I 79 -21.12 28.20 -32.30
C LEU I 79 -21.66 29.62 -32.51
N SER I 80 -21.24 30.53 -31.65
CA SER I 80 -21.70 31.92 -31.74
C SER I 80 -20.58 32.86 -31.35
N LEU I 81 -20.73 34.12 -31.77
CA LEU I 81 -19.76 35.17 -31.48
C LEU I 81 -20.50 36.47 -31.31
N GLN I 82 -20.59 36.95 -30.07
CA GLN I 82 -21.28 38.19 -29.78
C GLN I 82 -20.39 39.37 -30.15
N MET I 83 -20.99 40.37 -30.80
CA MET I 83 -20.30 41.57 -31.23
C MET I 83 -20.82 42.75 -30.43
N ASN I 84 -19.91 43.51 -29.83
CA ASN I 84 -20.26 44.67 -29.02
C ASN I 84 -19.34 45.83 -29.38
N SER I 85 -19.93 47.00 -29.59
CA SER I 85 -19.19 48.22 -29.94
C SER I 85 -18.38 48.03 -31.22
N LEU I 86 -19.04 47.56 -32.27
CA LEU I 86 -18.36 47.36 -33.54
C LEU I 86 -18.18 48.70 -34.24
N ARG I 87 -17.10 48.78 -35.03
CA ARG I 87 -16.72 49.99 -35.75
C ARG I 87 -16.75 49.74 -37.26
N ALA I 88 -16.42 50.79 -38.02
CA ALA I 88 -16.42 50.70 -39.47
C ALA I 88 -15.27 49.83 -39.99
N GLU I 89 -14.16 49.83 -39.26
CA GLU I 89 -13.02 48.96 -39.65
C GLU I 89 -13.47 47.50 -39.60
N ASP I 90 -14.44 47.19 -38.73
CA ASP I 90 -14.87 45.78 -38.55
C ASP I 90 -15.79 45.38 -39.71
N THR I 91 -15.21 45.12 -40.89
CA THR I 91 -16.01 44.66 -42.04
C THR I 91 -15.30 43.47 -42.67
N ALA I 92 -16.02 42.38 -42.91
CA ALA I 92 -15.38 41.16 -43.46
C ALA I 92 -16.40 40.05 -43.65
N VAL I 93 -15.99 39.00 -44.36
CA VAL I 93 -16.89 37.82 -44.51
C VAL I 93 -16.55 36.86 -43.36
N TYR I 94 -16.87 37.25 -42.13
CA TYR I 94 -16.43 36.42 -40.98
C TYR I 94 -16.65 34.94 -41.31
N TYR I 95 -15.57 34.15 -41.34
CA TYR I 95 -15.63 32.73 -41.68
C TYR I 95 -15.61 31.87 -40.43
N CYS I 96 -16.39 30.81 -40.46
CA CYS I 96 -16.47 29.85 -39.36
C CYS I 96 -15.62 28.65 -39.77
N ALA I 97 -14.58 28.37 -38.99
CA ALA I 97 -13.65 27.28 -39.29
C ALA I 97 -13.57 26.30 -38.12
N LYS I 98 -13.08 25.10 -38.46
CA LYS I 98 -12.90 24.01 -37.52
C LYS I 98 -11.48 23.48 -37.65
N VAL I 99 -10.92 23.06 -36.53
CA VAL I 99 -9.56 22.51 -36.50
C VAL I 99 -9.52 21.15 -37.17
N ASP I 100 -8.32 20.66 -37.42
CA ASP I 100 -8.13 19.38 -38.10
C ASP I 100 -8.26 18.19 -37.14
N ASP I 101 -7.38 18.10 -36.16
CA ASP I 101 -7.39 16.98 -35.23
C ASP I 101 -8.27 17.26 -34.01
N ASP I 102 -8.87 16.19 -33.50
CA ASP I 102 -9.73 16.30 -32.32
C ASP I 102 -8.90 16.61 -31.09
N ASP I 103 -9.59 16.94 -30.00
CA ASP I 103 -8.91 17.28 -28.74
C ASP I 103 -8.39 16.07 -27.99
N TYR I 104 -8.62 14.85 -28.45
CA TYR I 104 -8.12 13.68 -27.74
C TYR I 104 -6.60 13.65 -27.73
N GLY I 105 -6.04 13.28 -26.59
CA GLY I 105 -4.60 13.20 -26.39
C GLY I 105 -4.16 13.93 -25.13
N TYR I 106 -2.84 14.03 -24.99
CA TYR I 106 -2.25 14.71 -23.84
C TYR I 106 -2.60 16.19 -23.85
N PHE I 107 -2.64 16.78 -22.66
CA PHE I 107 -2.94 18.20 -22.56
C PHE I 107 -2.48 18.71 -21.20
N ASP I 108 -2.27 20.03 -21.13
CA ASP I 108 -1.81 20.66 -19.88
C ASP I 108 -2.98 20.96 -18.95
N THR I 109 -3.88 21.86 -19.36
CA THR I 109 -5.03 22.24 -18.54
C THR I 109 -6.34 22.18 -19.32
N VAL I 110 -6.31 22.60 -20.58
CA VAL I 110 -7.50 22.59 -21.44
C VAL I 110 -7.44 21.28 -22.20
N PRO I 111 -8.56 20.55 -22.41
CA PRO I 111 -8.47 19.27 -23.13
C PRO I 111 -7.77 19.30 -24.48
N GLY I 112 -7.96 20.35 -25.27
CA GLY I 112 -7.34 20.43 -26.58
C GLY I 112 -6.02 21.16 -26.67
N ASP I 113 -5.52 21.71 -25.57
CA ASP I 113 -4.24 22.42 -25.65
C ASP I 113 -3.09 21.44 -25.84
N LEU I 114 -1.89 22.00 -26.01
CA LEU I 114 -0.64 21.28 -26.21
C LEU I 114 -0.52 20.65 -27.60
N LYS I 115 -1.59 20.72 -28.40
CA LYS I 115 -1.59 20.16 -29.74
C LYS I 115 -1.74 21.30 -30.75
N LYS I 116 -1.03 21.17 -31.88
CA LYS I 116 -1.07 22.20 -32.91
C LYS I 116 -2.22 21.93 -33.86
N TYR I 117 -2.86 23.00 -34.32
CA TYR I 117 -3.99 22.92 -35.21
C TYR I 117 -3.87 23.91 -36.36
N TYR I 118 -4.75 23.73 -37.34
CA TYR I 118 -4.82 24.58 -38.52
C TYR I 118 -6.25 24.50 -39.05
N LEU I 119 -6.71 25.61 -39.62
CA LEU I 119 -8.07 25.67 -40.16
C LEU I 119 -8.17 24.74 -41.36
N LYS I 120 -8.78 23.57 -41.17
CA LYS I 120 -8.95 22.59 -42.23
C LYS I 120 -10.24 22.81 -43.01
N TYR I 121 -11.38 22.76 -42.33
CA TYR I 121 -12.68 22.94 -42.95
C TYR I 121 -13.19 24.34 -42.65
N TRP I 122 -13.67 25.01 -43.69
CA TRP I 122 -14.17 26.38 -43.60
C TRP I 122 -15.62 26.44 -44.02
N GLY I 123 -16.40 27.24 -43.28
CA GLY I 123 -17.81 27.43 -43.59
C GLY I 123 -18.02 28.55 -44.58
N ARG I 124 -19.27 28.71 -44.99
CA ARG I 124 -19.63 29.76 -45.95
C ARG I 124 -19.76 31.06 -45.17
N GLY I 125 -18.68 31.84 -45.15
CA GLY I 125 -18.62 33.11 -44.44
C GLY I 125 -19.76 34.05 -44.74
N VAL I 126 -20.10 34.91 -43.77
CA VAL I 126 -21.16 35.89 -43.87
C VAL I 126 -20.54 37.28 -43.76
N LEU I 127 -21.00 38.19 -44.61
CA LEU I 127 -20.48 39.55 -44.61
C LEU I 127 -21.16 40.41 -43.55
N VAL I 128 -20.37 41.27 -42.93
CA VAL I 128 -20.84 42.19 -41.89
C VAL I 128 -20.26 43.56 -42.19
N THR I 129 -21.11 44.59 -42.19
CA THR I 129 -20.66 45.95 -42.47
C THR I 129 -21.51 46.93 -41.68
N VAL I 130 -20.94 48.10 -41.41
CA VAL I 130 -21.61 49.16 -40.67
C VAL I 130 -21.26 50.50 -41.30
N SER I 131 -22.27 51.36 -41.43
CA SER I 131 -22.08 52.68 -42.01
C SER I 131 -23.24 53.57 -41.56
N SER I 132 -22.99 54.88 -41.53
CA SER I 132 -23.99 55.84 -41.11
C SER I 132 -25.23 55.77 -42.01
N ASP J 1 3.69 41.45 -32.46
CA ASP J 1 3.80 39.97 -32.35
C ASP J 1 4.37 39.39 -33.65
N ILE J 2 4.46 38.06 -33.72
CA ILE J 2 5.00 37.40 -34.89
C ILE J 2 4.13 37.70 -36.11
N GLN J 3 4.79 38.01 -37.22
CA GLN J 3 4.12 38.32 -38.49
C GLN J 3 4.90 37.66 -39.62
N MET J 4 4.18 37.24 -40.65
CA MET J 4 4.76 36.57 -41.80
C MET J 4 5.01 37.54 -42.95
N THR J 5 5.86 37.09 -43.88
CA THR J 5 6.24 37.82 -45.08
C THR J 5 6.16 36.85 -46.24
N GLN J 6 5.33 37.16 -47.23
CA GLN J 6 5.12 36.31 -48.40
C GLN J 6 5.55 37.03 -49.66
N SER J 7 6.18 36.29 -50.58
CA SER J 7 6.65 36.83 -51.85
C SER J 7 6.69 35.70 -52.87
N PRO J 8 6.55 36.01 -54.17
CA PRO J 8 6.34 37.32 -54.81
C PRO J 8 4.91 37.81 -54.62
N SER J 9 4.67 39.12 -54.62
CA SER J 9 3.31 39.62 -54.43
C SER J 9 2.37 39.14 -55.53
N SER J 10 2.82 39.19 -56.79
CA SER J 10 2.01 38.75 -57.91
C SER J 10 2.93 38.35 -59.05
N LEU J 11 2.46 37.45 -59.89
CA LEU J 11 3.26 36.98 -61.02
C LEU J 11 2.34 36.34 -62.05
N SER J 12 2.83 36.26 -63.28
CA SER J 12 2.13 35.66 -64.40
C SER J 12 2.62 34.23 -64.58
N ALA J 13 1.81 33.41 -65.24
CA ALA J 13 2.19 32.02 -65.45
C ALA J 13 1.54 31.53 -66.74
N SER J 14 1.55 30.22 -66.92
CA SER J 14 0.92 29.61 -68.11
C SER J 14 0.52 28.20 -67.69
N VAL J 15 0.38 27.27 -68.64
CA VAL J 15 0.12 25.87 -68.22
C VAL J 15 1.47 25.14 -68.36
N GLY J 16 1.92 24.46 -67.30
CA GLY J 16 3.17 23.68 -67.40
C GLY J 16 4.31 24.39 -66.74
N ASP J 17 4.19 25.71 -66.50
CA ASP J 17 5.32 26.48 -65.93
C ASP J 17 5.36 26.25 -64.41
N LYS J 18 6.56 26.08 -63.85
CA LYS J 18 6.70 25.82 -62.39
C LYS J 18 6.84 27.16 -61.64
N VAL J 19 5.84 27.52 -60.83
CA VAL J 19 5.97 28.74 -59.98
C VAL J 19 6.16 28.28 -58.54
N THR J 20 6.92 29.04 -57.75
CA THR J 20 7.17 28.65 -56.36
C THR J 20 6.90 29.84 -55.47
N ILE J 21 5.88 29.74 -54.62
CA ILE J 21 5.63 30.85 -53.65
C ILE J 21 6.41 30.52 -52.38
N THR J 22 7.10 31.52 -51.82
CA THR J 22 7.86 31.34 -50.61
C THR J 22 7.56 32.46 -49.63
N CYS J 23 7.51 32.12 -48.34
CA CYS J 23 7.23 33.09 -47.28
C CYS J 23 8.22 32.93 -46.14
N GLN J 24 8.62 34.06 -45.58
CA GLN J 24 9.57 34.17 -44.48
C GLN J 24 8.83 34.46 -43.18
N ALA J 25 9.49 34.14 -42.06
CA ALA J 25 8.96 34.33 -40.72
C ALA J 25 9.97 35.08 -39.87
N SER J 26 9.48 36.06 -39.09
CA SER J 26 10.38 36.83 -38.25
C SER J 26 10.97 35.98 -37.13
N GLN J 27 10.18 35.10 -36.54
CA GLN J 27 10.62 34.23 -35.46
C GLN J 27 10.64 32.77 -35.95
N SER J 28 11.49 31.97 -35.31
CA SER J 28 11.59 30.56 -35.68
C SER J 28 10.32 29.83 -35.31
N ILE J 29 9.78 29.05 -36.25
CA ILE J 29 8.55 28.29 -36.04
C ILE J 29 8.77 26.83 -36.40
N SER J 30 10.04 26.40 -36.53
CA SER J 30 10.37 25.02 -36.86
C SER J 30 9.72 24.60 -38.18
N SER J 31 8.55 23.95 -38.14
CA SER J 31 7.87 23.51 -39.34
C SER J 31 6.36 23.66 -39.26
N TRP J 32 5.83 24.35 -38.26
CA TRP J 32 4.40 24.54 -38.11
C TRP J 32 3.95 25.67 -39.02
N LEU J 33 3.64 25.28 -40.27
CA LEU J 33 3.15 26.27 -41.28
C LEU J 33 2.32 25.52 -42.32
N ALA J 34 1.11 26.00 -42.59
CA ALA J 34 0.25 25.41 -43.62
C ALA J 34 -0.01 26.43 -44.73
N TRP J 35 -0.24 25.89 -45.94
CA TRP J 35 -0.51 26.69 -47.13
C TRP J 35 -1.98 26.56 -47.51
N TYR J 36 -2.53 27.61 -48.11
CA TYR J 36 -3.92 27.63 -48.52
C TYR J 36 -4.08 28.40 -49.83
N GLN J 37 -5.19 28.15 -50.50
CA GLN J 37 -5.57 28.82 -51.74
C GLN J 37 -7.04 29.16 -51.64
N GLN J 38 -7.45 30.20 -52.36
CA GLN J 38 -8.85 30.62 -52.32
C GLN J 38 -9.27 31.17 -53.67
N LYS J 39 -10.28 30.54 -54.26
CA LYS J 39 -10.81 30.98 -55.54
C LYS J 39 -11.73 32.18 -55.31
N PRO J 40 -11.97 32.99 -56.33
CA PRO J 40 -12.86 34.16 -56.14
C PRO J 40 -14.26 33.72 -55.77
N GLY J 41 -14.72 34.16 -54.60
CA GLY J 41 -16.05 33.82 -54.11
C GLY J 41 -16.15 32.50 -53.38
N LYS J 42 -15.05 31.77 -53.23
CA LYS J 42 -15.02 30.49 -52.55
C LYS J 42 -14.23 30.62 -51.25
N ALA J 43 -14.57 29.77 -50.28
CA ALA J 43 -13.88 29.81 -49.01
C ALA J 43 -12.48 29.20 -49.13
N PRO J 44 -11.52 29.63 -48.31
CA PRO J 44 -10.18 29.05 -48.40
C PRO J 44 -10.19 27.55 -48.10
N LYS J 45 -9.25 26.84 -48.71
CA LYS J 45 -9.10 25.40 -48.56
C LYS J 45 -7.67 25.04 -48.20
N PRO J 46 -7.45 23.91 -47.53
CA PRO J 46 -6.08 23.52 -47.18
C PRO J 46 -5.46 22.64 -48.25
N LEU J 47 -4.15 22.80 -48.41
CA LEU J 47 -3.37 22.05 -49.39
C LEU J 47 -2.15 21.39 -48.76
N ILE J 48 -1.50 22.06 -47.82
CA ILE J 48 -0.30 21.57 -47.15
C ILE J 48 -0.47 21.91 -45.67
N TYR J 49 -0.49 20.90 -44.80
CA TYR J 49 -0.68 21.16 -43.37
C TYR J 49 0.64 21.40 -42.64
N LYS J 50 1.66 20.58 -42.92
CA LYS J 50 2.97 20.73 -42.31
C LYS J 50 3.90 21.39 -43.32
N ALA J 51 5.09 21.79 -42.87
CA ALA J 51 6.02 22.45 -43.77
C ALA J 51 6.37 21.59 -44.98
N SER J 52 6.28 20.25 -44.86
CA SER J 52 6.60 19.37 -45.99
C SER J 52 5.67 18.15 -46.08
N SER J 53 4.41 18.28 -45.71
CA SER J 53 3.44 17.18 -45.75
C SER J 53 2.27 17.56 -46.65
N LEU J 54 1.80 16.63 -47.45
CA LEU J 54 0.69 16.88 -48.36
C LEU J 54 -0.65 16.64 -47.67
N GLU J 55 -1.67 17.36 -48.13
CA GLU J 55 -3.02 17.26 -47.61
C GLU J 55 -3.80 16.20 -48.37
N SER J 56 -4.60 15.43 -47.65
CA SER J 56 -5.40 14.39 -48.28
C SER J 56 -6.39 14.99 -49.28
N GLY J 57 -6.57 14.31 -50.40
CA GLY J 57 -7.48 14.73 -51.45
C GLY J 57 -6.85 15.59 -52.53
N VAL J 58 -5.89 16.43 -52.16
CA VAL J 58 -5.23 17.31 -53.14
C VAL J 58 -4.37 16.44 -54.05
N PRO J 59 -4.16 16.80 -55.31
CA PRO J 59 -3.31 15.96 -56.18
C PRO J 59 -1.88 15.87 -55.66
N SER J 60 -1.22 14.77 -56.01
CA SER J 60 0.16 14.55 -55.59
C SER J 60 1.12 15.57 -56.20
N ARG J 61 0.65 16.33 -57.20
CA ARG J 61 1.51 17.32 -57.90
C ARG J 61 2.01 18.39 -56.93
N PHE J 62 1.12 18.89 -56.08
CA PHE J 62 1.51 20.02 -55.19
C PHE J 62 2.61 19.59 -54.24
N SER J 63 3.45 20.54 -53.86
CA SER J 63 4.54 20.25 -52.88
C SER J 63 5.09 21.57 -52.36
N GLY J 64 6.12 21.51 -51.51
CA GLY J 64 6.72 22.72 -50.94
C GLY J 64 7.52 22.35 -49.72
N SER J 65 8.41 23.22 -49.26
CA SER J 65 9.27 22.81 -48.12
C SER J 65 9.84 24.04 -47.42
N GLY J 66 10.71 23.81 -46.44
CA GLY J 66 11.27 24.92 -45.68
C GLY J 66 11.26 24.60 -44.21
N SER J 67 12.02 25.34 -43.42
CA SER J 67 12.05 25.16 -41.95
C SER J 67 12.55 26.46 -41.34
N GLY J 68 12.56 26.55 -40.01
CA GLY J 68 12.93 27.86 -39.44
C GLY J 68 12.10 28.91 -40.12
N THR J 69 12.68 30.09 -40.36
CA THR J 69 11.88 31.18 -40.92
C THR J 69 11.55 30.94 -42.38
N ASP J 70 12.44 30.28 -43.12
CA ASP J 70 12.24 30.13 -44.59
C ASP J 70 11.28 29.00 -44.93
N PHE J 71 10.41 29.22 -45.93
CA PHE J 71 9.50 28.14 -46.37
C PHE J 71 9.11 28.40 -47.80
N THR J 72 8.83 27.34 -48.57
CA THR J 72 8.55 27.53 -50.01
C THR J 72 7.49 26.56 -50.48
N LEU J 73 6.81 26.89 -51.58
CA LEU J 73 5.75 26.02 -52.14
C LEU J 73 6.18 25.58 -53.54
N THR J 74 5.81 24.36 -53.97
CA THR J 74 6.29 23.86 -55.27
C THR J 74 5.13 23.64 -56.22
N ILE J 75 5.09 24.39 -57.32
CA ILE J 75 3.97 24.28 -58.31
C ILE J 75 4.55 24.02 -59.70
N SER J 76 3.80 23.32 -60.56
CA SER J 76 4.23 23.09 -61.98
C SER J 76 3.11 23.56 -62.92
N SER J 77 2.03 24.14 -62.36
CA SER J 77 0.89 24.65 -63.16
C SER J 77 0.52 23.64 -64.24
N LEU J 78 0.50 22.36 -63.91
CA LEU J 78 0.07 21.32 -64.89
C LEU J 78 -1.43 21.49 -65.15
N GLN J 79 -2.06 22.45 -64.45
CA GLN J 79 -3.52 22.57 -64.55
C GLN J 79 -3.92 24.03 -64.77
N PRO J 80 -5.12 24.28 -65.33
CA PRO J 80 -5.59 25.64 -65.47
C PRO J 80 -6.49 25.96 -64.31
N GLU J 81 -6.57 25.08 -63.33
CA GLU J 81 -7.54 25.33 -62.24
C GLU J 81 -6.81 25.58 -60.92
N ASP J 82 -5.68 26.29 -60.98
CA ASP J 82 -4.94 26.61 -59.74
C ASP J 82 -4.71 28.11 -59.72
N PHE J 83 -5.46 28.85 -60.53
CA PHE J 83 -5.19 30.31 -60.64
C PHE J 83 -6.04 31.08 -59.64
N ALA J 84 -5.50 31.29 -58.43
CA ALA J 84 -6.20 32.08 -57.39
C ALA J 84 -5.19 32.35 -56.28
N THR J 85 -5.58 33.09 -55.23
CA THR J 85 -4.59 33.47 -54.19
C THR J 85 -3.96 32.23 -53.58
N TYR J 86 -2.75 32.35 -53.04
CA TYR J 86 -2.13 31.21 -52.31
C TYR J 86 -1.59 31.77 -51.00
N TYR J 87 -2.36 31.64 -49.93
CA TYR J 87 -2.06 32.19 -48.61
C TYR J 87 -1.06 31.31 -47.85
N CYS J 88 -0.24 31.97 -47.03
CA CYS J 88 0.77 31.33 -46.19
C CYS J 88 0.45 31.69 -44.75
N GLN J 89 -0.10 30.74 -44.00
CA GLN J 89 -0.49 30.94 -42.60
C GLN J 89 0.33 30.05 -41.69
N GLN J 90 0.88 30.65 -40.63
CA GLN J 90 1.65 29.94 -39.63
C GLN J 90 0.80 29.75 -38.37
N TYR J 91 1.19 28.75 -37.57
CA TYR J 91 0.51 28.45 -36.32
C TYR J 91 1.59 28.25 -35.26
N ASN J 92 1.20 27.70 -34.11
CA ASN J 92 2.11 27.51 -32.98
C ASN J 92 2.44 28.85 -32.34
N SER J 93 1.43 29.74 -32.34
CA SER J 93 1.54 31.07 -31.77
C SER J 93 0.14 31.55 -31.44
N ALA J 94 0.06 32.47 -30.48
CA ALA J 94 -1.24 32.99 -30.07
C ALA J 94 -2.01 33.70 -31.18
N PRO J 95 -1.42 34.59 -32.00
CA PRO J 95 -2.23 35.26 -33.03
C PRO J 95 -2.55 34.46 -34.28
N PHE J 96 -1.72 33.49 -34.66
CA PHE J 96 -1.94 32.70 -35.87
C PHE J 96 -2.00 33.63 -37.08
N SER J 97 -0.94 34.42 -37.25
CA SER J 97 -0.88 35.39 -38.33
C SER J 97 -0.95 34.73 -39.71
N PHE J 98 -1.60 35.43 -40.65
CA PHE J 98 -1.75 35.01 -42.02
C PHE J 98 -0.78 35.79 -42.91
N GLY J 99 -0.67 35.35 -44.16
CA GLY J 99 0.18 36.00 -45.13
C GLY J 99 -0.57 37.05 -45.93
N GLN J 100 0.18 37.88 -46.63
CA GLN J 100 -0.43 38.93 -47.45
C GLN J 100 -1.12 38.38 -48.70
N GLY J 101 -0.92 37.11 -49.03
CA GLY J 101 -1.57 36.54 -50.20
C GLY J 101 -0.81 36.83 -51.48
N THR J 102 -0.86 35.87 -52.42
CA THR J 102 -0.19 36.00 -53.71
C THR J 102 -1.13 35.52 -54.80
N GLU J 103 -1.27 36.33 -55.84
CA GLU J 103 -2.14 36.05 -56.97
C GLU J 103 -1.30 35.61 -58.16
N VAL J 104 -1.77 34.57 -58.85
CA VAL J 104 -1.10 34.01 -60.02
C VAL J 104 -2.16 33.76 -61.09
N GLU J 105 -1.83 34.12 -62.34
CA GLU J 105 -2.76 33.93 -63.44
C GLU J 105 -1.98 33.78 -64.75
N ILE J 106 -2.71 33.43 -65.80
CA ILE J 106 -2.12 33.25 -67.12
C ILE J 106 -1.95 34.60 -67.79
N LYS J 107 -0.91 34.72 -68.61
CA LYS J 107 -0.62 35.96 -69.33
C LYS J 107 -1.80 36.38 -70.18
N GLU K 1 -33.05 37.46 13.44
CA GLU K 1 -33.26 37.12 12.00
C GLU K 1 -32.17 37.77 11.14
N VAL K 2 -32.13 37.40 9.86
CA VAL K 2 -31.14 37.93 8.93
C VAL K 2 -31.46 39.39 8.66
N GLN K 3 -30.43 40.23 8.65
CA GLN K 3 -30.54 41.66 8.38
C GLN K 3 -29.54 42.02 7.30
N LEU K 4 -30.05 42.57 6.19
CA LEU K 4 -29.23 42.95 5.05
C LEU K 4 -29.62 44.35 4.61
N VAL K 5 -28.62 45.22 4.43
CA VAL K 5 -28.85 46.60 4.00
C VAL K 5 -27.69 47.04 3.13
N GLU K 6 -27.99 47.96 2.19
CA GLU K 6 -27.00 48.49 1.28
C GLU K 6 -27.10 50.01 1.23
N SER K 7 -25.97 50.64 0.93
CA SER K 7 -25.86 52.09 0.85
C SER K 7 -24.80 52.42 -0.19
N GLY K 8 -24.45 53.71 -0.27
CA GLY K 8 -23.46 54.20 -1.19
C GLY K 8 -24.02 54.72 -2.51
N GLY K 9 -25.26 54.36 -2.84
CA GLY K 9 -25.85 54.82 -4.08
C GLY K 9 -26.28 56.28 -3.99
N GLY K 10 -26.42 56.90 -5.15
CA GLY K 10 -26.82 58.29 -5.19
C GLY K 10 -26.65 58.86 -6.59
N LEU K 11 -26.66 60.19 -6.65
CA LEU K 11 -26.51 60.88 -7.92
C LEU K 11 -25.07 60.83 -8.41
N ALA K 12 -24.91 60.46 -9.67
CA ALA K 12 -23.61 60.38 -10.34
C ALA K 12 -23.77 60.96 -11.73
N LYS K 13 -22.65 61.08 -12.46
CA LYS K 13 -22.68 61.64 -13.81
C LYS K 13 -22.40 60.56 -14.85
N PRO K 14 -22.90 60.71 -16.08
CA PRO K 14 -22.63 59.69 -17.10
C PRO K 14 -21.14 59.57 -17.40
N GLY K 15 -20.70 58.34 -17.64
CA GLY K 15 -19.31 58.08 -17.93
C GLY K 15 -18.37 58.20 -16.76
N GLY K 16 -18.88 58.44 -15.56
CA GLY K 16 -18.05 58.57 -14.38
C GLY K 16 -17.85 57.25 -13.66
N SER K 17 -17.82 57.30 -12.33
CA SER K 17 -17.64 56.09 -11.53
C SER K 17 -18.39 56.24 -10.22
N LEU K 18 -18.72 55.09 -9.63
CA LEU K 18 -19.45 55.05 -8.37
C LEU K 18 -19.18 53.69 -7.73
N ARG K 19 -19.44 53.60 -6.43
CA ARG K 19 -19.23 52.37 -5.68
C ARG K 19 -20.42 52.10 -4.78
N LEU K 20 -20.93 50.88 -4.82
CA LEU K 20 -22.05 50.45 -4.00
C LEU K 20 -21.52 49.54 -2.90
N SER K 21 -22.23 49.52 -1.76
CA SER K 21 -21.85 48.71 -0.63
C SER K 21 -23.07 48.02 -0.04
N CYS K 22 -22.85 46.86 0.55
CA CYS K 22 -23.94 46.09 1.15
C CYS K 22 -23.39 45.34 2.37
N ALA K 23 -23.97 45.62 3.53
CA ALA K 23 -23.57 45.00 4.79
C ALA K 23 -24.53 43.88 5.14
N ALA K 24 -23.99 42.85 5.78
CA ALA K 24 -24.75 41.67 6.20
C ALA K 24 -24.53 41.40 7.67
N SER K 25 -25.54 40.78 8.29
CA SER K 25 -25.48 40.44 9.71
C SER K 25 -26.53 39.37 9.99
N GLY K 26 -26.34 38.68 11.11
CA GLY K 26 -27.26 37.64 11.52
C GLY K 26 -27.01 36.28 10.91
N PHE K 27 -25.98 36.13 10.08
CA PHE K 27 -25.68 34.85 9.45
C PHE K 27 -24.22 34.84 9.04
N THR K 28 -23.72 33.66 8.70
CA THR K 28 -22.34 33.49 8.28
C THR K 28 -22.20 34.01 6.85
N PHE K 29 -21.71 35.25 6.72
CA PHE K 29 -21.54 35.85 5.40
C PHE K 29 -20.54 35.10 4.54
N SER K 30 -19.60 34.38 5.14
CA SER K 30 -18.59 33.64 4.40
C SER K 30 -19.08 32.27 3.94
N ASN K 31 -20.39 32.01 3.94
CA ASN K 31 -20.91 30.72 3.50
C ASN K 31 -22.18 30.89 2.66
N TYR K 32 -22.32 32.03 1.98
CA TYR K 32 -23.49 32.29 1.15
C TYR K 32 -23.12 33.17 -0.02
N TRP K 33 -23.59 32.79 -1.21
CA TRP K 33 -23.35 33.58 -2.40
C TRP K 33 -24.15 34.87 -2.34
N MET K 34 -23.72 35.86 -3.12
CA MET K 34 -24.38 37.16 -3.17
C MET K 34 -24.55 37.58 -4.63
N ASN K 35 -25.73 38.09 -4.95
CA ASN K 35 -26.06 38.53 -6.30
C ASN K 35 -26.64 39.94 -6.25
N TRP K 36 -26.40 40.70 -7.31
CA TRP K 36 -26.89 42.07 -7.45
C TRP K 36 -27.91 42.10 -8.57
N VAL K 37 -29.05 42.75 -8.31
CA VAL K 37 -30.13 42.88 -9.28
C VAL K 37 -30.62 44.32 -9.26
N ARG K 38 -31.22 44.74 -10.37
CA ARG K 38 -31.74 46.09 -10.52
C ARG K 38 -33.23 46.05 -10.84
N GLN K 39 -33.93 47.12 -10.42
CA GLN K 39 -35.37 47.27 -10.65
C GLN K 39 -35.55 48.64 -11.30
N THR K 40 -35.53 48.67 -12.62
CA THR K 40 -35.70 49.92 -13.33
C THR K 40 -37.16 50.34 -13.23
N PRO K 41 -37.47 51.64 -13.37
CA PRO K 41 -38.86 52.07 -13.25
C PRO K 41 -39.73 51.51 -14.36
N GLY K 42 -40.90 50.99 -13.97
CA GLY K 42 -41.86 50.44 -14.89
C GLY K 42 -41.72 48.97 -15.25
N LYS K 43 -40.73 48.63 -16.06
CA LYS K 43 -40.54 47.24 -16.48
C LYS K 43 -40.08 46.38 -15.30
N GLY K 44 -40.01 45.07 -15.55
CA GLY K 44 -39.63 44.09 -14.56
C GLY K 44 -38.21 44.19 -14.03
N LEU K 45 -37.85 43.22 -13.20
CA LEU K 45 -36.52 43.16 -12.60
C LEU K 45 -35.49 42.64 -13.61
N GLU K 46 -34.25 42.53 -13.15
CA GLU K 46 -33.17 42.05 -14.01
C GLU K 46 -31.91 41.74 -13.19
N TRP K 47 -31.31 40.58 -13.44
CA TRP K 47 -30.09 40.17 -12.77
C TRP K 47 -28.91 40.77 -13.51
N ILE K 48 -27.93 41.28 -12.75
CA ILE K 48 -26.77 41.92 -13.35
C ILE K 48 -25.43 41.37 -12.85
N SER K 49 -25.32 40.77 -11.67
CA SER K 49 -24.03 40.29 -11.23
C SER K 49 -24.19 39.24 -10.15
N GLY K 50 -23.10 38.51 -9.90
CA GLY K 50 -23.08 37.47 -8.89
C GLY K 50 -21.65 37.14 -8.52
N ILE K 51 -21.46 36.72 -7.27
CA ILE K 51 -20.15 36.36 -6.76
C ILE K 51 -20.32 35.17 -5.82
N ASN K 52 -19.26 34.37 -5.70
CA ASN K 52 -19.31 33.20 -4.84
C ASN K 52 -18.95 33.56 -3.40
N SER K 53 -18.99 32.55 -2.53
CA SER K 53 -18.65 32.78 -1.12
C SER K 53 -17.19 33.16 -0.97
N GLY K 54 -16.31 32.57 -1.78
CA GLY K 54 -14.90 32.85 -1.71
C GLY K 54 -14.46 34.16 -2.33
N GLY K 55 -15.35 34.86 -3.04
CA GLY K 55 -15.02 36.12 -3.67
C GLY K 55 -14.48 36.03 -5.08
N GLY K 56 -14.44 34.84 -5.68
CA GLY K 56 -13.96 34.65 -7.02
C GLY K 56 -15.06 34.23 -7.97
N SER K 57 -14.64 33.91 -9.20
CA SER K 57 -15.56 33.47 -10.25
C SER K 57 -16.71 34.46 -10.42
N ARG K 58 -16.38 35.74 -10.41
CA ARG K 58 -17.39 36.78 -10.54
C ARG K 58 -18.08 36.69 -11.89
N SER K 59 -19.41 36.76 -11.87
CA SER K 59 -20.24 36.69 -13.06
C SER K 59 -21.01 37.98 -13.24
N TYR K 60 -21.20 38.37 -14.50
CA TYR K 60 -21.93 39.59 -14.83
C TYR K 60 -22.78 39.33 -16.07
N ALA K 61 -23.74 40.22 -16.30
CA ALA K 61 -24.62 40.14 -17.44
C ALA K 61 -23.97 40.83 -18.63
N ASP K 62 -24.43 40.47 -19.83
CA ASP K 62 -23.88 41.07 -21.04
C ASP K 62 -24.08 42.58 -21.06
N SER K 63 -25.13 43.08 -20.41
CA SER K 63 -25.39 44.52 -20.36
C SER K 63 -24.45 45.27 -19.43
N VAL K 64 -23.71 44.58 -18.57
CA VAL K 64 -22.80 45.25 -17.63
C VAL K 64 -21.43 44.56 -17.63
N MET K 65 -21.16 43.77 -18.67
CA MET K 65 -19.88 43.06 -18.75
C MET K 65 -18.77 44.06 -19.11
N GLY K 66 -17.82 44.25 -18.19
CA GLY K 66 -16.72 45.15 -18.39
C GLY K 66 -16.87 46.52 -17.76
N ARG K 67 -18.07 46.88 -17.32
CA ARG K 67 -18.32 48.17 -16.69
C ARG K 67 -18.48 48.06 -15.18
N PHE K 68 -19.23 47.06 -14.71
CA PHE K 68 -19.47 46.87 -13.29
C PHE K 68 -18.59 45.74 -12.76
N ILE K 69 -17.91 46.01 -11.65
CA ILE K 69 -17.01 45.05 -11.00
C ILE K 69 -17.58 44.78 -9.62
N ILE K 70 -17.77 43.51 -9.30
CA ILE K 70 -18.32 43.08 -8.01
C ILE K 70 -17.17 42.65 -7.11
N SER K 71 -17.37 42.78 -5.80
CA SER K 71 -16.34 42.41 -4.84
C SER K 71 -16.98 42.28 -3.46
N ARG K 72 -16.35 41.47 -2.61
CA ARG K 72 -16.84 41.24 -1.26
C ARG K 72 -15.65 41.11 -0.31
N ASP K 73 -15.94 41.34 0.97
CA ASP K 73 -14.94 41.25 2.05
C ASP K 73 -15.55 40.38 3.14
N ASN K 74 -15.12 39.12 3.20
CA ASN K 74 -15.64 38.20 4.21
C ASN K 74 -15.25 38.64 5.61
N SER K 75 -14.08 39.26 5.78
CA SER K 75 -13.65 39.70 7.09
C SER K 75 -14.60 40.75 7.66
N LYS K 76 -15.01 41.71 6.84
CA LYS K 76 -15.92 42.76 7.26
C LYS K 76 -17.39 42.38 7.13
N ASN K 77 -17.70 41.24 6.51
CA ASN K 77 -19.08 40.81 6.32
C ASN K 77 -19.86 41.84 5.50
N THR K 78 -19.27 42.26 4.38
CA THR K 78 -19.86 43.25 3.50
C THR K 78 -19.64 42.84 2.05
N LEU K 79 -20.42 43.46 1.17
CA LEU K 79 -20.38 43.24 -0.26
C LEU K 79 -20.32 44.60 -0.94
N SER K 80 -19.68 44.65 -2.11
CA SER K 80 -19.54 45.90 -2.84
C SER K 80 -19.63 45.63 -4.33
N LEU K 81 -19.91 46.69 -5.08
CA LEU K 81 -20.03 46.62 -6.54
C LEU K 81 -19.54 47.93 -7.11
N GLN K 82 -18.36 47.91 -7.73
CA GLN K 82 -17.79 49.11 -8.32
C GLN K 82 -18.46 49.39 -9.66
N MET K 83 -18.81 50.66 -9.88
CA MET K 83 -19.45 51.12 -11.09
C MET K 83 -18.48 51.99 -11.88
N ASN K 84 -18.29 51.68 -13.16
CA ASN K 84 -17.39 52.42 -14.01
C ASN K 84 -18.06 52.68 -15.35
N SER K 85 -17.99 53.91 -15.84
CA SER K 85 -18.58 54.31 -17.11
C SER K 85 -20.08 54.05 -17.14
N LEU K 86 -20.78 54.52 -16.11
CA LEU K 86 -22.22 54.33 -16.05
C LEU K 86 -22.92 55.31 -17.00
N ARG K 87 -24.07 54.89 -17.51
CA ARG K 87 -24.85 55.64 -18.47
C ARG K 87 -26.23 55.98 -17.88
N ALA K 88 -27.03 56.68 -18.69
CA ALA K 88 -28.37 57.08 -18.26
C ALA K 88 -29.32 55.90 -18.17
N GLU K 89 -29.17 54.91 -19.05
CA GLU K 89 -30.06 53.75 -19.01
C GLU K 89 -29.89 52.92 -17.76
N ASP K 90 -28.79 53.16 -17.03
CA ASP K 90 -28.49 52.35 -15.81
C ASP K 90 -29.08 53.02 -14.58
N THR K 91 -30.40 53.16 -14.53
CA THR K 91 -31.04 53.73 -13.32
C THR K 91 -31.91 52.64 -12.72
N ALA K 92 -31.87 52.48 -11.39
CA ALA K 92 -32.65 51.42 -10.73
C ALA K 92 -32.43 51.43 -9.22
N VAL K 93 -33.25 50.67 -8.49
CA VAL K 93 -33.07 50.56 -7.03
C VAL K 93 -32.19 49.32 -6.80
N TYR K 94 -30.91 49.41 -7.17
CA TYR K 94 -30.05 48.19 -7.10
C TYR K 94 -30.31 47.48 -5.77
N TYR K 95 -30.76 46.22 -5.83
CA TYR K 95 -31.08 45.45 -4.64
C TYR K 95 -29.97 44.47 -4.33
N CYS K 96 -29.68 44.30 -3.03
CA CYS K 96 -28.67 43.39 -2.54
C CYS K 96 -29.42 42.15 -2.05
N ALA K 97 -29.13 41.00 -2.67
CA ALA K 97 -29.80 39.74 -2.34
C ALA K 97 -28.80 38.68 -1.94
N LYS K 98 -29.32 37.67 -1.24
CA LYS K 98 -28.55 36.52 -0.77
C LYS K 98 -29.27 35.25 -1.21
N VAL K 99 -28.47 34.22 -1.51
CA VAL K 99 -29.01 32.94 -1.93
C VAL K 99 -29.66 32.22 -0.75
N ASP K 100 -30.41 31.16 -1.06
CA ASP K 100 -31.12 30.40 -0.04
C ASP K 100 -30.22 29.41 0.70
N ASP K 101 -29.68 28.43 -0.01
CA ASP K 101 -28.84 27.41 0.60
C ASP K 101 -27.38 27.81 0.62
N ASP K 102 -26.68 27.35 1.66
CA ASP K 102 -25.26 27.64 1.80
C ASP K 102 -24.46 26.87 0.74
N ASP K 103 -23.17 27.22 0.64
CA ASP K 103 -22.30 26.58 -0.33
C ASP K 103 -21.84 25.19 0.06
N TYR K 104 -22.20 24.69 1.25
CA TYR K 104 -21.78 23.35 1.64
C TYR K 104 -22.38 22.30 0.73
N GLY K 105 -21.57 21.31 0.38
CA GLY K 105 -21.97 20.21 -0.47
C GLY K 105 -20.99 19.98 -1.61
N TYR K 106 -21.40 19.10 -2.52
CA TYR K 106 -20.57 18.78 -3.68
C TYR K 106 -20.41 19.99 -4.58
N PHE K 107 -19.29 20.04 -5.30
CA PHE K 107 -19.04 21.14 -6.21
C PHE K 107 -17.98 20.73 -7.23
N ASP K 108 -17.97 21.43 -8.37
CA ASP K 108 -17.01 21.13 -9.43
C ASP K 108 -15.67 21.83 -9.19
N THR K 109 -15.66 23.17 -9.21
CA THR K 109 -14.44 23.94 -9.00
C THR K 109 -14.63 25.05 -7.97
N VAL K 110 -15.78 25.71 -7.98
CA VAL K 110 -16.08 26.79 -7.04
C VAL K 110 -16.83 26.12 -5.90
N PRO K 111 -16.59 26.48 -4.62
CA PRO K 111 -17.30 25.80 -3.52
C PRO K 111 -18.81 25.77 -3.63
N GLY K 112 -19.44 26.84 -4.10
CA GLY K 112 -20.88 26.89 -4.21
C GLY K 112 -21.50 26.50 -5.53
N ASP K 113 -20.69 26.16 -6.54
CA ASP K 113 -21.24 25.79 -7.83
C ASP K 113 -21.91 24.41 -7.75
N LEU K 114 -22.54 24.02 -8.85
CA LEU K 114 -23.25 22.75 -9.02
C LEU K 114 -24.57 22.70 -8.25
N LYS K 115 -24.88 23.73 -7.47
CA LYS K 115 -26.12 23.80 -6.70
C LYS K 115 -26.96 24.96 -7.21
N LYS K 116 -28.27 24.75 -7.27
CA LYS K 116 -29.17 25.78 -7.76
C LYS K 116 -29.59 26.69 -6.61
N TYR K 117 -29.73 27.98 -6.92
CA TYR K 117 -30.08 28.99 -5.94
C TYR K 117 -31.17 29.91 -6.47
N TYR K 118 -31.71 30.71 -5.55
CA TYR K 118 -32.75 31.68 -5.86
C TYR K 118 -32.64 32.78 -4.80
N LEU K 119 -32.97 34.01 -5.20
CA LEU K 119 -32.89 35.15 -4.28
C LEU K 119 -33.98 34.99 -3.23
N LYS K 120 -33.57 34.58 -2.02
CA LYS K 120 -34.49 34.38 -0.91
C LYS K 120 -34.68 35.66 -0.09
N TYR K 121 -33.59 36.18 0.46
CA TYR K 121 -33.63 37.39 1.27
C TYR K 121 -33.13 38.57 0.45
N TRP K 122 -33.87 39.67 0.49
CA TRP K 122 -33.56 40.88 -0.26
C TRP K 122 -33.33 42.06 0.69
N GLY K 123 -32.34 42.88 0.37
CA GLY K 123 -32.03 44.05 1.17
C GLY K 123 -32.84 45.25 0.70
N ARG K 124 -32.71 46.35 1.44
CA ARG K 124 -33.41 47.59 1.11
C ARG K 124 -32.63 48.28 0.00
N GLY K 125 -33.03 48.04 -1.24
CA GLY K 125 -32.38 48.62 -2.40
C GLY K 125 -32.17 50.12 -2.35
N VAL K 126 -31.12 50.58 -3.04
CA VAL K 126 -30.77 52.00 -3.11
C VAL K 126 -30.88 52.44 -4.55
N LEU K 127 -31.46 53.63 -4.76
CA LEU K 127 -31.64 54.17 -6.09
C LEU K 127 -30.38 54.86 -6.59
N VAL K 128 -30.11 54.69 -7.88
CA VAL K 128 -28.96 55.29 -8.55
C VAL K 128 -29.44 55.88 -9.85
N THR K 129 -29.08 57.14 -10.12
CA THR K 129 -29.48 57.81 -11.33
C THR K 129 -28.39 58.79 -11.76
N VAL K 130 -28.36 59.09 -13.06
CA VAL K 130 -27.38 60.00 -13.64
C VAL K 130 -28.07 60.85 -14.70
N SER K 131 -27.77 62.14 -14.71
CA SER K 131 -28.35 63.08 -15.67
C SER K 131 -27.44 64.29 -15.75
N SER K 132 -27.50 64.97 -16.90
CA SER K 132 -26.69 66.17 -17.11
C SER K 132 -27.00 67.25 -16.08
N ASP L 1 -30.29 35.04 -25.26
CA ASP L 1 -30.28 33.96 -24.24
C ASP L 1 -31.71 33.59 -23.83
N ILE L 2 -31.83 32.69 -22.86
CA ILE L 2 -33.14 32.25 -22.39
C ILE L 2 -33.90 33.43 -21.79
N GLN L 3 -35.18 33.54 -22.14
CA GLN L 3 -36.05 34.60 -21.64
C GLN L 3 -37.41 34.00 -21.34
N MET L 4 -38.07 34.54 -20.33
CA MET L 4 -39.37 34.07 -19.88
C MET L 4 -40.51 34.90 -20.47
N THR L 5 -41.71 34.32 -20.42
CA THR L 5 -42.94 34.93 -20.89
C THR L 5 -43.99 34.71 -19.82
N GLN L 6 -44.55 35.80 -19.30
CA GLN L 6 -45.56 35.75 -18.24
C GLN L 6 -46.88 36.33 -18.74
N SER L 7 -47.97 35.71 -18.31
CA SER L 7 -49.31 36.14 -18.69
C SER L 7 -50.29 35.71 -17.60
N PRO L 8 -51.41 36.42 -17.42
CA PRO L 8 -51.88 37.62 -18.13
C PRO L 8 -51.12 38.86 -17.66
N SER L 9 -51.00 39.89 -18.51
CA SER L 9 -50.27 41.09 -18.12
C SER L 9 -50.90 41.75 -16.90
N SER L 10 -52.23 41.89 -16.90
CA SER L 10 -52.93 42.51 -15.79
C SER L 10 -54.35 41.97 -15.77
N LEU L 11 -54.96 41.97 -14.58
CA LEU L 11 -56.32 41.48 -14.42
C LEU L 11 -56.90 42.01 -13.12
N SER L 12 -58.23 42.01 -13.06
CA SER L 12 -58.98 42.45 -11.90
C SER L 12 -59.37 41.23 -11.08
N ALA L 13 -59.66 41.46 -9.80
CA ALA L 13 -60.04 40.36 -8.92
C ALA L 13 -60.96 40.90 -7.83
N SER L 14 -61.16 40.08 -6.81
CA SER L 14 -62.00 40.50 -5.66
C SER L 14 -61.49 39.69 -4.46
N VAL L 15 -62.31 39.49 -3.44
CA VAL L 15 -61.86 38.60 -2.34
C VAL L 15 -62.54 37.25 -2.57
N GLY L 16 -61.78 36.16 -2.59
CA GLY L 16 -62.39 34.84 -2.74
C GLY L 16 -62.22 34.30 -4.15
N ASP L 17 -61.94 35.18 -5.11
CA ASP L 17 -61.85 34.73 -6.53
C ASP L 17 -60.49 34.07 -6.76
N LYS L 18 -60.47 32.95 -7.51
CA LYS L 18 -59.20 32.24 -7.77
C LYS L 18 -58.54 32.77 -9.05
N VAL L 19 -57.39 33.43 -8.92
CA VAL L 19 -56.64 33.88 -10.13
C VAL L 19 -55.41 32.99 -10.26
N THR L 20 -54.98 32.73 -11.49
CA THR L 20 -53.82 31.85 -11.70
C THR L 20 -52.86 32.52 -12.66
N ILE L 21 -51.69 32.90 -12.18
CA ILE L 21 -50.68 33.49 -13.10
C ILE L 21 -49.84 32.33 -13.66
N THR L 22 -49.59 32.34 -14.97
CA THR L 22 -48.78 31.32 -15.60
C THR L 22 -47.74 31.95 -16.51
N CYS L 23 -46.55 31.35 -16.54
CA CYS L 23 -45.46 31.84 -17.38
C CYS L 23 -44.82 30.69 -18.14
N GLN L 24 -44.44 30.98 -19.38
CA GLN L 24 -43.82 30.05 -20.32
C GLN L 24 -42.33 30.33 -20.41
N ALA L 25 -41.58 29.32 -20.85
CA ALA L 25 -40.14 29.38 -21.01
C ALA L 25 -39.75 28.92 -22.41
N SER L 26 -38.82 29.64 -23.04
CA SER L 26 -38.40 29.28 -24.38
C SER L 26 -37.64 27.96 -24.38
N GLN L 27 -36.78 27.73 -23.39
CA GLN L 27 -36.00 26.51 -23.27
C GLN L 27 -36.49 25.71 -22.07
N SER L 28 -36.26 24.39 -22.13
CA SER L 28 -36.67 23.51 -21.05
C SER L 28 -35.83 23.79 -19.81
N ILE L 29 -36.50 23.93 -18.66
CA ILE L 29 -35.82 24.21 -17.40
C ILE L 29 -36.27 23.21 -16.34
N SER L 30 -36.90 22.12 -16.75
CA SER L 30 -37.38 21.08 -15.83
C SER L 30 -38.33 21.67 -14.79
N SER L 31 -37.82 22.01 -13.60
CA SER L 31 -38.66 22.57 -12.54
C SER L 31 -37.97 23.68 -11.76
N TRP L 32 -36.82 24.18 -12.22
CA TRP L 32 -36.09 25.24 -11.52
C TRP L 32 -36.73 26.58 -11.87
N LEU L 33 -37.75 26.93 -11.08
CA LEU L 33 -38.46 28.22 -11.27
C LEU L 33 -39.09 28.65 -9.94
N ALA L 34 -38.83 29.86 -9.49
CA ALA L 34 -39.44 30.40 -8.28
C ALA L 34 -40.33 31.59 -8.60
N TRP L 35 -41.34 31.79 -7.76
CA TRP L 35 -42.31 32.87 -7.90
C TRP L 35 -42.06 33.91 -6.81
N TYR L 36 -42.36 35.17 -7.12
CA TYR L 36 -42.19 36.26 -6.18
C TYR L 36 -43.29 37.30 -6.34
N GLN L 37 -43.46 38.11 -5.29
CA GLN L 37 -44.43 39.20 -5.26
C GLN L 37 -43.73 40.39 -4.64
N GLN L 38 -44.20 41.59 -4.99
CA GLN L 38 -43.59 42.81 -4.48
C GLN L 38 -44.64 43.88 -4.29
N LYS L 39 -44.79 44.35 -3.06
CA LYS L 39 -45.73 45.41 -2.74
C LYS L 39 -45.13 46.75 -3.15
N PRO L 40 -45.94 47.77 -3.36
CA PRO L 40 -45.38 49.08 -3.74
C PRO L 40 -44.48 49.64 -2.66
N GLY L 41 -43.22 49.87 -3.00
CA GLY L 41 -42.24 50.40 -2.07
C GLY L 41 -41.56 49.37 -1.20
N LYS L 42 -41.88 48.09 -1.36
CA LYS L 42 -41.30 47.01 -0.58
C LYS L 42 -40.43 46.15 -1.48
N ALA L 43 -39.43 45.50 -0.88
CA ALA L 43 -38.54 44.66 -1.65
C ALA L 43 -39.23 43.34 -2.00
N PRO L 44 -38.86 42.71 -3.12
CA PRO L 44 -39.50 41.43 -3.47
C PRO L 44 -39.26 40.37 -2.42
N LYS L 45 -40.21 39.45 -2.29
CA LYS L 45 -40.15 38.36 -1.34
C LYS L 45 -40.42 37.03 -2.03
N PRO L 46 -39.92 35.92 -1.49
CA PRO L 46 -40.16 34.61 -2.10
C PRO L 46 -41.41 33.94 -1.55
N LEU L 47 -42.08 33.21 -2.43
CA LEU L 47 -43.31 32.48 -2.09
C LEU L 47 -43.26 31.03 -2.49
N ILE L 48 -42.63 30.73 -3.63
CA ILE L 48 -42.51 29.37 -4.16
C ILE L 48 -41.09 29.24 -4.68
N TYR L 49 -40.32 28.30 -4.13
CA TYR L 49 -38.92 28.16 -4.57
C TYR L 49 -38.79 27.18 -5.73
N LYS L 50 -39.47 26.03 -5.67
CA LYS L 50 -39.44 25.04 -6.73
C LYS L 50 -40.72 25.16 -7.53
N ALA L 51 -40.78 24.48 -8.67
CA ALA L 51 -41.98 24.55 -9.51
C ALA L 51 -43.24 24.14 -8.76
N SER L 52 -43.12 23.28 -7.73
CA SER L 52 -44.29 22.85 -6.98
C SER L 52 -44.03 22.70 -5.49
N SER L 53 -43.18 23.54 -4.90
CA SER L 53 -42.86 23.48 -3.47
C SER L 53 -43.18 24.82 -2.83
N LEU L 54 -43.76 24.77 -1.63
CA LEU L 54 -44.12 25.99 -0.92
C LEU L 54 -42.96 26.53 -0.10
N GLU L 55 -42.95 27.85 0.09
CA GLU L 55 -41.92 28.54 0.85
C GLU L 55 -42.33 28.62 2.32
N SER L 56 -41.36 28.44 3.21
CA SER L 56 -41.63 28.49 4.64
C SER L 56 -42.12 29.88 5.03
N GLY L 57 -43.10 29.92 5.95
CA GLY L 57 -43.68 31.14 6.44
C GLY L 57 -44.90 31.63 5.68
N VAL L 58 -44.94 31.41 4.37
CA VAL L 58 -46.08 31.84 3.56
C VAL L 58 -47.28 30.98 3.92
N PRO L 59 -48.52 31.47 3.83
CA PRO L 59 -49.66 30.62 4.18
C PRO L 59 -49.77 29.42 3.25
N SER L 60 -50.39 28.35 3.76
CA SER L 60 -50.57 27.13 2.98
C SER L 60 -51.49 27.33 1.78
N ARG L 61 -52.20 28.47 1.75
CA ARG L 61 -53.17 28.76 0.66
C ARG L 61 -52.46 28.82 -0.69
N PHE L 62 -51.32 29.48 -0.75
CA PHE L 62 -50.63 29.67 -2.06
C PHE L 62 -50.22 28.34 -2.64
N SER L 63 -50.19 28.27 -3.96
CA SER L 63 -49.75 27.02 -4.65
C SER L 63 -49.47 27.34 -6.12
N GLY L 64 -49.11 26.33 -6.90
CA GLY L 64 -48.80 26.54 -8.32
C GLY L 64 -48.02 25.36 -8.85
N SER L 65 -47.95 25.17 -10.15
CA SER L 65 -47.26 23.96 -10.66
C SER L 65 -46.83 24.16 -12.10
N GLY L 66 -46.29 23.10 -12.70
CA GLY L 66 -45.80 23.21 -14.08
C GLY L 66 -44.46 22.53 -14.21
N SER L 67 -44.03 22.25 -15.43
CA SER L 67 -42.71 21.63 -15.67
C SER L 67 -42.32 21.95 -17.11
N GLY L 68 -41.11 21.59 -17.52
CA GLY L 68 -40.70 22.01 -18.87
C GLY L 68 -40.98 23.48 -18.99
N THR L 69 -41.40 23.94 -20.16
CA THR L 69 -41.56 25.39 -20.36
C THR L 69 -42.77 25.91 -19.62
N ASP L 70 -43.82 25.10 -19.47
CA ASP L 70 -45.09 25.60 -18.87
C ASP L 70 -45.03 25.64 -17.35
N PHE L 71 -45.59 26.68 -16.73
CA PHE L 71 -45.64 26.75 -15.26
C PHE L 71 -46.79 27.64 -14.85
N THR L 72 -47.40 27.38 -13.69
CA THR L 72 -48.60 28.15 -13.30
C THR L 72 -48.61 28.38 -11.81
N LEU L 73 -49.34 29.41 -11.37
CA LEU L 73 -49.45 29.75 -9.92
C LEU L 73 -50.91 29.60 -9.49
N THR L 74 -51.17 29.21 -8.24
CA THR L 74 -52.57 28.96 -7.83
C THR L 74 -52.96 29.91 -6.72
N ILE L 75 -53.94 30.78 -6.99
CA ILE L 75 -54.39 31.78 -5.98
C ILE L 75 -55.91 31.65 -5.78
N SER L 76 -56.41 31.99 -4.58
CA SER L 76 -57.87 31.99 -4.32
C SER L 76 -58.27 33.36 -3.75
N SER L 77 -57.32 34.30 -3.68
CA SER L 77 -57.57 35.67 -3.15
C SER L 77 -58.44 35.61 -1.89
N LEU L 78 -58.14 34.67 -1.00
CA LEU L 78 -58.89 34.61 0.28
C LEU L 78 -58.51 35.81 1.13
N GLN L 79 -57.60 36.65 0.62
CA GLN L 79 -57.09 37.77 1.43
C GLN L 79 -57.11 39.06 0.64
N PRO L 80 -57.13 40.23 1.31
CA PRO L 80 -57.03 41.48 0.61
C PRO L 80 -55.59 41.95 0.62
N GLU L 81 -54.69 41.10 1.09
CA GLU L 81 -53.29 41.59 1.22
C GLU L 81 -52.39 40.84 0.25
N ASP L 82 -52.87 40.55 -0.96
CA ASP L 82 -52.03 39.86 -1.95
C ASP L 82 -52.08 40.68 -3.24
N PHE L 83 -52.51 41.94 -3.13
CA PHE L 83 -52.69 42.75 -4.37
C PHE L 83 -51.41 43.51 -4.68
N ALA L 84 -50.52 42.91 -5.47
CA ALA L 84 -49.27 43.57 -5.91
C ALA L 84 -48.66 42.70 -7.01
N THR L 85 -47.53 43.12 -7.60
CA THR L 85 -46.97 42.36 -8.74
C THR L 85 -46.68 40.93 -8.34
N TYR L 86 -46.69 40.00 -9.31
CA TYR L 86 -46.30 38.60 -9.01
C TYR L 86 -45.31 38.19 -10.08
N TYR L 87 -44.01 38.28 -9.79
CA TYR L 87 -42.92 38.01 -10.72
C TYR L 87 -42.65 36.52 -10.86
N CYS L 88 -42.22 36.12 -12.06
CA CYS L 88 -41.87 34.75 -12.40
C CYS L 88 -40.42 34.74 -12.85
N GLN L 89 -39.53 34.25 -11.98
CA GLN L 89 -38.09 34.21 -12.26
C GLN L 89 -37.60 32.77 -12.30
N GLN L 90 -36.85 32.46 -13.35
CA GLN L 90 -36.26 31.15 -13.54
C GLN L 90 -34.77 31.20 -13.20
N TYR L 91 -34.22 30.03 -12.89
CA TYR L 91 -32.81 29.90 -12.57
C TYR L 91 -32.29 28.69 -13.34
N ASN L 92 -31.08 28.22 -12.98
CA ASN L 92 -30.42 27.11 -13.67
C ASN L 92 -29.93 27.59 -15.04
N SER L 93 -29.52 28.84 -15.09
CA SER L 93 -29.02 29.46 -16.32
C SER L 93 -28.13 30.63 -15.90
N ALA L 94 -27.21 30.99 -16.79
CA ALA L 94 -26.29 32.09 -16.50
C ALA L 94 -26.97 33.43 -16.28
N PRO L 95 -27.95 33.87 -17.11
CA PRO L 95 -28.55 35.19 -16.87
C PRO L 95 -29.59 35.28 -15.75
N PHE L 96 -30.28 34.20 -15.43
CA PHE L 96 -31.32 34.22 -14.39
C PHE L 96 -32.38 35.26 -14.76
N SER L 97 -32.95 35.11 -15.95
CA SER L 97 -33.95 36.05 -16.44
C SER L 97 -35.18 36.11 -15.56
N PHE L 98 -35.76 37.29 -15.46
CA PHE L 98 -36.97 37.57 -14.70
C PHE L 98 -38.16 37.69 -15.65
N GLY L 99 -39.35 37.73 -15.06
CA GLY L 99 -40.56 37.89 -15.83
C GLY L 99 -40.97 39.34 -15.96
N GLN L 100 -41.91 39.60 -16.87
CA GLN L 100 -42.38 40.96 -17.08
C GLN L 100 -43.26 41.47 -15.94
N GLY L 101 -43.66 40.61 -15.02
CA GLY L 101 -44.48 41.04 -13.90
C GLY L 101 -45.96 41.12 -14.24
N THR L 102 -46.81 40.83 -13.26
CA THR L 102 -48.25 40.87 -13.44
C THR L 102 -48.88 41.54 -12.23
N GLU L 103 -49.77 42.50 -12.50
CA GLU L 103 -50.44 43.27 -11.47
C GLU L 103 -51.89 42.79 -11.35
N VAL L 104 -52.34 42.64 -10.11
CA VAL L 104 -53.70 42.19 -9.79
C VAL L 104 -54.26 43.08 -8.70
N GLU L 105 -55.52 43.50 -8.85
CA GLU L 105 -56.16 44.36 -7.87
C GLU L 105 -57.67 44.14 -7.90
N ILE L 106 -58.34 44.74 -6.93
CA ILE L 106 -59.79 44.64 -6.80
C ILE L 106 -60.44 45.62 -7.77
N LYS L 107 -61.62 45.26 -8.28
CA LYS L 107 -62.36 46.10 -9.21
C LYS L 107 -62.64 47.46 -8.59
#